data_8HG5
#
_entry.id   8HG5
#
_cell.length_a   1.00
_cell.length_b   1.00
_cell.length_c   1.00
_cell.angle_alpha   90.00
_cell.angle_beta   90.00
_cell.angle_gamma   90.00
#
_symmetry.space_group_name_H-M   'P 1'
#
loop_
_entity.id
_entity.type
_entity.pdbx_description
1 polymer 'Chlorophyll a-b binding protein, chloroplastic'
2 polymer 'Chlorophyll a-b binding protein, chloroplastic'
3 non-polymer 'CHLOROPHYLL A'
4 non-polymer 'CHLOROPHYLL B'
5 non-polymer 'Chlorophyll c2'
6 non-polymer (1~{S})-3,5,5-trimethyl-4-[(3~{E},5~{E},7~{E},9~{E},11~{E},13~{E},15~{E},17~{E})-3,7,12,16-tetramethyl-18-[(1~{R},4~{R})-2,6,6-trimethyl-4-oxidanyl-cyclohex-2-en-1-yl]octadeca-3,5,7,9,11,13,15,17-octaenyl]cyclohex-3-en-1-ol
7 non-polymer (1R,3R)-6-{(3E,5E,7E,9E,11E,13E,15E,17E)-18-[(1S,4R,6R)-4-HYDROXY-2,2,6-TRIMETHYL-7-OXABICYCLO[4.1.0]HEPT-1-YL]-3,7,12,16-TETRAMETHYLOCTADECA-1,3,5,7,9,11,13,15,17-NONAENYLIDENE}-1,5,5-TRIMETHYLCYCLOHEXANE-1,3-DIOL
8 non-polymer (3~{E},5~{E},7~{E},9~{E},11~{E},13~{E},15~{E},17~{E})-1-[(1~{S},4~{S})-2,2-dimethyl-6-methylidene-1,4-bis(oxidanyl)cyclohexyl]-3,7,12,16-tetramethyl-18-[(1~{R},4~{R})-2,6,6-trimethyl-4-oxidanyl-cyclohex-2-en-1-yl]octadeca-3,5,7,9,11,13,15,17-octaen-2-one
#
loop_
_entity_poly.entity_id
_entity_poly.type
_entity_poly.pdbx_seq_one_letter_code
_entity_poly.pdbx_strand_id
1 'polypeptide(L)'
;MSALLASSFVSRVAAFKAQKVQNKSVSTTVKADIYPEFGTYPGGGESPIIPFGSEKNAEREVIHGRWAMLGVTGAWAAEN
GTGIPWFTAGTLCTPDDCTAVADKFPGAVAPLAPEGSGYPSFWNVLIIEIVLVGAAEAYRTGISDSPFDDGLTVGDVNPG
GRFDPLGLAESGDLEELKIKELKHCRLSMFAWLGCIFQALATQEGPIANWQSHVADPVHSNVLTNAAKGFGFY
;
P,R
2 'polypeptide(L)'
;(ACE)RR(TPO)KASVPAKRSAFKANKFGSLAPPDLYPEFGTYPGGGESPVIPFGSEKNAEREIIHGRWAMLGVTGAWAA
ENGTGIPWFTAGTLCTPDDCTAVADKFPGAVAPLAPAGSGYPNFWAVLAIEIFLVGSAECYRTGLFENPFPELTQGDVTP
GGRFDPLGFAEAGDLEELKIKELKHSRLAMFAWLGCIMQALATQEGPIANWTAHVADPIHANVLTNAAKGFKFY
;
Q
#
loop_
_chem_comp.id
_chem_comp.type
_chem_comp.name
_chem_comp.formula
ACE non-polymer 'ACETYL GROUP' 'C2 H4 O'
CHL non-polymer 'CHLOROPHYLL B' 'C55 H70 Mg N4 O6 2'
CLA non-polymer 'CHLOROPHYLL A' 'C55 H72 Mg N4 O5'
IWJ non-polymer (3~{E},5~{E},7~{E},9~{E},11~{E},13~{E},15~{E},17~{E})-1-[(1~{S},4~{S})-2,2-dimethyl-6-methylidene-1,4-bis(oxidanyl)cyclohexyl]-3,7,12,16-tetramethyl-18-[(1~{R},4~{R})-2,6,6-trimethyl-4-oxidanyl-cyclohex-2-en-1-yl]octadeca-3,5,7,9,11,13,15,17-octaen-2-one 'C40 H56 O4'
KC2 non-polymer 'Chlorophyll c2' 'C35 H28 Mg N4 O5'
NEX non-polymer (1R,3R)-6-{(3E,5E,7E,9E,11E,13E,15E,17E)-18-[(1S,4R,6R)-4-HYDROXY-2,2,6-TRIMETHYL-7-OXABICYCLO[4.1.0]HEPT-1-YL]-3,7,12,16-TETRAMETHYLOCTADECA-1,3,5,7,9,11,13,15,17-NONAENYLIDENE}-1,5,5-TRIMETHYLCYCLOHEXANE-1,3-DIOL 'C40 H56 O4'
Q6L non-polymer (1~{S})-3,5,5-trimethyl-4-[(3~{E},5~{E},7~{E},9~{E},11~{E},13~{E},15~{E},17~{E})-3,7,12,16-tetramethyl-18-[(1~{R},4~{R})-2,6,6-trimethyl-4-oxidanyl-cyclohex-2-en-1-yl]octadeca-3,5,7,9,11,13,15,17-octaenyl]cyclohex-3-en-1-ol 'C40 H58 O2'
#
# COMPACT_ATOMS: atom_id res chain seq x y z
N ASP A 33 -26.89 12.98 17.81
CA ASP A 33 -26.60 14.40 17.76
C ASP A 33 -26.29 14.81 16.30
N ILE A 34 -25.31 15.70 16.07
CA ILE A 34 -24.93 16.08 14.73
C ILE A 34 -24.35 14.90 13.98
N TYR A 35 -23.42 14.18 14.60
CA TYR A 35 -22.68 13.07 13.98
C TYR A 35 -22.68 11.90 14.95
N PRO A 36 -23.84 11.25 15.17
CA PRO A 36 -23.88 10.14 16.13
C PRO A 36 -23.07 8.93 15.74
N GLU A 37 -22.72 8.78 14.46
CA GLU A 37 -22.01 7.60 14.00
C GLU A 37 -20.54 7.68 14.43
N PHE A 38 -19.76 6.71 13.98
CA PHE A 38 -18.33 6.72 14.27
C PHE A 38 -17.66 7.91 13.60
N GLY A 39 -16.71 8.52 14.31
CA GLY A 39 -15.98 9.64 13.79
C GLY A 39 -16.74 10.94 13.91
N THR A 40 -16.21 11.95 13.23
CA THR A 40 -16.76 13.30 13.35
C THR A 40 -16.38 14.12 12.13
N TYR A 41 -17.12 15.20 11.91
CA TYR A 41 -16.83 16.13 10.83
C TYR A 41 -15.64 17.00 11.23
N PRO A 42 -15.06 17.76 10.28
CA PRO A 42 -13.79 18.47 10.57
C PRO A 42 -13.82 19.40 11.77
N GLY A 43 -14.92 20.10 12.03
CA GLY A 43 -15.03 20.96 13.19
C GLY A 43 -15.48 20.31 14.47
N GLY A 44 -15.91 19.04 14.42
CA GLY A 44 -16.52 18.45 15.60
C GLY A 44 -15.54 18.09 16.69
N GLY A 45 -14.39 17.56 16.31
CA GLY A 45 -13.40 17.17 17.31
C GLY A 45 -12.26 16.40 16.67
N GLU A 46 -11.44 15.81 17.53
CA GLU A 46 -10.26 15.10 17.05
C GLU A 46 -10.67 13.85 16.28
N SER A 47 -9.94 13.55 15.22
CA SER A 47 -10.23 12.37 14.44
C SER A 47 -9.89 11.12 15.25
N PRO A 48 -10.73 10.05 15.19
CA PRO A 48 -10.37 8.85 15.97
C PRO A 48 -9.13 8.13 15.44
N ILE A 49 -9.04 7.93 14.13
CA ILE A 49 -8.08 6.97 13.56
C ILE A 49 -6.89 7.70 12.94
N ILE A 50 -7.11 8.50 11.89
CA ILE A 50 -6.03 9.24 11.22
C ILE A 50 -6.06 10.67 11.75
N PRO A 51 -4.94 11.24 12.25
CA PRO A 51 -4.97 12.63 12.71
C PRO A 51 -5.27 13.62 11.59
N PHE A 52 -5.97 14.71 11.97
CA PHE A 52 -6.54 15.65 10.99
C PHE A 52 -5.48 16.28 10.10
N GLY A 53 -4.36 16.69 10.68
CA GLY A 53 -3.27 17.21 9.88
C GLY A 53 -3.65 18.51 9.19
N SER A 54 -3.41 18.56 7.88
CA SER A 54 -3.63 19.79 7.14
C SER A 54 -5.11 20.10 7.01
N GLU A 55 -5.42 21.40 6.99
CA GLU A 55 -6.79 21.84 6.79
C GLU A 55 -7.30 21.49 5.40
N LYS A 56 -6.41 21.45 4.40
CA LYS A 56 -6.84 21.14 3.03
C LYS A 56 -7.45 19.74 2.92
N ASN A 57 -7.16 18.84 3.86
CA ASN A 57 -7.70 17.48 3.84
C ASN A 57 -9.22 17.47 3.82
N ALA A 58 -9.86 18.39 4.57
CA ALA A 58 -11.33 18.51 4.53
C ALA A 58 -11.81 18.84 3.12
N GLU A 59 -11.09 19.73 2.45
CA GLU A 59 -11.50 20.13 1.10
C GLU A 59 -11.36 18.96 0.15
N ARG A 60 -10.26 18.22 0.28
CA ARG A 60 -10.06 17.01 -0.53
C ARG A 60 -11.14 15.99 -0.25
N GLU A 61 -11.53 15.86 1.02
CA GLU A 61 -12.57 14.91 1.40
C GLU A 61 -13.88 15.26 0.72
N VAL A 62 -14.22 16.55 0.69
CA VAL A 62 -15.48 16.92 0.06
C VAL A 62 -15.42 16.68 -1.44
N ILE A 63 -14.33 17.09 -2.09
CA ILE A 63 -14.25 16.97 -3.55
C ILE A 63 -14.25 15.50 -3.96
N HIS A 64 -13.44 14.70 -3.27
CA HIS A 64 -13.42 13.25 -3.52
C HIS A 64 -14.80 12.66 -3.29
N GLY A 65 -15.47 13.10 -2.21
CA GLY A 65 -16.81 12.63 -1.94
C GLY A 65 -17.76 12.92 -3.07
N ARG A 66 -17.75 14.15 -3.56
CA ARG A 66 -18.67 14.53 -4.63
C ARG A 66 -18.37 13.75 -5.91
N TRP A 67 -17.10 13.55 -6.20
CA TRP A 67 -16.76 12.74 -7.37
C TRP A 67 -17.20 11.29 -7.19
N ALA A 68 -17.10 10.78 -5.97
CA ALA A 68 -17.57 9.41 -5.71
C ALA A 68 -19.08 9.30 -5.79
N MET A 69 -19.80 10.34 -5.34
CA MET A 69 -21.25 10.38 -5.53
C MET A 69 -21.59 10.23 -6.98
N LEU A 70 -20.93 11.03 -7.82
CA LEU A 70 -21.17 10.97 -9.26
C LEU A 70 -20.80 9.59 -9.80
N GLY A 71 -19.66 9.05 -9.36
CA GLY A 71 -19.19 7.78 -9.89
C GLY A 71 -20.08 6.62 -9.52
N VAL A 72 -20.44 6.51 -8.23
CA VAL A 72 -21.31 5.43 -7.78
C VAL A 72 -22.68 5.54 -8.43
N THR A 73 -23.23 6.77 -8.51
CA THR A 73 -24.53 6.94 -9.13
C THR A 73 -24.49 6.54 -10.59
N GLY A 74 -23.43 6.92 -11.30
CA GLY A 74 -23.29 6.53 -12.70
C GLY A 74 -23.15 5.03 -12.87
N ALA A 75 -22.33 4.39 -12.02
CA ALA A 75 -22.13 2.96 -12.12
C ALA A 75 -23.45 2.22 -11.88
N TRP A 76 -24.22 2.67 -10.88
CA TRP A 76 -25.53 2.10 -10.63
C TRP A 76 -26.42 2.29 -11.85
N ALA A 77 -26.58 3.53 -12.30
CA ALA A 77 -27.60 3.83 -13.29
C ALA A 77 -27.29 3.16 -14.63
N ALA A 78 -26.02 3.18 -15.03
CA ALA A 78 -25.62 2.51 -16.26
C ALA A 78 -25.84 1.00 -16.16
N GLU A 79 -25.52 0.39 -15.01
CA GLU A 79 -25.74 -1.04 -14.91
C GLU A 79 -27.23 -1.38 -14.84
N ASN A 80 -28.04 -0.52 -14.25
CA ASN A 80 -29.47 -0.83 -14.14
C ASN A 80 -30.19 -0.63 -15.47
N GLY A 81 -29.90 0.46 -16.16
CA GLY A 81 -30.57 0.76 -17.41
C GLY A 81 -30.08 -0.08 -18.56
N THR A 82 -28.76 -0.25 -18.66
CA THR A 82 -28.14 -0.97 -19.77
C THR A 82 -27.70 -2.37 -19.38
N GLY A 83 -26.92 -2.53 -18.31
CA GLY A 83 -26.40 -3.82 -17.89
C GLY A 83 -24.93 -4.04 -18.10
N ILE A 84 -24.19 -3.08 -18.65
CA ILE A 84 -22.75 -3.26 -18.87
C ILE A 84 -22.10 -2.97 -17.52
N PRO A 85 -21.03 -3.65 -17.13
CA PRO A 85 -20.28 -3.18 -15.96
C PRO A 85 -19.55 -1.87 -16.23
N TRP A 86 -19.49 -1.05 -15.16
CA TRP A 86 -18.86 0.27 -15.28
C TRP A 86 -17.38 0.14 -15.59
N PHE A 87 -16.72 -0.88 -15.05
CA PHE A 87 -15.27 -1.01 -15.23
C PHE A 87 -14.92 -1.38 -16.67
N THR A 88 -15.73 -2.24 -17.32
CA THR A 88 -15.51 -2.54 -18.73
C THR A 88 -16.01 -1.45 -19.65
N ALA A 89 -16.78 -0.47 -19.14
CA ALA A 89 -17.23 0.62 -20.01
C ALA A 89 -16.08 1.40 -20.65
N GLY A 90 -14.88 1.34 -20.06
CA GLY A 90 -13.72 1.95 -20.68
C GLY A 90 -13.37 1.36 -22.03
N THR A 91 -13.48 0.04 -22.17
CA THR A 91 -13.13 -0.60 -23.42
C THR A 91 -14.17 -0.32 -24.51
N LEU A 92 -15.38 0.10 -24.12
CA LEU A 92 -16.49 0.20 -25.06
C LEU A 92 -16.34 1.37 -26.02
N CYS A 93 -15.67 2.43 -25.58
CA CYS A 93 -15.32 3.59 -26.41
C CYS A 93 -13.81 3.59 -26.54
N THR A 94 -13.31 3.59 -27.77
CA THR A 94 -11.90 3.38 -28.09
C THR A 94 -11.66 4.06 -29.42
N PRO A 95 -10.43 4.53 -29.73
CA PRO A 95 -10.25 5.24 -31.01
C PRO A 95 -10.39 4.35 -32.24
N ASP A 96 -10.43 3.04 -32.07
CA ASP A 96 -10.86 2.16 -33.16
C ASP A 96 -12.33 2.36 -33.48
N ASP A 97 -13.17 2.59 -32.46
CA ASP A 97 -14.63 2.73 -32.62
C ASP A 97 -15.18 3.29 -31.33
N CYS A 98 -15.98 4.33 -31.41
CA CYS A 98 -16.77 4.81 -30.28
C CYS A 98 -18.19 5.14 -30.73
N THR A 99 -18.84 4.15 -31.35
CA THR A 99 -20.24 4.22 -31.71
C THR A 99 -21.13 3.31 -30.90
N ALA A 100 -20.56 2.32 -30.23
CA ALA A 100 -21.33 1.52 -29.31
C ALA A 100 -21.89 2.37 -28.18
N VAL A 101 -21.17 3.42 -27.76
CA VAL A 101 -21.71 4.32 -26.75
C VAL A 101 -22.96 5.00 -27.26
N ALA A 102 -22.98 5.35 -28.55
CA ALA A 102 -24.12 6.06 -29.10
C ALA A 102 -25.33 5.14 -29.11
N ASP A 103 -26.49 5.74 -28.82
CA ASP A 103 -27.80 5.09 -28.76
C ASP A 103 -27.97 4.15 -27.57
N LYS A 104 -26.96 4.00 -26.70
CA LYS A 104 -27.03 3.12 -25.54
C LYS A 104 -27.47 3.88 -24.30
N PHE A 105 -28.60 4.57 -24.45
CA PHE A 105 -29.20 5.39 -23.44
C PHE A 105 -30.65 4.97 -23.25
N PRO A 106 -31.13 4.70 -22.03
CA PRO A 106 -32.51 4.20 -21.89
C PRO A 106 -33.55 5.23 -22.33
N GLY A 107 -34.50 4.77 -23.13
CA GLY A 107 -35.56 5.63 -23.63
C GLY A 107 -35.08 6.80 -24.46
N ALA A 108 -33.93 6.66 -25.11
CA ALA A 108 -33.33 7.76 -25.84
C ALA A 108 -34.17 8.08 -27.08
N VAL A 109 -34.92 9.18 -27.02
CA VAL A 109 -35.68 9.59 -28.20
C VAL A 109 -34.74 10.05 -29.30
N ALA A 110 -33.66 10.75 -28.93
CA ALA A 110 -32.77 11.40 -29.88
C ALA A 110 -31.46 10.60 -29.97
N PRO A 111 -31.07 10.03 -31.12
CA PRO A 111 -29.81 9.28 -31.18
C PRO A 111 -28.58 10.15 -30.91
N LEU A 112 -27.58 9.53 -30.29
CA LEU A 112 -26.37 10.29 -29.97
C LEU A 112 -25.57 10.66 -31.21
N ALA A 113 -25.65 9.86 -32.25
CA ALA A 113 -24.86 10.00 -33.45
C ALA A 113 -25.80 10.18 -34.63
N PRO A 114 -25.29 10.58 -35.80
CA PRO A 114 -26.07 10.33 -37.02
C PRO A 114 -26.12 8.83 -37.26
N GLU A 115 -26.78 8.39 -38.33
CA GLU A 115 -26.60 7.00 -38.76
C GLU A 115 -25.13 6.70 -38.99
N GLY A 116 -24.38 7.69 -39.49
CA GLY A 116 -22.96 7.51 -39.70
C GLY A 116 -22.23 7.23 -38.41
N SER A 117 -21.54 6.10 -38.37
CA SER A 117 -20.67 5.72 -37.27
C SER A 117 -19.42 6.57 -37.21
N GLY A 118 -19.02 7.19 -38.32
CA GLY A 118 -17.76 7.90 -38.38
C GLY A 118 -17.77 9.18 -37.55
N TYR A 119 -18.88 9.92 -37.56
CA TYR A 119 -18.94 11.20 -36.86
C TYR A 119 -18.63 11.09 -35.37
N PRO A 120 -19.27 10.21 -34.60
CA PRO A 120 -18.83 10.00 -33.22
C PRO A 120 -17.44 9.37 -33.19
N SER A 121 -16.59 9.88 -32.30
CA SER A 121 -15.22 9.36 -32.18
C SER A 121 -14.73 9.47 -30.75
N PHE A 122 -13.84 8.54 -30.41
CA PHE A 122 -13.25 8.49 -29.08
C PHE A 122 -12.40 9.72 -28.80
N TRP A 123 -11.66 10.18 -29.81
CA TRP A 123 -10.85 11.37 -29.61
C TRP A 123 -11.71 12.62 -29.63
N ASN A 124 -12.79 12.62 -30.42
CA ASN A 124 -13.74 13.73 -30.38
C ASN A 124 -14.32 13.90 -28.96
N VAL A 125 -14.68 12.80 -28.30
CA VAL A 125 -15.21 12.95 -26.94
C VAL A 125 -14.08 13.33 -25.98
N LEU A 126 -12.88 12.77 -26.19
CA LEU A 126 -11.74 13.02 -25.31
C LEU A 126 -11.28 14.47 -25.33
N ILE A 127 -11.18 15.09 -26.51
CA ILE A 127 -10.66 16.45 -26.59
C ILE A 127 -11.60 17.42 -25.88
N ILE A 128 -12.91 17.28 -26.12
CA ILE A 128 -13.84 18.24 -25.55
C ILE A 128 -13.93 18.01 -24.03
N GLU A 129 -13.87 16.75 -23.60
CA GLU A 129 -13.91 16.54 -22.15
C GLU A 129 -12.63 17.02 -21.49
N ILE A 130 -11.46 16.91 -22.16
CA ILE A 130 -10.23 17.44 -21.59
C ILE A 130 -10.35 18.94 -21.39
N VAL A 131 -10.75 19.66 -22.44
CA VAL A 131 -10.79 21.12 -22.34
C VAL A 131 -11.84 21.56 -21.32
N LEU A 132 -13.01 20.90 -21.32
CA LEU A 132 -14.07 21.30 -20.39
C LEU A 132 -13.68 21.02 -18.94
N VAL A 133 -13.18 19.82 -18.64
CA VAL A 133 -12.83 19.48 -17.26
C VAL A 133 -11.61 20.28 -16.82
N GLY A 134 -10.65 20.49 -17.72
CA GLY A 134 -9.48 21.28 -17.35
C GLY A 134 -9.85 22.70 -17.00
N ALA A 135 -10.76 23.29 -17.79
CA ALA A 135 -11.25 24.62 -17.46
C ALA A 135 -12.00 24.62 -16.13
N ALA A 136 -12.88 23.63 -15.91
CA ALA A 136 -13.64 23.58 -14.65
C ALA A 136 -12.73 23.44 -13.45
N GLU A 137 -11.73 22.56 -13.54
CA GLU A 137 -10.79 22.36 -12.45
C GLU A 137 -9.94 23.60 -12.20
N ALA A 138 -9.41 24.20 -13.26
CA ALA A 138 -8.56 25.37 -13.12
C ALA A 138 -9.34 26.54 -12.53
N TYR A 139 -10.58 26.71 -12.95
CA TYR A 139 -11.40 27.76 -12.36
C TYR A 139 -11.71 27.46 -10.90
N ARG A 140 -11.94 26.18 -10.56
CA ARG A 140 -12.26 25.85 -9.17
C ARG A 140 -11.10 26.07 -8.23
N THR A 141 -9.89 25.90 -8.71
CA THR A 141 -8.71 25.97 -7.85
C THR A 141 -7.95 27.29 -7.96
N GLY A 142 -8.10 28.02 -9.06
CA GLY A 142 -7.41 29.28 -9.27
C GLY A 142 -6.14 29.24 -10.11
N ILE A 143 -5.92 28.18 -10.90
CA ILE A 143 -4.80 28.18 -11.85
C ILE A 143 -5.06 29.25 -12.90
N SER A 144 -6.33 29.39 -13.30
CA SER A 144 -6.79 30.46 -14.16
C SER A 144 -7.96 31.15 -13.47
N ASP A 145 -8.11 32.44 -13.76
CA ASP A 145 -9.08 33.27 -13.07
C ASP A 145 -10.51 32.79 -13.36
N SER A 146 -11.41 33.15 -12.45
CA SER A 146 -12.79 32.73 -12.57
C SER A 146 -13.45 33.47 -13.74
N PRO A 147 -14.01 32.77 -14.74
CA PRO A 147 -14.76 33.50 -15.76
C PRO A 147 -16.08 34.01 -15.24
N PHE A 148 -16.62 33.33 -14.23
CA PHE A 148 -17.88 33.72 -13.63
C PHE A 148 -17.82 35.13 -13.05
N ASP A 149 -16.65 35.54 -12.53
CA ASP A 149 -16.47 36.86 -11.94
C ASP A 149 -17.36 37.07 -10.72
N ASP A 150 -17.64 35.99 -9.99
CA ASP A 150 -18.53 35.98 -8.85
C ASP A 150 -17.68 35.92 -7.58
N GLY A 151 -18.34 36.07 -6.42
CA GLY A 151 -17.69 35.95 -5.11
C GLY A 151 -17.17 34.56 -4.77
N LEU A 152 -17.44 33.57 -5.62
CA LEU A 152 -16.92 32.22 -5.47
C LEU A 152 -15.40 32.26 -5.36
N THR A 153 -14.89 31.59 -4.34
CA THR A 153 -13.50 31.77 -3.89
C THR A 153 -12.72 30.50 -4.16
N VAL A 154 -11.54 30.63 -4.74
CA VAL A 154 -10.72 29.46 -5.04
C VAL A 154 -10.21 28.82 -3.77
N GLY A 155 -9.73 27.59 -3.87
CA GLY A 155 -9.27 26.89 -2.69
C GLY A 155 -10.42 26.74 -1.71
N ASP A 156 -11.64 26.74 -2.22
CA ASP A 156 -12.81 26.61 -1.36
C ASP A 156 -13.79 25.61 -1.93
N VAL A 157 -14.56 24.97 -1.06
CA VAL A 157 -15.54 23.99 -1.51
C VAL A 157 -16.94 24.57 -1.40
N ASN A 158 -17.81 24.22 -2.35
CA ASN A 158 -19.19 24.72 -2.35
C ASN A 158 -19.31 26.16 -1.89
N PRO A 159 -18.84 27.11 -2.71
CA PRO A 159 -18.99 28.52 -2.36
C PRO A 159 -20.46 28.91 -2.27
N GLY A 160 -21.27 28.42 -3.19
CA GLY A 160 -22.69 28.70 -3.15
C GLY A 160 -23.06 30.06 -3.72
N GLY A 161 -22.10 30.73 -4.33
CA GLY A 161 -22.38 32.02 -4.94
C GLY A 161 -23.31 31.89 -6.12
N ARG A 162 -23.09 30.86 -6.94
CA ARG A 162 -23.91 30.66 -8.12
C ARG A 162 -24.28 29.19 -8.32
N PHE A 163 -23.56 28.29 -7.65
CA PHE A 163 -23.80 26.86 -7.83
C PHE A 163 -25.17 26.41 -7.33
N ASP A 164 -25.82 27.23 -6.52
CA ASP A 164 -27.13 26.88 -6.00
C ASP A 164 -28.22 27.85 -6.50
N PRO A 165 -28.72 27.63 -7.73
CA PRO A 165 -29.73 28.52 -8.30
C PRO A 165 -30.96 28.65 -7.43
N LEU A 166 -31.18 27.72 -6.50
CA LEU A 166 -32.25 27.75 -5.52
C LEU A 166 -31.65 27.98 -4.15
N GLY A 167 -32.26 28.88 -3.39
CA GLY A 167 -31.67 29.31 -2.15
C GLY A 167 -31.98 28.44 -0.96
N LEU A 168 -32.22 27.13 -1.16
CA LEU A 168 -32.49 26.26 -0.02
C LEU A 168 -31.27 26.07 0.88
N ALA A 169 -30.08 26.38 0.39
CA ALA A 169 -28.89 26.42 1.24
C ALA A 169 -29.07 27.39 2.40
N GLU A 170 -29.30 28.65 2.07
CA GLU A 170 -29.48 29.71 3.06
C GLU A 170 -30.86 29.65 3.72
N SER A 171 -31.89 29.24 2.98
CA SER A 171 -33.22 29.12 3.55
C SER A 171 -33.26 27.99 4.58
N GLY A 172 -32.76 26.81 4.21
CA GLY A 172 -32.62 25.72 5.13
C GLY A 172 -31.38 25.87 5.98
N ASP A 173 -31.21 24.92 6.88
CA ASP A 173 -30.07 24.92 7.78
C ASP A 173 -28.83 24.56 6.97
N LEU A 174 -27.99 25.57 6.68
CA LEU A 174 -26.81 25.35 5.85
C LEU A 174 -25.84 24.39 6.51
N GLU A 175 -25.65 24.49 7.83
CA GLU A 175 -24.75 23.57 8.53
C GLU A 175 -25.28 22.14 8.52
N GLU A 176 -26.60 21.97 8.76
CA GLU A 176 -27.18 20.64 8.68
C GLU A 176 -27.01 20.07 7.28
N LEU A 177 -27.24 20.89 6.26
CA LEU A 177 -27.09 20.38 4.90
C LEU A 177 -25.64 20.06 4.59
N LYS A 178 -24.70 20.81 5.16
CA LYS A 178 -23.28 20.48 4.96
C LYS A 178 -22.90 19.16 5.61
N ILE A 179 -23.35 18.92 6.84
CA ILE A 179 -23.03 17.64 7.48
C ILE A 179 -23.70 16.50 6.75
N LYS A 180 -24.91 16.72 6.22
CA LYS A 180 -25.57 15.70 5.42
C LYS A 180 -24.77 15.40 4.17
N GLU A 181 -24.30 16.45 3.50
CA GLU A 181 -23.46 16.29 2.32
C GLU A 181 -22.22 15.47 2.66
N LEU A 182 -21.57 15.78 3.78
CA LEU A 182 -20.35 15.07 4.15
C LEU A 182 -20.65 13.61 4.49
N LYS A 183 -21.77 13.34 5.16
CA LYS A 183 -22.10 11.95 5.44
C LYS A 183 -22.33 11.18 4.15
N HIS A 184 -23.01 11.81 3.19
CA HIS A 184 -23.17 11.18 1.87
C HIS A 184 -21.83 11.06 1.14
N CYS A 185 -20.91 12.02 1.34
CA CYS A 185 -19.57 11.94 0.75
C CYS A 185 -18.86 10.69 1.22
N ARG A 186 -18.84 10.48 2.53
CA ARG A 186 -18.12 9.35 3.10
C ARG A 186 -18.79 8.04 2.73
N LEU A 187 -20.13 8.02 2.71
CA LEU A 187 -20.85 6.82 2.29
C LEU A 187 -20.55 6.48 0.83
N SER A 188 -20.61 7.48 -0.05
CA SER A 188 -20.40 7.22 -1.48
C SER A 188 -18.98 6.76 -1.75
N MET A 189 -18.00 7.34 -1.07
CA MET A 189 -16.62 6.92 -1.27
C MET A 189 -16.37 5.52 -0.75
N PHE A 190 -16.88 5.21 0.44
CA PHE A 190 -16.73 3.86 0.97
C PHE A 190 -17.41 2.85 0.06
N ALA A 191 -18.57 3.22 -0.49
CA ALA A 191 -19.26 2.35 -1.42
C ALA A 191 -18.49 2.20 -2.72
N TRP A 192 -17.84 3.27 -3.19
CA TRP A 192 -17.03 3.16 -4.41
C TRP A 192 -15.84 2.25 -4.20
N LEU A 193 -15.21 2.35 -3.03
CA LEU A 193 -14.12 1.45 -2.68
C LEU A 193 -14.60 0.00 -2.67
N GLY A 194 -15.76 -0.23 -2.07
CA GLY A 194 -16.36 -1.56 -2.12
C GLY A 194 -16.66 -2.01 -3.52
N CYS A 195 -17.12 -1.10 -4.37
CA CYS A 195 -17.44 -1.43 -5.75
C CYS A 195 -16.19 -1.86 -6.51
N ILE A 196 -15.08 -1.15 -6.32
CA ILE A 196 -13.88 -1.50 -7.06
C ILE A 196 -13.32 -2.83 -6.59
N PHE A 197 -13.38 -3.11 -5.27
CA PHE A 197 -12.90 -4.40 -4.80
C PHE A 197 -13.83 -5.53 -5.18
N GLN A 198 -15.12 -5.26 -5.26
CA GLN A 198 -16.03 -6.25 -5.81
C GLN A 198 -15.77 -6.51 -7.28
N ALA A 199 -15.46 -5.47 -8.04
CA ALA A 199 -15.11 -5.66 -9.44
C ALA A 199 -13.85 -6.49 -9.58
N LEU A 200 -12.88 -6.24 -8.70
CA LEU A 200 -11.64 -7.02 -8.73
C LEU A 200 -11.90 -8.48 -8.35
N ALA A 201 -12.81 -8.73 -7.41
CA ALA A 201 -13.09 -10.10 -6.94
C ALA A 201 -14.16 -10.80 -7.78
N THR A 202 -15.37 -10.25 -7.77
CA THR A 202 -16.54 -10.86 -8.40
C THR A 202 -16.50 -10.72 -9.90
N GLN A 203 -16.08 -9.57 -10.41
CA GLN A 203 -15.91 -9.34 -11.84
C GLN A 203 -17.24 -9.42 -12.59
N GLU A 204 -18.32 -9.06 -11.89
CA GLU A 204 -19.68 -9.18 -12.39
C GLU A 204 -20.41 -7.84 -12.42
N GLY A 205 -20.03 -6.89 -11.55
CA GLY A 205 -20.60 -5.57 -11.51
C GLY A 205 -21.18 -5.26 -10.13
N PRO A 206 -21.24 -3.98 -9.73
CA PRO A 206 -21.81 -3.67 -8.40
C PRO A 206 -23.27 -4.02 -8.26
N ILE A 207 -24.10 -3.52 -9.18
CA ILE A 207 -25.52 -3.78 -9.08
C ILE A 207 -25.77 -5.26 -9.28
N ALA A 208 -25.07 -5.92 -10.20
CA ALA A 208 -25.23 -7.36 -10.39
C ALA A 208 -24.85 -8.15 -9.13
N ASN A 209 -23.84 -7.68 -8.39
CA ASN A 209 -23.52 -8.27 -7.10
C ASN A 209 -24.64 -8.06 -6.09
N TRP A 210 -25.25 -6.86 -6.10
CA TRP A 210 -26.45 -6.63 -5.28
C TRP A 210 -27.52 -7.67 -5.60
N GLN A 211 -27.77 -7.89 -6.90
CA GLN A 211 -28.85 -8.80 -7.30
C GLN A 211 -28.55 -10.21 -6.81
N SER A 212 -27.28 -10.62 -6.93
CA SER A 212 -26.89 -11.95 -6.46
C SER A 212 -27.08 -12.06 -4.95
N HIS A 213 -26.73 -10.99 -4.21
CA HIS A 213 -26.86 -11.02 -2.76
C HIS A 213 -28.31 -11.19 -2.35
N VAL A 214 -29.21 -10.40 -2.91
CA VAL A 214 -30.61 -10.53 -2.48
C VAL A 214 -31.21 -11.85 -2.96
N ALA A 215 -30.76 -12.36 -4.10
CA ALA A 215 -31.33 -13.60 -4.62
C ALA A 215 -31.02 -14.74 -3.69
N ASP A 216 -29.81 -14.74 -3.12
CA ASP A 216 -29.41 -15.75 -2.14
C ASP A 216 -28.54 -15.07 -1.09
N PRO A 217 -29.14 -14.50 -0.04
CA PRO A 217 -28.33 -13.77 0.96
C PRO A 217 -27.27 -14.59 1.65
N VAL A 218 -27.48 -15.89 1.83
CA VAL A 218 -26.61 -16.73 2.65
C VAL A 218 -25.59 -17.48 1.79
N HIS A 219 -25.97 -17.92 0.58
CA HIS A 219 -25.03 -18.59 -0.34
C HIS A 219 -24.34 -17.63 -1.29
N SER A 220 -24.52 -16.31 -1.15
CA SER A 220 -23.88 -15.34 -2.03
C SER A 220 -23.48 -14.14 -1.17
N ASN A 221 -22.22 -14.13 -0.76
CA ASN A 221 -21.64 -13.06 0.04
C ASN A 221 -20.13 -13.14 -0.14
N VAL A 222 -19.40 -12.35 0.66
CA VAL A 222 -17.94 -12.34 0.61
C VAL A 222 -17.40 -13.71 0.90
N LEU A 223 -17.91 -14.31 1.95
CA LEU A 223 -17.29 -15.51 2.50
C LEU A 223 -17.51 -16.69 1.58
N THR A 224 -18.68 -16.74 0.96
CA THR A 224 -18.90 -17.74 -0.05
C THR A 224 -17.98 -17.50 -1.25
N ASN A 225 -17.85 -16.26 -1.72
CA ASN A 225 -16.99 -16.01 -2.87
C ASN A 225 -15.53 -16.30 -2.55
N ALA A 226 -15.12 -16.04 -1.31
CA ALA A 226 -13.78 -16.40 -0.86
C ALA A 226 -13.59 -17.91 -0.87
N ALA A 227 -14.62 -18.67 -0.46
CA ALA A 227 -14.57 -20.12 -0.59
C ALA A 227 -14.40 -20.54 -2.05
N LYS A 228 -15.05 -19.81 -2.97
CA LYS A 228 -14.81 -20.05 -4.40
C LYS A 228 -13.45 -19.54 -4.85
N GLY A 229 -12.79 -18.68 -4.08
CA GLY A 229 -11.45 -18.21 -4.36
C GLY A 229 -11.37 -16.95 -5.18
N PHE A 230 -12.49 -16.25 -5.40
CA PHE A 230 -12.54 -15.03 -6.21
C PHE A 230 -12.05 -15.27 -7.65
N GLY A 231 -12.19 -16.48 -8.16
CA GLY A 231 -11.79 -16.81 -9.50
C GLY A 231 -10.30 -16.99 -9.71
N PHE A 232 -9.48 -16.90 -8.64
CA PHE A 232 -8.04 -17.00 -8.72
C PHE A 232 -7.45 -18.10 -7.85
N TYR A 233 -8.19 -18.61 -6.88
CA TYR A 233 -7.71 -19.63 -5.94
C TYR A 233 -8.57 -20.88 -6.02
C ACE B 1 63.82 2.94 11.15
O ACE B 1 63.83 3.54 10.08
CH3 ACE B 1 64.87 1.90 11.35
N ARG B 2 62.56 2.95 11.70
CA ARG B 2 61.47 3.87 11.37
C ARG B 2 61.56 5.16 12.16
N ARG B 3 61.65 6.24 11.40
CA ARG B 3 61.59 7.60 11.92
C ARG B 3 60.34 8.27 11.36
N TPO B 4 59.94 9.37 11.99
CA TPO B 4 58.78 10.13 11.57
CB TPO B 4 58.15 10.84 12.75
CG2 TPO B 4 56.90 11.65 12.37
OG1 TPO B 4 57.80 9.81 13.69
P TPO B 4 58.01 10.17 15.26
O1P TPO B 4 58.88 11.50 15.57
O2P TPO B 4 56.69 10.33 15.90
O3P TPO B 4 58.78 8.92 15.94
C TPO B 4 59.18 11.14 10.50
O TPO B 4 59.90 12.11 10.78
N LYS B 5 58.69 10.93 9.29
CA LYS B 5 58.95 11.84 8.19
C LYS B 5 58.00 13.03 8.27
N ALA B 6 56.69 12.75 8.14
CA ALA B 6 55.64 13.77 8.25
C ALA B 6 55.85 14.92 7.27
N SER B 7 56.24 14.58 6.04
CA SER B 7 56.49 15.58 5.01
C SER B 7 55.16 16.12 4.49
N VAL B 8 55.24 16.99 3.49
CA VAL B 8 54.08 17.63 2.89
C VAL B 8 53.68 16.79 1.67
N PRO B 9 52.48 16.19 1.62
CA PRO B 9 52.09 15.49 0.38
C PRO B 9 51.94 16.42 -0.81
N ALA B 10 51.16 17.50 -0.66
CA ALA B 10 50.94 18.49 -1.72
C ALA B 10 50.39 17.87 -3.00
N LYS B 11 49.52 16.88 -2.84
CA LYS B 11 48.89 16.21 -3.96
C LYS B 11 47.59 16.91 -4.32
N ARG B 12 47.29 16.96 -5.61
CA ARG B 12 46.06 17.51 -6.14
C ARG B 12 45.21 16.39 -6.72
N SER B 13 43.91 16.64 -6.81
CA SER B 13 43.00 15.65 -7.35
C SER B 13 43.37 15.36 -8.79
N ALA B 14 43.20 14.09 -9.19
CA ALA B 14 43.41 13.72 -10.59
C ALA B 14 42.53 14.56 -11.49
N PHE B 15 41.28 14.71 -11.08
CA PHE B 15 40.36 15.66 -11.65
C PHE B 15 39.78 16.43 -10.48
N LYS B 16 39.74 17.76 -10.63
CA LYS B 16 39.14 18.59 -9.62
C LYS B 16 38.35 19.64 -10.39
N ALA B 17 37.04 19.49 -10.44
CA ALA B 17 36.21 20.40 -11.23
C ALA B 17 36.44 21.85 -10.83
N ASN B 18 36.72 22.70 -11.81
CA ASN B 18 36.90 24.11 -11.52
C ASN B 18 35.55 24.75 -11.25
N LYS B 19 35.56 25.87 -10.53
CA LYS B 19 34.30 26.54 -10.18
C LYS B 19 33.43 26.72 -11.41
N PHE B 20 32.23 26.15 -11.40
CA PHE B 20 31.30 26.34 -12.51
C PHE B 20 30.00 26.98 -12.04
N GLY B 21 29.84 27.12 -10.73
CA GLY B 21 28.64 27.76 -10.20
C GLY B 21 27.34 27.06 -10.48
N SER B 22 26.23 27.79 -10.39
CA SER B 22 24.92 27.19 -10.62
C SER B 22 24.52 27.23 -12.08
N LEU B 23 23.99 26.11 -12.58
CA LEU B 23 23.54 26.07 -13.96
C LEU B 23 22.03 25.97 -13.99
N ALA B 24 21.37 26.53 -12.99
CA ALA B 24 19.92 26.48 -12.90
C ALA B 24 19.35 27.87 -12.68
N PRO B 25 18.06 28.08 -12.98
CA PRO B 25 17.46 29.40 -12.70
C PRO B 25 17.44 29.69 -11.20
N PRO B 26 17.27 30.95 -10.80
CA PRO B 26 17.15 31.24 -9.36
C PRO B 26 15.99 30.52 -8.69
N ASP B 27 14.86 30.36 -9.37
CA ASP B 27 13.81 29.48 -8.88
C ASP B 27 14.28 28.04 -9.03
N LEU B 28 14.10 27.25 -7.97
CA LEU B 28 14.72 25.93 -7.86
C LEU B 28 13.74 24.77 -7.81
N TYR B 29 12.52 24.96 -7.33
CA TYR B 29 11.48 23.92 -7.34
C TYR B 29 10.18 24.52 -7.86
N PRO B 30 10.09 24.78 -9.18
CA PRO B 30 8.81 25.24 -9.69
C PRO B 30 7.89 24.05 -9.89
N GLU B 31 8.40 22.84 -9.66
CA GLU B 31 7.61 21.63 -9.83
C GLU B 31 6.68 21.38 -8.65
N PHE B 32 5.76 20.43 -8.80
CA PHE B 32 4.82 20.13 -7.74
C PHE B 32 5.56 19.78 -6.45
N GLY B 33 5.09 20.34 -5.34
CA GLY B 33 5.73 20.07 -4.05
C GLY B 33 6.89 21.00 -3.79
N THR B 34 7.74 20.63 -2.84
CA THR B 34 8.89 21.45 -2.50
C THR B 34 9.95 20.56 -1.88
N TYR B 35 11.19 20.99 -2.04
CA TYR B 35 12.30 20.35 -1.35
C TYR B 35 12.16 20.49 0.16
N PRO B 36 12.65 19.52 0.94
CA PRO B 36 12.58 19.66 2.41
C PRO B 36 13.44 20.81 2.90
N GLY B 37 12.93 21.48 3.94
CA GLY B 37 13.59 22.65 4.48
C GLY B 37 13.40 23.91 3.68
N GLY B 38 12.43 23.94 2.77
CA GLY B 38 12.15 25.11 1.94
C GLY B 38 10.69 25.42 1.68
N GLY B 39 9.80 24.70 2.35
CA GLY B 39 8.39 25.00 2.28
C GLY B 39 7.61 23.87 2.94
N GLU B 40 6.31 23.87 2.69
CA GLU B 40 5.39 22.92 3.30
C GLU B 40 5.10 21.79 2.33
N SER B 41 5.04 20.57 2.86
CA SER B 41 4.82 19.39 2.02
C SER B 41 3.43 19.48 1.40
N PRO B 42 3.29 19.34 0.08
CA PRO B 42 2.00 19.62 -0.56
C PRO B 42 0.87 18.72 -0.10
N VAL B 43 1.15 17.42 0.07
CA VAL B 43 0.11 16.44 0.36
C VAL B 43 0.47 15.63 1.59
N ILE B 44 1.48 14.78 1.46
CA ILE B 44 1.74 13.85 2.55
C ILE B 44 2.36 14.63 3.72
N PRO B 45 2.05 14.29 4.97
CA PRO B 45 2.69 14.99 6.08
C PRO B 45 4.16 14.62 6.21
N PHE B 46 4.98 15.61 6.58
CA PHE B 46 6.40 15.37 6.83
C PHE B 46 6.55 14.51 8.08
N GLY B 47 6.88 13.22 7.87
CA GLY B 47 6.90 12.29 8.98
C GLY B 47 7.93 12.64 10.04
N SER B 48 9.17 12.91 9.63
CA SER B 48 10.23 13.18 10.59
C SER B 48 11.39 13.85 9.88
N GLU B 49 12.25 14.51 10.66
CA GLU B 49 13.46 15.12 10.10
C GLU B 49 14.29 14.08 9.34
N LYS B 50 14.29 12.85 9.84
CA LYS B 50 14.98 11.75 9.18
C LYS B 50 14.39 11.44 7.82
N ASN B 51 13.12 11.79 7.56
CA ASN B 51 12.48 11.40 6.32
C ASN B 51 13.13 12.03 5.11
N ALA B 52 13.68 13.25 5.24
CA ALA B 52 14.40 13.87 4.13
C ALA B 52 15.58 13.01 3.71
N GLU B 53 16.38 12.58 4.69
CA GLU B 53 17.53 11.76 4.38
C GLU B 53 17.08 10.38 3.86
N ARG B 54 15.97 9.85 4.39
CA ARG B 54 15.41 8.61 3.87
C ARG B 54 15.01 8.74 2.40
N GLU B 55 14.41 9.88 2.05
CA GLU B 55 14.06 10.16 0.66
C GLU B 55 15.29 10.19 -0.21
N ILE B 56 16.35 10.83 0.27
CA ILE B 56 17.59 10.91 -0.50
C ILE B 56 18.16 9.51 -0.75
N ILE B 57 18.16 8.66 0.28
CA ILE B 57 18.77 7.34 0.13
C ILE B 57 17.94 6.46 -0.79
N HIS B 58 16.62 6.44 -0.60
CA HIS B 58 15.77 5.68 -1.52
C HIS B 58 15.94 6.20 -2.93
N GLY B 59 16.07 7.52 -3.08
CA GLY B 59 16.27 8.13 -4.38
C GLY B 59 17.52 7.68 -5.07
N ARG B 60 18.65 7.74 -4.36
CA ARG B 60 19.90 7.33 -4.97
C ARG B 60 19.88 5.85 -5.29
N TRP B 61 19.33 5.03 -4.39
CA TRP B 61 19.22 3.60 -4.64
C TRP B 61 18.30 3.30 -5.81
N ALA B 62 17.20 4.04 -5.94
CA ALA B 62 16.28 3.81 -7.03
C ALA B 62 16.79 4.34 -8.34
N MET B 63 17.57 5.42 -8.30
CA MET B 63 18.30 5.83 -9.49
C MET B 63 19.13 4.68 -9.98
N LEU B 64 20.03 4.17 -9.11
CA LEU B 64 20.93 3.08 -9.47
C LEU B 64 20.17 1.83 -9.94
N GLY B 65 19.03 1.53 -9.30
CA GLY B 65 18.23 0.40 -9.73
C GLY B 65 17.58 0.60 -11.10
N VAL B 66 17.04 1.80 -11.36
CA VAL B 66 16.42 2.08 -12.64
C VAL B 66 17.47 2.01 -13.75
N THR B 67 18.65 2.61 -13.52
CA THR B 67 19.68 2.56 -14.55
C THR B 67 20.15 1.13 -14.76
N GLY B 68 20.18 0.32 -13.69
CA GLY B 68 20.59 -1.05 -13.83
C GLY B 68 19.62 -1.88 -14.63
N ALA B 69 18.32 -1.71 -14.36
CA ALA B 69 17.32 -2.40 -15.16
C ALA B 69 17.37 -1.95 -16.62
N TRP B 70 17.52 -0.64 -16.84
CA TRP B 70 17.64 -0.09 -18.19
C TRP B 70 18.82 -0.70 -18.93
N ALA B 71 20.00 -0.66 -18.33
CA ALA B 71 21.19 -1.13 -19.04
C ALA B 71 21.19 -2.64 -19.18
N ALA B 72 20.66 -3.37 -18.18
CA ALA B 72 20.59 -4.82 -18.28
C ALA B 72 19.67 -5.26 -19.40
N GLU B 73 18.50 -4.61 -19.53
CA GLU B 73 17.60 -4.98 -20.61
C GLU B 73 18.13 -4.51 -21.96
N ASN B 74 18.88 -3.41 -22.00
CA ASN B 74 19.44 -2.96 -23.27
C ASN B 74 20.60 -3.84 -23.72
N GLY B 75 21.35 -4.41 -22.78
CA GLY B 75 22.54 -5.16 -23.10
C GLY B 75 22.35 -6.66 -23.24
N THR B 76 21.31 -7.19 -22.56
CA THR B 76 21.03 -8.62 -22.54
C THR B 76 19.61 -8.97 -22.95
N GLY B 77 18.66 -8.05 -22.81
CA GLY B 77 17.28 -8.36 -23.05
C GLY B 77 16.57 -9.06 -21.90
N ILE B 78 17.27 -9.35 -20.81
CA ILE B 78 16.65 -10.04 -19.68
C ILE B 78 15.94 -9.01 -18.82
N PRO B 79 14.66 -9.20 -18.45
CA PRO B 79 14.04 -8.25 -17.51
C PRO B 79 14.68 -8.31 -16.13
N TRP B 80 14.68 -7.15 -15.46
CA TRP B 80 15.35 -7.03 -14.17
C TRP B 80 14.72 -7.95 -13.12
N PHE B 81 13.40 -8.12 -13.18
CA PHE B 81 12.69 -8.90 -12.17
C PHE B 81 12.93 -10.41 -12.32
N THR B 82 13.43 -10.86 -13.47
CA THR B 82 13.86 -12.24 -13.67
C THR B 82 15.37 -12.41 -13.70
N ALA B 83 16.14 -11.31 -13.65
CA ALA B 83 17.59 -11.44 -13.60
C ALA B 83 18.06 -12.09 -12.31
N GLY B 84 17.25 -12.08 -11.26
CA GLY B 84 17.61 -12.78 -10.04
C GLY B 84 17.68 -14.28 -10.21
N THR B 85 16.83 -14.84 -11.07
CA THR B 85 16.82 -16.28 -11.28
C THR B 85 18.09 -16.82 -11.92
N LEU B 86 18.94 -15.96 -12.47
CA LEU B 86 20.16 -16.41 -13.13
C LEU B 86 21.18 -16.89 -12.12
N CYS B 87 21.61 -16.01 -11.22
CA CYS B 87 22.56 -16.39 -10.17
C CYS B 87 21.78 -16.91 -8.96
N THR B 88 21.92 -18.20 -8.70
CA THR B 88 21.23 -18.93 -7.65
C THR B 88 22.26 -19.86 -7.05
N PRO B 89 22.05 -20.42 -5.74
CA PRO B 89 23.00 -21.42 -5.20
C PRO B 89 23.46 -22.51 -6.17
N ASP B 90 22.56 -22.84 -7.09
CA ASP B 90 22.80 -23.68 -8.24
C ASP B 90 22.87 -22.82 -9.50
N ASP B 91 23.78 -23.21 -10.41
CA ASP B 91 23.92 -22.64 -11.77
C ASP B 91 23.94 -21.10 -11.74
N CYS B 92 24.85 -20.54 -10.92
CA CYS B 92 25.13 -19.11 -11.02
C CYS B 92 26.19 -18.83 -12.08
N THR B 93 26.62 -19.84 -12.83
CA THR B 93 27.59 -19.61 -13.90
C THR B 93 27.00 -18.71 -14.97
N ALA B 94 25.69 -18.83 -15.22
CA ALA B 94 25.08 -18.08 -16.32
C ALA B 94 25.24 -16.59 -16.12
N VAL B 95 25.00 -16.08 -14.90
CA VAL B 95 25.03 -14.63 -14.61
C VAL B 95 26.30 -13.91 -15.08
N ALA B 96 27.38 -14.65 -15.31
CA ALA B 96 28.66 -14.08 -15.64
C ALA B 96 28.60 -13.23 -16.89
N ASP B 97 28.35 -13.86 -18.04
CA ASP B 97 28.47 -13.16 -19.32
C ASP B 97 27.18 -12.40 -19.59
N LYS B 98 27.02 -11.27 -18.91
CA LYS B 98 25.81 -10.49 -19.09
C LYS B 98 26.11 -9.06 -19.47
N PHE B 99 27.36 -8.74 -19.81
CA PHE B 99 27.74 -7.34 -20.01
C PHE B 99 28.23 -7.18 -21.44
N PRO B 100 27.61 -6.31 -22.25
CA PRO B 100 27.98 -6.30 -23.66
C PRO B 100 29.34 -5.64 -23.82
N GLY B 101 30.20 -6.35 -24.53
CA GLY B 101 31.53 -5.90 -24.79
C GLY B 101 32.56 -6.32 -23.77
N ALA B 102 32.12 -6.93 -22.65
CA ALA B 102 33.00 -7.47 -21.61
C ALA B 102 34.14 -8.24 -22.20
N VAL B 103 35.36 -7.72 -21.99
CA VAL B 103 36.55 -8.35 -22.54
C VAL B 103 36.65 -9.75 -22.00
N ALA B 104 36.24 -9.96 -20.75
CA ALA B 104 36.32 -11.25 -20.10
C ALA B 104 35.05 -11.55 -19.33
N PRO B 105 34.81 -12.83 -19.03
CA PRO B 105 33.61 -13.20 -18.27
C PRO B 105 33.89 -13.27 -16.79
N LEU B 106 32.87 -12.99 -15.98
CA LEU B 106 32.98 -13.25 -14.55
C LEU B 106 33.31 -14.72 -14.30
N ALA B 107 32.74 -15.60 -15.14
CA ALA B 107 32.91 -17.04 -15.21
C ALA B 107 33.77 -17.35 -16.42
N PRO B 108 35.08 -17.53 -16.26
CA PRO B 108 35.88 -18.12 -17.34
C PRO B 108 35.30 -19.46 -17.75
N ALA B 109 35.44 -19.75 -19.04
CA ALA B 109 34.91 -20.96 -19.65
C ALA B 109 35.29 -22.19 -18.82
N GLY B 110 34.28 -22.98 -18.48
CA GLY B 110 34.44 -24.11 -17.61
C GLY B 110 33.91 -23.86 -16.22
N SER B 111 34.51 -24.56 -15.26
CA SER B 111 34.05 -24.50 -13.87
C SER B 111 34.15 -23.11 -13.31
N GLY B 112 35.22 -22.39 -13.67
CA GLY B 112 35.52 -21.03 -13.23
C GLY B 112 34.30 -20.13 -13.29
N TYR B 113 33.85 -19.65 -12.10
CA TYR B 113 32.54 -19.01 -12.09
C TYR B 113 32.14 -18.22 -10.85
N PRO B 114 31.26 -17.19 -10.99
CA PRO B 114 30.66 -16.56 -9.81
C PRO B 114 29.69 -17.51 -9.12
N ASN B 115 30.04 -17.93 -7.92
CA ASN B 115 29.13 -18.72 -7.13
C ASN B 115 28.17 -17.79 -6.44
N PHE B 116 26.93 -18.23 -6.33
CA PHE B 116 25.93 -17.48 -5.60
C PHE B 116 26.38 -17.19 -4.19
N TRP B 117 26.81 -18.22 -3.48
CA TRP B 117 27.23 -18.01 -2.10
C TRP B 117 28.48 -17.15 -2.05
N ALA B 118 29.41 -17.34 -2.99
CA ALA B 118 30.60 -16.50 -3.04
C ALA B 118 30.23 -15.04 -3.26
N VAL B 119 29.44 -14.79 -4.31
CA VAL B 119 28.93 -13.47 -4.61
C VAL B 119 28.19 -12.93 -3.41
N LEU B 120 27.33 -13.77 -2.82
CA LEU B 120 26.51 -13.32 -1.72
C LEU B 120 27.40 -12.89 -0.57
N ALA B 121 28.32 -13.77 -0.15
CA ALA B 121 29.23 -13.49 0.97
C ALA B 121 30.03 -12.22 0.75
N ILE B 122 30.53 -12.01 -0.47
CA ILE B 122 31.17 -10.74 -0.79
C ILE B 122 30.17 -9.60 -0.71
N GLU B 123 28.93 -9.82 -1.16
CA GLU B 123 27.91 -8.77 -1.17
C GLU B 123 27.60 -8.31 0.25
N ILE B 124 27.37 -9.26 1.15
CA ILE B 124 27.12 -8.91 2.54
C ILE B 124 28.31 -8.15 3.10
N PHE B 125 29.52 -8.73 2.95
CA PHE B 125 30.69 -8.16 3.60
C PHE B 125 31.04 -6.78 3.07
N LEU B 126 30.70 -6.47 1.82
CA LEU B 126 30.98 -5.16 1.24
C LEU B 126 29.84 -4.18 1.49
N VAL B 127 28.62 -4.54 1.07
CA VAL B 127 27.50 -3.60 1.09
C VAL B 127 27.07 -3.32 2.51
N GLY B 128 26.97 -4.36 3.35
CA GLY B 128 26.61 -4.14 4.73
C GLY B 128 27.62 -3.27 5.44
N SER B 129 28.90 -3.50 5.18
CA SER B 129 29.92 -2.66 5.79
C SER B 129 29.68 -1.21 5.42
N ALA B 130 29.54 -0.94 4.12
CA ALA B 130 29.31 0.42 3.66
C ALA B 130 28.01 0.98 4.23
N GLU B 131 26.95 0.18 4.22
CA GLU B 131 25.68 0.63 4.76
C GLU B 131 25.83 1.03 6.21
N CYS B 132 26.56 0.23 6.98
CA CYS B 132 26.76 0.54 8.39
C CYS B 132 27.62 1.79 8.54
N TYR B 133 28.74 1.84 7.83
CA TYR B 133 29.61 3.02 7.91
C TYR B 133 28.87 4.29 7.52
N ARG B 134 27.91 4.18 6.59
CA ARG B 134 27.11 5.35 6.25
C ARG B 134 26.27 5.81 7.43
N THR B 135 25.67 4.87 8.13
CA THR B 135 24.77 5.19 9.23
C THR B 135 25.54 5.14 10.56
N GLY B 136 24.81 5.20 11.67
CA GLY B 136 25.43 5.17 12.98
C GLY B 136 25.99 3.81 13.38
N LEU B 137 25.67 2.75 12.64
CA LEU B 137 26.22 1.45 12.94
C LEU B 137 27.72 1.43 12.67
N PHE B 138 28.39 0.42 13.19
CA PHE B 138 29.85 0.25 13.09
C PHE B 138 30.45 1.50 13.74
N GLU B 139 31.44 2.15 13.13
CA GLU B 139 31.95 3.44 13.58
C GLU B 139 32.13 4.32 12.35
N ASN B 140 32.83 5.44 12.54
CA ASN B 140 33.15 6.36 11.46
C ASN B 140 34.62 6.17 11.06
N PRO B 141 34.93 5.52 9.93
CA PRO B 141 36.33 5.44 9.50
C PRO B 141 36.88 6.73 8.92
N PHE B 142 36.02 7.70 8.61
CA PHE B 142 36.40 9.01 8.07
C PHE B 142 35.85 10.06 9.02
N PRO B 143 36.61 10.44 10.07
CA PRO B 143 36.09 11.44 11.04
C PRO B 143 35.74 12.80 10.43
N GLU B 144 36.48 13.22 9.42
CA GLU B 144 36.24 14.42 8.64
C GLU B 144 34.84 14.49 8.05
N LEU B 145 34.18 13.35 7.83
CA LEU B 145 32.79 13.27 7.41
C LEU B 145 31.90 12.89 8.58
N THR B 146 30.62 13.22 8.44
CA THR B 146 29.61 13.03 9.48
C THR B 146 28.72 11.87 9.07
N GLN B 147 28.66 10.85 9.91
CA GLN B 147 27.70 9.78 9.71
C GLN B 147 26.29 10.31 9.89
N GLY B 148 25.36 9.80 9.09
CA GLY B 148 23.99 10.28 9.09
C GLY B 148 23.74 11.49 8.22
N ASP B 149 24.74 11.99 7.48
CA ASP B 149 24.59 13.07 6.52
C ASP B 149 24.59 12.47 5.12
N VAL B 150 23.51 12.70 4.35
CA VAL B 150 23.47 12.15 2.99
C VAL B 150 24.37 12.91 2.01
N THR B 151 24.93 14.05 2.41
CA THR B 151 25.79 14.85 1.54
C THR B 151 27.08 15.13 2.30
N PRO B 152 27.96 14.12 2.45
CA PRO B 152 29.22 14.35 3.15
C PRO B 152 30.16 15.28 2.39
N GLY B 153 30.38 14.98 1.12
CA GLY B 153 31.14 15.88 0.25
C GLY B 153 32.59 16.12 0.63
N GLY B 154 33.31 15.07 1.03
CA GLY B 154 34.76 15.12 1.23
C GLY B 154 35.49 14.25 0.23
N ARG B 155 35.86 13.03 0.66
CA ARG B 155 36.36 12.05 -0.28
C ARG B 155 35.28 11.55 -1.23
N PHE B 156 34.00 11.75 -0.91
CA PHE B 156 32.91 11.26 -1.72
C PHE B 156 32.55 12.17 -2.88
N ASP B 157 33.27 13.29 -3.06
CA ASP B 157 33.21 14.07 -4.30
C ASP B 157 34.64 14.33 -4.80
N PRO B 158 35.31 13.30 -5.34
CA PRO B 158 36.69 13.49 -5.82
C PRO B 158 36.83 14.55 -6.90
N LEU B 159 35.82 14.71 -7.74
CA LEU B 159 35.80 15.73 -8.77
C LEU B 159 35.40 17.10 -8.25
N GLY B 160 34.82 17.18 -7.04
CA GLY B 160 34.50 18.46 -6.44
C GLY B 160 33.43 19.26 -7.15
N PHE B 161 32.38 18.60 -7.67
CA PHE B 161 31.28 19.32 -8.30
C PHE B 161 30.50 20.15 -7.27
N ALA B 162 30.42 19.66 -6.04
CA ALA B 162 29.67 20.36 -4.98
C ALA B 162 30.22 21.76 -4.75
N GLU B 163 31.53 21.86 -4.56
CA GLU B 163 32.17 23.15 -4.34
C GLU B 163 32.38 23.91 -5.64
N ALA B 164 32.51 23.20 -6.77
CA ALA B 164 32.69 23.89 -8.04
C ALA B 164 31.48 24.71 -8.43
N GLY B 165 30.27 24.18 -8.22
CA GLY B 165 29.05 24.90 -8.50
C GLY B 165 28.39 25.47 -7.27
N ASP B 166 27.10 25.73 -7.39
CA ASP B 166 26.25 26.09 -6.26
C ASP B 166 25.77 24.80 -5.62
N LEU B 167 26.04 24.68 -4.32
CA LEU B 167 25.80 23.43 -3.64
C LEU B 167 24.31 23.11 -3.55
N GLU B 168 23.50 24.09 -3.17
CA GLU B 168 22.11 23.79 -2.87
C GLU B 168 21.29 23.57 -4.13
N GLU B 169 21.60 24.26 -5.23
CA GLU B 169 20.94 23.93 -6.48
C GLU B 169 21.33 22.54 -6.93
N LEU B 170 22.59 22.14 -6.74
CA LEU B 170 22.94 20.76 -7.07
C LEU B 170 22.17 19.78 -6.19
N LYS B 171 22.00 20.11 -4.91
CA LYS B 171 21.27 19.25 -4.00
C LYS B 171 19.83 19.05 -4.45
N ILE B 172 19.16 20.14 -4.82
CA ILE B 172 17.76 20.00 -5.25
C ILE B 172 17.69 19.30 -6.59
N LYS B 173 18.69 19.49 -7.44
CA LYS B 173 18.75 18.77 -8.70
C LYS B 173 18.80 17.27 -8.46
N GLU B 174 19.66 16.85 -7.53
CA GLU B 174 19.72 15.46 -7.15
C GLU B 174 18.39 14.99 -6.57
N LEU B 175 17.77 15.84 -5.76
CA LEU B 175 16.49 15.46 -5.15
C LEU B 175 15.44 15.25 -6.23
N LYS B 176 15.39 16.13 -7.22
CA LYS B 176 14.41 15.96 -8.27
C LYS B 176 14.68 14.70 -9.06
N HIS B 177 15.96 14.45 -9.40
CA HIS B 177 16.32 13.20 -10.08
C HIS B 177 15.92 11.99 -9.24
N SER B 178 16.12 12.10 -7.93
CA SER B 178 15.78 11.03 -6.99
C SER B 178 14.31 10.72 -7.02
N ARG B 179 13.47 11.75 -6.91
CA ARG B 179 12.02 11.54 -6.91
C ARG B 179 11.54 11.02 -8.25
N LEU B 180 12.10 11.54 -9.35
CA LEU B 180 11.77 11.06 -10.68
C LEU B 180 12.09 9.59 -10.82
N ALA B 181 13.28 9.18 -10.36
CA ALA B 181 13.70 7.79 -10.53
C ALA B 181 12.91 6.86 -9.65
N MET B 182 12.56 7.30 -8.45
CA MET B 182 11.74 6.47 -7.57
C MET B 182 10.35 6.27 -8.15
N PHE B 183 9.74 7.33 -8.68
CA PHE B 183 8.45 7.17 -9.30
C PHE B 183 8.54 6.30 -10.55
N ALA B 184 9.64 6.45 -11.31
CA ALA B 184 9.86 5.58 -12.46
C ALA B 184 10.06 4.13 -12.03
N TRP B 185 10.74 3.91 -10.91
CA TRP B 185 10.93 2.56 -10.41
C TRP B 185 9.59 1.95 -10.04
N LEU B 186 8.74 2.71 -9.35
CA LEU B 186 7.40 2.26 -9.03
C LEU B 186 6.62 1.91 -10.29
N GLY B 187 6.76 2.75 -11.32
CA GLY B 187 6.15 2.42 -12.58
C GLY B 187 6.68 1.14 -13.18
N CYS B 188 7.98 0.90 -13.03
CA CYS B 188 8.58 -0.32 -13.55
C CYS B 188 8.06 -1.55 -12.83
N ILE B 189 7.91 -1.49 -11.50
CA ILE B 189 7.41 -2.67 -10.78
C ILE B 189 5.95 -2.91 -11.13
N MET B 190 5.15 -1.84 -11.26
CA MET B 190 3.75 -2.02 -11.62
C MET B 190 3.61 -2.55 -13.04
N GLN B 191 4.48 -2.11 -13.95
CA GLN B 191 4.47 -2.64 -15.29
C GLN B 191 4.88 -4.10 -15.33
N ALA B 192 5.87 -4.47 -14.52
CA ALA B 192 6.26 -5.87 -14.42
C ALA B 192 5.11 -6.72 -13.92
N LEU B 193 4.38 -6.21 -12.93
CA LEU B 193 3.25 -6.95 -12.39
C LEU B 193 2.13 -7.08 -13.42
N ALA B 194 1.86 -6.01 -14.17
CA ALA B 194 0.70 -5.99 -15.04
C ALA B 194 0.92 -6.69 -16.37
N THR B 195 2.14 -6.59 -16.93
CA THR B 195 2.43 -7.06 -18.28
C THR B 195 3.42 -8.21 -18.32
N GLN B 196 4.15 -8.48 -17.24
CA GLN B 196 5.10 -9.59 -17.17
C GLN B 196 6.25 -9.45 -18.15
N GLU B 197 6.52 -8.22 -18.63
CA GLU B 197 7.59 -7.94 -19.58
C GLU B 197 8.41 -6.78 -19.05
N GLY B 198 9.66 -6.72 -19.50
CA GLY B 198 10.62 -5.82 -18.92
C GLY B 198 10.30 -4.36 -19.20
N PRO B 199 10.98 -3.43 -18.51
CA PRO B 199 10.71 -2.00 -18.75
C PRO B 199 10.96 -1.53 -20.17
N ILE B 200 12.12 -1.87 -20.74
CA ILE B 200 12.43 -1.45 -22.10
C ILE B 200 11.52 -2.16 -23.09
N ALA B 201 11.09 -3.39 -22.78
CA ALA B 201 10.10 -4.05 -23.63
C ALA B 201 8.79 -3.28 -23.63
N ASN B 202 8.34 -2.83 -22.46
CA ASN B 202 7.13 -2.02 -22.38
C ASN B 202 7.30 -0.70 -23.10
N TRP B 203 8.48 -0.08 -22.96
CA TRP B 203 8.77 1.15 -23.66
C TRP B 203 8.64 0.95 -25.16
N THR B 204 9.34 -0.07 -25.69
CA THR B 204 9.35 -0.37 -27.13
C THR B 204 7.94 -0.64 -27.65
N ALA B 205 7.15 -1.40 -26.89
CA ALA B 205 5.77 -1.64 -27.28
C ALA B 205 4.98 -0.34 -27.31
N HIS B 206 5.24 0.56 -26.35
CA HIS B 206 4.51 1.81 -26.30
C HIS B 206 4.97 2.80 -27.37
N VAL B 207 6.20 2.71 -27.87
CA VAL B 207 6.64 3.68 -28.89
C VAL B 207 6.42 3.14 -30.30
N ALA B 208 6.37 1.82 -30.48
CA ALA B 208 6.16 1.28 -31.83
C ALA B 208 4.78 1.62 -32.36
N ASP B 209 3.76 1.44 -31.51
CA ASP B 209 2.37 1.79 -31.81
C ASP B 209 1.97 2.59 -30.57
N PRO B 210 2.16 3.91 -30.57
CA PRO B 210 1.75 4.70 -29.39
C PRO B 210 0.29 4.63 -29.06
N ILE B 211 -0.58 4.52 -30.05
CA ILE B 211 -1.99 4.68 -29.73
C ILE B 211 -2.50 3.51 -28.93
N HIS B 212 -2.05 2.29 -29.26
CA HIS B 212 -2.29 1.12 -28.46
C HIS B 212 -1.07 0.90 -27.55
N ALA B 213 -1.01 -0.25 -26.91
CA ALA B 213 0.06 -0.64 -25.98
C ALA B 213 0.24 0.40 -24.86
N ASN B 214 -0.86 0.60 -24.13
CA ASN B 214 -0.95 1.48 -22.99
C ASN B 214 -1.49 0.72 -21.77
N VAL B 215 -1.69 1.45 -20.67
CA VAL B 215 -2.35 0.90 -19.49
C VAL B 215 -3.69 0.34 -19.87
N LEU B 216 -4.45 1.14 -20.60
CA LEU B 216 -5.84 0.85 -20.86
C LEU B 216 -6.00 -0.22 -21.93
N THR B 217 -5.06 -0.28 -22.87
CA THR B 217 -5.02 -1.40 -23.81
C THR B 217 -4.82 -2.71 -23.07
N ASN B 218 -3.83 -2.77 -22.18
CA ASN B 218 -3.64 -4.02 -21.45
C ASN B 218 -4.78 -4.27 -20.48
N ALA B 219 -5.40 -3.21 -19.96
CA ALA B 219 -6.57 -3.36 -19.11
C ALA B 219 -7.72 -3.99 -19.87
N ALA B 220 -7.87 -3.67 -21.15
CA ALA B 220 -8.89 -4.32 -21.99
C ALA B 220 -8.73 -5.84 -22.03
N LYS B 221 -7.50 -6.34 -21.88
CA LYS B 221 -7.22 -7.77 -21.72
C LYS B 221 -7.07 -8.18 -20.26
N GLY B 222 -7.29 -7.26 -19.34
CA GLY B 222 -7.25 -7.56 -17.93
C GLY B 222 -5.90 -7.68 -17.30
N PHE B 223 -4.86 -7.14 -17.94
CA PHE B 223 -3.48 -7.34 -17.49
C PHE B 223 -3.15 -8.83 -17.39
N LYS B 224 -3.68 -9.62 -18.33
CA LYS B 224 -3.49 -11.06 -18.40
C LYS B 224 -4.04 -11.77 -17.16
N PHE B 225 -5.04 -11.18 -16.49
CA PHE B 225 -5.68 -11.77 -15.32
C PHE B 225 -7.20 -11.76 -15.37
N TYR B 226 -7.81 -11.23 -16.43
CA TYR B 226 -9.26 -11.20 -16.56
C TYR B 226 -9.65 -11.50 -18.00
N ASP C 33 19.72 -1.50 28.63
CA ASP C 33 18.57 -1.00 27.90
C ASP C 33 17.45 -2.03 27.90
N ILE C 34 16.23 -1.54 28.16
CA ILE C 34 15.08 -2.43 28.25
C ILE C 34 14.69 -2.96 26.86
N TYR C 35 14.73 -2.09 25.83
CA TYR C 35 14.24 -2.41 24.48
C TYR C 35 15.38 -2.21 23.48
N PRO C 36 16.32 -3.15 23.39
CA PRO C 36 17.50 -2.94 22.54
C PRO C 36 17.23 -3.03 21.04
N GLU C 37 16.05 -3.48 20.62
CA GLU C 37 15.78 -3.64 19.20
C GLU C 37 15.56 -2.27 18.56
N PHE C 38 15.14 -2.26 17.30
CA PHE C 38 15.09 -1.04 16.50
C PHE C 38 14.16 0.01 17.11
N GLY C 39 12.92 -0.38 17.37
CA GLY C 39 11.95 0.56 17.90
C GLY C 39 11.95 0.64 19.41
N THR C 40 10.98 1.36 19.97
CA THR C 40 10.90 1.50 21.41
C THR C 40 9.46 1.47 21.90
N TYR C 41 9.28 1.22 23.19
CA TYR C 41 7.94 1.22 23.76
C TYR C 41 7.36 2.63 23.68
N PRO C 42 6.03 2.73 23.65
CA PRO C 42 5.38 4.05 23.53
C PRO C 42 5.74 4.99 24.68
N GLY C 43 5.74 4.50 25.90
CA GLY C 43 6.02 5.34 27.05
C GLY C 43 7.26 6.20 26.92
N GLY C 44 8.21 5.76 26.09
CA GLY C 44 9.44 6.49 25.91
C GLY C 44 10.06 6.16 24.57
N GLY C 45 10.31 7.16 23.77
CA GLY C 45 10.75 6.97 22.41
C GLY C 45 10.20 8.07 21.52
N GLU C 46 10.32 7.84 20.21
CA GLU C 46 9.88 8.78 19.20
C GLU C 46 9.06 8.15 18.08
N SER C 47 9.03 6.81 17.97
CA SER C 47 8.35 6.15 16.87
C SER C 47 8.95 6.57 15.55
N PRO C 48 10.16 6.06 15.19
CA PRO C 48 10.94 6.70 14.11
C PRO C 48 10.25 6.84 12.75
N ILE C 49 9.57 5.80 12.26
CA ILE C 49 9.02 5.86 10.91
C ILE C 49 7.70 6.63 10.97
N ILE C 50 6.70 6.06 11.64
CA ILE C 50 5.37 6.66 11.71
C ILE C 50 5.32 7.55 12.96
N PRO C 51 4.80 8.79 12.89
CA PRO C 51 4.66 9.59 14.12
C PRO C 51 3.67 8.98 15.10
N PHE C 52 3.89 9.28 16.40
CA PHE C 52 3.08 8.64 17.45
C PHE C 52 1.62 9.06 17.37
N GLY C 53 1.36 10.34 17.18
CA GLY C 53 -0.02 10.79 17.05
C GLY C 53 -0.80 10.59 18.34
N SER C 54 -2.01 10.05 18.20
CA SER C 54 -2.88 9.86 19.35
C SER C 54 -2.37 8.73 20.24
N GLU C 55 -2.75 8.78 21.53
CA GLU C 55 -2.51 7.64 22.41
C GLU C 55 -3.51 6.52 22.19
N LYS C 56 -4.66 6.84 21.58
CA LYS C 56 -5.58 5.78 21.16
C LYS C 56 -4.92 4.86 20.13
N ASN C 57 -3.97 5.40 19.34
CA ASN C 57 -3.20 4.55 18.45
C ASN C 57 -2.40 3.49 19.23
N ALA C 58 -1.81 3.86 20.36
CA ALA C 58 -1.11 2.89 21.21
C ALA C 58 -2.06 1.89 21.85
N GLU C 59 -3.24 2.36 22.20
CA GLU C 59 -4.26 1.44 22.71
C GLU C 59 -4.59 0.38 21.66
N ARG C 60 -4.83 0.83 20.43
CA ARG C 60 -5.13 -0.11 19.36
C ARG C 60 -3.98 -1.10 19.15
N GLU C 61 -2.75 -0.59 19.15
CA GLU C 61 -1.61 -1.46 18.89
C GLU C 61 -1.61 -2.63 19.84
N VAL C 62 -1.72 -2.36 21.13
CA VAL C 62 -1.69 -3.42 22.11
C VAL C 62 -2.83 -4.40 21.83
N ILE C 63 -4.03 -3.87 21.64
CA ILE C 63 -5.18 -4.77 21.44
C ILE C 63 -4.98 -5.60 20.18
N HIS C 64 -4.47 -4.98 19.10
CA HIS C 64 -4.20 -5.72 17.88
C HIS C 64 -3.18 -6.82 18.13
N GLY C 65 -2.17 -6.55 18.95
CA GLY C 65 -1.20 -7.58 19.26
C GLY C 65 -1.76 -8.69 20.13
N ARG C 66 -2.52 -8.32 21.16
CA ARG C 66 -3.17 -9.31 22.02
C ARG C 66 -4.11 -10.21 21.23
N TRP C 67 -4.70 -9.69 20.16
CA TRP C 67 -5.59 -10.49 19.32
C TRP C 67 -4.81 -11.33 18.31
N ALA C 68 -3.95 -10.69 17.51
CA ALA C 68 -3.17 -11.41 16.52
C ALA C 68 -2.33 -12.50 17.13
N MET C 69 -1.85 -12.31 18.36
CA MET C 69 -1.16 -13.37 19.07
C MET C 69 -2.02 -14.62 19.21
N LEU C 70 -3.26 -14.42 19.66
CA LEU C 70 -4.19 -15.54 19.75
C LEU C 70 -4.48 -16.11 18.37
N GLY C 71 -4.56 -15.25 17.35
CA GLY C 71 -4.80 -15.72 16.00
C GLY C 71 -3.66 -16.57 15.44
N VAL C 72 -2.42 -16.14 15.65
CA VAL C 72 -1.27 -16.88 15.13
C VAL C 72 -1.14 -18.21 15.84
N THR C 73 -1.26 -18.21 17.18
CA THR C 73 -1.16 -19.49 17.89
C THR C 73 -2.32 -20.41 17.52
N GLY C 74 -3.51 -19.85 17.22
CA GLY C 74 -4.61 -20.68 16.79
C GLY C 74 -4.40 -21.28 15.41
N ALA C 75 -3.87 -20.49 14.48
CA ALA C 75 -3.54 -21.03 13.17
C ALA C 75 -2.48 -22.12 13.28
N TRP C 76 -1.47 -21.88 14.12
CA TRP C 76 -0.45 -22.89 14.42
C TRP C 76 -1.10 -24.17 14.92
N ALA C 77 -1.96 -24.05 15.93
CA ALA C 77 -2.52 -25.24 16.55
C ALA C 77 -3.47 -25.97 15.61
N ALA C 78 -4.24 -25.22 14.83
CA ALA C 78 -5.15 -25.85 13.86
C ALA C 78 -4.38 -26.61 12.80
N GLU C 79 -3.30 -26.01 12.28
CA GLU C 79 -2.47 -26.71 11.30
C GLU C 79 -1.84 -27.95 11.89
N ASN C 80 -1.36 -27.87 13.14
CA ASN C 80 -0.71 -29.03 13.74
C ASN C 80 -1.70 -30.14 14.03
N GLY C 81 -2.90 -29.79 14.48
CA GLY C 81 -3.85 -30.80 14.92
C GLY C 81 -4.60 -31.44 13.77
N THR C 82 -5.20 -30.61 12.91
CA THR C 82 -6.11 -31.07 11.88
C THR C 82 -5.51 -31.02 10.48
N GLY C 83 -4.41 -30.28 10.28
CA GLY C 83 -3.89 -30.09 8.95
C GLY C 83 -4.70 -29.15 8.08
N ILE C 84 -5.70 -28.47 8.64
CA ILE C 84 -6.56 -27.57 7.87
C ILE C 84 -5.96 -26.17 7.96
N PRO C 85 -5.68 -25.50 6.83
CA PRO C 85 -5.23 -24.12 6.93
C PRO C 85 -6.31 -23.20 7.49
N TRP C 86 -5.82 -22.22 8.26
CA TRP C 86 -6.69 -21.32 8.99
C TRP C 86 -7.58 -20.52 8.04
N PHE C 87 -7.05 -20.14 6.87
CA PHE C 87 -7.73 -19.20 5.99
C PHE C 87 -8.94 -19.83 5.30
N THR C 88 -9.05 -21.16 5.26
CA THR C 88 -10.22 -21.86 4.77
C THR C 88 -10.98 -22.58 5.87
N ALA C 89 -10.60 -22.40 7.15
CA ALA C 89 -11.39 -23.00 8.22
C ALA C 89 -12.84 -22.52 8.22
N GLY C 90 -13.12 -21.32 7.75
CA GLY C 90 -14.50 -20.87 7.70
C GLY C 90 -15.35 -21.59 6.67
N THR C 91 -14.73 -22.12 5.60
CA THR C 91 -15.45 -22.98 4.66
C THR C 91 -16.04 -24.19 5.37
N LEU C 92 -15.37 -24.66 6.41
CA LEU C 92 -15.81 -25.83 7.14
C LEU C 92 -17.20 -25.62 7.74
N CYS C 93 -17.39 -24.51 8.44
CA CYS C 93 -18.63 -24.19 9.12
C CYS C 93 -19.44 -23.24 8.27
N THR C 94 -20.61 -23.66 7.84
CA THR C 94 -21.45 -22.94 6.91
C THR C 94 -22.90 -23.07 7.39
N PRO C 95 -23.82 -22.21 6.92
CA PRO C 95 -25.23 -22.32 7.34
C PRO C 95 -25.85 -23.69 7.15
N ASP C 96 -25.55 -24.33 6.01
CA ASP C 96 -26.06 -25.67 5.79
C ASP C 96 -25.29 -26.71 6.61
N ASP C 97 -23.97 -26.57 6.73
CA ASP C 97 -23.11 -27.55 7.40
C ASP C 97 -22.14 -26.84 8.34
N CYS C 98 -22.24 -27.17 9.62
CA CYS C 98 -21.27 -26.76 10.63
C CYS C 98 -21.01 -27.91 11.60
N THR C 99 -21.10 -29.14 11.11
CA THR C 99 -20.91 -30.36 11.90
C THR C 99 -19.51 -30.89 11.83
N ALA C 100 -18.80 -30.63 10.73
CA ALA C 100 -17.44 -31.12 10.56
C ALA C 100 -16.53 -30.66 11.67
N VAL C 101 -16.83 -29.52 12.31
CA VAL C 101 -15.98 -28.98 13.37
C VAL C 101 -15.92 -29.91 14.56
N ALA C 102 -16.93 -30.77 14.74
CA ALA C 102 -17.02 -31.57 15.94
C ALA C 102 -15.92 -32.64 16.01
N ASP C 103 -15.64 -33.30 14.89
CA ASP C 103 -14.65 -34.38 14.89
C ASP C 103 -13.22 -33.85 14.75
N LYS C 104 -13.02 -32.55 14.53
CA LYS C 104 -11.68 -32.04 14.25
C LYS C 104 -10.80 -32.05 15.48
N PHE C 105 -11.37 -31.76 16.63
CA PHE C 105 -10.58 -31.48 17.81
C PHE C 105 -9.80 -32.72 18.25
N PRO C 106 -8.47 -32.67 18.34
CA PRO C 106 -7.74 -33.93 18.57
C PRO C 106 -7.81 -34.39 20.02
N GLY C 107 -7.98 -35.70 20.17
CA GLY C 107 -7.93 -36.35 21.46
C GLY C 107 -9.18 -36.21 22.30
N ALA C 108 -10.27 -35.63 21.77
CA ALA C 108 -11.48 -35.46 22.55
C ALA C 108 -12.12 -36.80 22.90
N VAL C 109 -12.67 -36.88 24.12
CA VAL C 109 -13.25 -38.14 24.62
C VAL C 109 -14.58 -38.50 23.92
N ALA C 110 -15.43 -37.50 23.63
CA ALA C 110 -16.77 -37.59 23.03
C ALA C 110 -16.77 -36.47 22.00
N PRO C 111 -17.80 -36.26 21.11
CA PRO C 111 -17.44 -35.47 19.94
C PRO C 111 -17.56 -34.02 20.43
N LEU C 112 -17.65 -33.04 19.57
CA LEU C 112 -18.23 -31.82 20.10
C LEU C 112 -19.77 -31.92 20.19
N ALA C 113 -20.40 -32.57 19.21
CA ALA C 113 -21.83 -32.55 18.94
C ALA C 113 -22.63 -33.71 19.56
N PRO C 114 -23.96 -33.71 19.41
CA PRO C 114 -24.68 -34.87 19.94
C PRO C 114 -24.50 -36.02 18.97
N GLU C 115 -23.25 -36.33 18.63
CA GLU C 115 -22.99 -37.39 17.66
C GLU C 115 -23.70 -37.09 16.36
N GLY C 116 -24.56 -38.00 15.91
CA GLY C 116 -25.27 -37.80 14.66
C GLY C 116 -26.15 -36.57 14.66
N SER C 117 -26.71 -36.22 15.81
CA SER C 117 -27.60 -35.07 15.88
C SER C 117 -26.93 -33.80 15.42
N GLY C 118 -25.67 -33.60 15.79
CA GLY C 118 -24.94 -32.43 15.35
C GLY C 118 -25.68 -31.13 15.59
N TYR C 119 -26.12 -30.91 16.82
CA TYR C 119 -26.83 -29.68 17.16
C TYR C 119 -26.03 -28.41 16.83
N PRO C 120 -24.72 -28.42 17.12
CA PRO C 120 -23.95 -27.24 16.72
C PRO C 120 -24.17 -26.91 15.26
N SER C 121 -24.60 -25.67 14.98
CA SER C 121 -24.80 -25.25 13.60
C SER C 121 -24.22 -23.86 13.42
N PHE C 122 -23.94 -23.49 12.17
CA PHE C 122 -23.31 -22.19 11.93
C PHE C 122 -24.09 -21.07 12.60
N TRP C 123 -25.40 -21.10 12.47
CA TRP C 123 -26.20 -20.07 13.11
C TRP C 123 -26.26 -20.25 14.62
N ASN C 124 -26.31 -21.51 15.08
CA ASN C 124 -26.30 -21.80 16.50
C ASN C 124 -25.08 -21.20 17.17
N VAL C 125 -23.92 -21.38 16.54
CA VAL C 125 -22.72 -20.75 17.09
C VAL C 125 -22.77 -19.25 16.88
N LEU C 126 -23.25 -18.77 15.72
CA LEU C 126 -23.19 -17.35 15.39
C LEU C 126 -23.91 -16.49 16.42
N ILE C 127 -25.14 -16.87 16.78
CA ILE C 127 -25.87 -16.12 17.80
C ILE C 127 -25.08 -16.08 19.10
N ILE C 128 -24.45 -17.20 19.45
CA ILE C 128 -23.64 -17.29 20.65
C ILE C 128 -22.39 -16.40 20.50
N GLU C 129 -21.75 -16.44 19.32
CA GLU C 129 -20.57 -15.62 19.06
C GLU C 129 -20.90 -14.15 19.23
N ILE C 130 -21.95 -13.68 18.56
CA ILE C 130 -22.26 -12.25 18.56
C ILE C 130 -22.62 -11.79 19.96
N VAL C 131 -23.44 -12.57 20.70
CA VAL C 131 -23.83 -12.11 22.04
C VAL C 131 -22.63 -12.11 22.99
N LEU C 132 -21.83 -13.19 22.99
CA LEU C 132 -20.75 -13.27 23.96
C LEU C 132 -19.65 -12.27 23.66
N VAL C 133 -19.23 -12.17 22.40
CA VAL C 133 -18.18 -11.23 22.05
C VAL C 133 -18.66 -9.79 22.19
N GLY C 134 -19.93 -9.52 21.86
CA GLY C 134 -20.43 -8.18 22.04
C GLY C 134 -20.46 -7.75 23.49
N ALA C 135 -20.86 -8.68 24.38
CA ALA C 135 -20.82 -8.39 25.80
C ALA C 135 -19.38 -8.16 26.28
N ALA C 136 -18.46 -9.04 25.86
CA ALA C 136 -17.07 -8.90 26.29
C ALA C 136 -16.47 -7.60 25.79
N GLU C 137 -16.69 -7.29 24.51
CA GLU C 137 -16.31 -6.02 23.91
C GLU C 137 -16.83 -4.84 24.72
N ALA C 138 -18.16 -4.73 24.83
CA ALA C 138 -18.78 -3.55 25.40
C ALA C 138 -18.39 -3.35 26.85
N TYR C 139 -18.30 -4.44 27.62
CA TYR C 139 -17.84 -4.32 29.00
C TYR C 139 -16.37 -4.01 29.06
N ARG C 140 -15.61 -4.31 28.01
CA ARG C 140 -14.24 -3.85 27.92
C ARG C 140 -14.17 -2.35 27.74
N THR C 141 -14.72 -1.88 26.63
CA THR C 141 -14.53 -0.53 26.16
C THR C 141 -15.40 0.47 26.92
N GLY C 142 -16.42 -0.01 27.63
CA GLY C 142 -17.30 0.88 28.37
C GLY C 142 -18.43 1.48 27.57
N ILE C 143 -18.85 0.85 26.47
CA ILE C 143 -20.08 1.28 25.82
C ILE C 143 -21.25 1.08 26.77
N SER C 144 -21.27 -0.07 27.45
CA SER C 144 -22.16 -0.36 28.56
C SER C 144 -21.39 -0.37 29.87
N ASP C 145 -22.14 -0.22 30.95
CA ASP C 145 -21.56 -0.22 32.29
C ASP C 145 -20.87 -1.54 32.60
N SER C 146 -19.80 -1.46 33.38
CA SER C 146 -19.04 -2.65 33.74
C SER C 146 -19.86 -3.50 34.69
N PRO C 147 -20.18 -4.77 34.37
CA PRO C 147 -20.93 -5.60 35.32
C PRO C 147 -20.19 -5.84 36.62
N PHE C 148 -18.87 -5.92 36.55
CA PHE C 148 -18.08 -6.23 37.73
C PHE C 148 -18.12 -5.11 38.76
N ASP C 149 -18.32 -3.85 38.31
CA ASP C 149 -18.41 -2.60 39.07
C ASP C 149 -17.52 -2.57 40.30
N ASP C 150 -16.26 -2.98 40.10
CA ASP C 150 -15.29 -3.22 41.17
C ASP C 150 -14.16 -2.19 41.14
N GLY C 151 -14.42 -1.00 40.61
CA GLY C 151 -13.40 0.02 40.46
C GLY C 151 -12.58 -0.07 39.19
N LEU C 152 -12.83 -1.07 38.34
CA LEU C 152 -12.12 -1.17 37.07
C LEU C 152 -12.48 0.00 36.17
N THR C 153 -11.49 0.48 35.41
CA THR C 153 -11.65 1.61 34.50
C THR C 153 -11.59 1.11 33.06
N VAL C 154 -12.55 1.53 32.26
CA VAL C 154 -12.59 1.19 30.84
C VAL C 154 -11.67 2.11 30.07
N GLY C 155 -11.14 1.60 28.95
CA GLY C 155 -10.19 2.33 28.15
C GLY C 155 -8.74 2.16 28.56
N ASP C 156 -8.45 1.23 29.48
CA ASP C 156 -7.10 0.84 29.84
C ASP C 156 -6.90 -0.58 29.33
N VAL C 157 -5.78 -0.80 28.67
CA VAL C 157 -5.44 -2.09 28.13
C VAL C 157 -5.02 -3.06 29.21
N ASN C 158 -4.39 -2.58 30.28
CA ASN C 158 -3.89 -3.40 31.38
C ASN C 158 -4.68 -3.09 32.65
N PRO C 159 -5.82 -3.77 32.90
CA PRO C 159 -6.60 -3.49 34.11
C PRO C 159 -5.84 -3.88 35.36
N GLY C 160 -5.38 -5.13 35.38
CA GLY C 160 -4.62 -5.64 36.50
C GLY C 160 -5.37 -5.70 37.82
N GLY C 161 -6.70 -5.58 37.79
CA GLY C 161 -7.52 -5.58 38.99
C GLY C 161 -8.21 -6.90 39.22
N ARG C 162 -8.80 -7.45 38.15
CA ARG C 162 -9.52 -8.72 38.19
C ARG C 162 -9.01 -9.74 37.19
N PHE C 163 -8.50 -9.31 36.05
CA PHE C 163 -8.00 -10.22 35.02
C PHE C 163 -6.63 -10.79 35.33
N ASP C 164 -6.11 -10.59 36.54
CA ASP C 164 -4.92 -11.25 37.03
C ASP C 164 -5.22 -11.87 38.39
N PRO C 165 -5.98 -12.97 38.43
CA PRO C 165 -6.11 -13.68 39.71
C PRO C 165 -4.79 -14.27 40.19
N LEU C 166 -3.90 -14.64 39.27
CA LEU C 166 -2.65 -15.28 39.67
C LEU C 166 -1.68 -14.30 40.32
N GLY C 167 -1.89 -13.00 40.16
CA GLY C 167 -1.07 -12.02 40.82
C GLY C 167 0.28 -11.76 40.18
N LEU C 168 0.53 -12.28 38.98
CA LEU C 168 1.79 -12.00 38.31
C LEU C 168 1.92 -10.54 37.92
N ALA C 169 0.80 -9.82 37.77
CA ALA C 169 0.87 -8.37 37.59
C ALA C 169 1.36 -7.70 38.86
N GLU C 170 0.80 -8.12 40.00
CA GLU C 170 1.16 -7.53 41.28
C GLU C 170 2.62 -7.82 41.62
N SER C 171 3.02 -9.08 41.51
CA SER C 171 4.39 -9.48 41.77
C SER C 171 5.27 -9.18 40.55
N GLY C 172 6.58 -9.25 40.77
CA GLY C 172 7.53 -9.06 39.69
C GLY C 172 7.63 -7.61 39.25
N ASP C 173 8.47 -7.40 38.25
CA ASP C 173 8.64 -6.08 37.63
C ASP C 173 7.56 -5.94 36.58
N LEU C 174 6.51 -5.19 36.93
CA LEU C 174 5.34 -5.15 36.08
C LEU C 174 5.66 -4.45 34.77
N GLU C 175 6.51 -3.43 34.83
CA GLU C 175 6.79 -2.71 33.59
C GLU C 175 7.57 -3.61 32.65
N GLU C 176 8.54 -4.37 33.17
CA GLU C 176 9.28 -5.30 32.33
C GLU C 176 8.33 -6.32 31.70
N LEU C 177 7.28 -6.72 32.42
CA LEU C 177 6.33 -7.64 31.82
C LEU C 177 5.48 -6.97 30.74
N LYS C 178 5.17 -5.68 30.89
CA LYS C 178 4.53 -4.96 29.79
C LYS C 178 5.41 -4.95 28.55
N ILE C 179 6.72 -4.84 28.76
CA ILE C 179 7.65 -4.82 27.64
C ILE C 179 7.64 -6.16 26.90
N LYS C 180 7.73 -7.25 27.65
CA LYS C 180 7.74 -8.57 27.03
C LYS C 180 6.46 -8.80 26.25
N GLU C 181 5.33 -8.49 26.86
CA GLU C 181 4.05 -8.68 26.19
C GLU C 181 4.02 -7.87 24.91
N LEU C 182 4.47 -6.61 24.99
CA LEU C 182 4.51 -5.77 23.81
C LEU C 182 5.35 -6.43 22.73
N LYS C 183 6.56 -6.83 23.08
CA LYS C 183 7.44 -7.48 22.12
C LYS C 183 6.76 -8.69 21.48
N HIS C 184 6.11 -9.52 22.31
CA HIS C 184 5.39 -10.66 21.76
C HIS C 184 4.24 -10.21 20.88
N CYS C 185 3.58 -9.11 21.26
CA CYS C 185 2.49 -8.54 20.47
C CYS C 185 2.96 -8.16 19.07
N ARG C 186 4.05 -7.38 19.00
CA ARG C 186 4.55 -6.91 17.73
C ARG C 186 5.07 -8.07 16.88
N LEU C 187 5.79 -9.01 17.51
CA LEU C 187 6.27 -10.19 16.79
C LEU C 187 5.12 -11.00 16.23
N SER C 188 4.07 -11.22 17.03
CA SER C 188 2.95 -12.02 16.59
C SER C 188 2.19 -11.34 15.46
N MET C 189 2.05 -10.02 15.51
CA MET C 189 1.37 -9.34 14.41
C MET C 189 2.18 -9.40 13.13
N PHE C 190 3.49 -9.22 13.24
CA PHE C 190 4.33 -9.33 12.05
C PHE C 190 4.27 -10.73 11.49
N ALA C 191 4.26 -11.74 12.37
CA ALA C 191 4.08 -13.12 11.94
C ALA C 191 2.70 -13.34 11.33
N TRP C 192 1.67 -12.67 11.85
CA TRP C 192 0.35 -12.79 11.26
C TRP C 192 0.34 -12.24 9.84
N LEU C 193 0.92 -11.04 9.66
CA LEU C 193 1.02 -10.46 8.33
C LEU C 193 1.78 -11.37 7.38
N GLY C 194 2.85 -12.00 7.89
CA GLY C 194 3.52 -13.02 7.12
C GLY C 194 2.63 -14.18 6.77
N CYS C 195 1.81 -14.62 7.72
CA CYS C 195 0.93 -15.76 7.48
C CYS C 195 -0.10 -15.45 6.40
N ILE C 196 -0.68 -14.23 6.42
CA ILE C 196 -1.68 -13.91 5.41
C ILE C 196 -1.02 -13.78 4.04
N PHE C 197 0.19 -13.18 3.99
CA PHE C 197 0.84 -13.05 2.69
C PHE C 197 1.32 -14.39 2.16
N GLN C 198 1.70 -15.31 3.05
CA GLN C 198 2.05 -16.66 2.61
C GLN C 198 0.83 -17.44 2.16
N ALA C 199 -0.31 -17.24 2.81
CA ALA C 199 -1.54 -17.85 2.33
C ALA C 199 -1.89 -17.33 0.94
N LEU C 200 -1.71 -16.03 0.72
CA LEU C 200 -1.99 -15.46 -0.59
C LEU C 200 -1.03 -15.99 -1.64
N ALA C 201 0.26 -16.08 -1.33
CA ALA C 201 1.26 -16.48 -2.32
C ALA C 201 1.35 -17.99 -2.46
N THR C 202 1.74 -18.67 -1.39
CA THR C 202 2.02 -20.11 -1.44
C THR C 202 0.74 -20.92 -1.58
N GLN C 203 -0.35 -20.47 -0.96
CA GLN C 203 -1.64 -21.15 -0.95
C GLN C 203 -1.61 -22.48 -0.21
N GLU C 204 -0.57 -22.73 0.58
CA GLU C 204 -0.33 -24.03 1.21
C GLU C 204 -0.73 -24.04 2.67
N GLY C 205 -0.31 -23.02 3.42
CA GLY C 205 -0.61 -22.90 4.83
C GLY C 205 0.61 -22.47 5.61
N PRO C 206 0.45 -21.88 6.80
CA PRO C 206 1.64 -21.41 7.54
C PRO C 206 2.58 -22.52 7.95
N ILE C 207 2.07 -23.54 8.64
CA ILE C 207 2.94 -24.60 9.11
C ILE C 207 3.38 -25.47 7.96
N ALA C 208 2.53 -25.66 6.94
CA ALA C 208 2.97 -26.41 5.77
C ALA C 208 4.13 -25.70 5.08
N ASN C 209 4.07 -24.37 5.01
CA ASN C 209 5.19 -23.59 4.47
C ASN C 209 6.42 -23.73 5.36
N TRP C 210 6.22 -23.73 6.67
CA TRP C 210 7.33 -23.92 7.59
C TRP C 210 8.01 -25.28 7.37
N GLN C 211 7.21 -26.32 7.20
CA GLN C 211 7.77 -27.66 6.99
C GLN C 211 8.49 -27.74 5.65
N SER C 212 7.94 -27.10 4.61
CA SER C 212 8.60 -27.08 3.32
C SER C 212 9.96 -26.37 3.41
N HIS C 213 9.98 -25.22 4.08
CA HIS C 213 11.21 -24.47 4.24
C HIS C 213 12.24 -25.24 5.06
N VAL C 214 11.80 -25.93 6.12
CA VAL C 214 12.74 -26.67 6.95
C VAL C 214 13.26 -27.90 6.22
N ALA C 215 12.39 -28.58 5.46
CA ALA C 215 12.80 -29.78 4.74
C ALA C 215 13.89 -29.44 3.77
N ASP C 216 13.76 -28.29 3.12
CA ASP C 216 14.79 -27.79 2.22
C ASP C 216 14.70 -26.27 2.31
N PRO C 217 15.62 -25.62 3.04
CA PRO C 217 15.62 -24.15 3.02
C PRO C 217 16.22 -23.54 1.77
N VAL C 218 17.17 -24.20 1.11
CA VAL C 218 17.89 -23.56 0.02
C VAL C 218 16.98 -23.39 -1.19
N HIS C 219 16.21 -24.43 -1.53
CA HIS C 219 15.34 -24.45 -2.72
C HIS C 219 13.86 -24.39 -2.34
N SER C 220 13.53 -23.77 -1.21
CA SER C 220 12.13 -23.50 -0.85
C SER C 220 12.10 -22.21 -0.03
N ASN C 221 11.89 -21.09 -0.73
CA ASN C 221 11.95 -19.75 -0.16
C ASN C 221 10.93 -18.89 -0.88
N VAL C 222 10.85 -17.63 -0.47
CA VAL C 222 9.99 -16.67 -1.15
C VAL C 222 10.51 -16.41 -2.56
N LEU C 223 11.83 -16.37 -2.71
CA LEU C 223 12.43 -16.10 -4.00
C LEU C 223 12.38 -17.32 -4.91
N THR C 224 12.46 -18.53 -4.34
CA THR C 224 12.20 -19.73 -5.13
C THR C 224 10.76 -19.76 -5.61
N ASN C 225 9.82 -19.39 -4.73
CA ASN C 225 8.42 -19.35 -5.13
C ASN C 225 8.18 -18.26 -6.16
N ALA C 226 8.87 -17.14 -6.04
CA ALA C 226 8.76 -16.08 -7.06
C ALA C 226 9.31 -16.56 -8.39
N ALA C 227 10.43 -17.29 -8.38
CA ALA C 227 10.97 -17.86 -9.61
C ALA C 227 9.99 -18.81 -10.26
N LYS C 228 9.41 -19.71 -9.47
CA LYS C 228 8.36 -20.59 -9.99
C LYS C 228 7.07 -19.83 -10.31
N GLY C 229 6.89 -18.63 -9.78
CA GLY C 229 5.64 -17.89 -9.77
C GLY C 229 4.75 -18.30 -8.60
N PHE C 230 3.92 -17.36 -8.15
CA PHE C 230 3.04 -17.61 -7.00
C PHE C 230 1.71 -18.24 -7.40
N GLY C 231 1.70 -19.04 -8.47
CA GLY C 231 0.48 -19.53 -9.05
C GLY C 231 -0.16 -18.60 -10.06
N PHE C 232 0.39 -17.39 -10.22
CA PHE C 232 -0.12 -16.37 -11.12
C PHE C 232 0.88 -15.92 -12.17
N TYR C 233 2.12 -16.43 -12.13
CA TYR C 233 3.18 -15.99 -13.02
C TYR C 233 4.03 -17.18 -13.47
MG CLA D . -12.45 11.36 5.72
CHA CLA D . -11.94 12.48 8.94
CHB CLA D . -9.85 13.33 4.67
CHC CLA D . -12.04 9.39 3.02
CHD CLA D . -14.66 8.93 7.07
NA CLA D . -11.17 12.70 6.66
C1A CLA D . -11.11 13.04 8.01
C2A CLA D . -10.01 14.06 8.26
C3A CLA D . -9.79 14.60 6.84
C4A CLA D . -10.28 13.46 5.97
CMA CLA D . -10.57 15.84 6.61
CAA CLA D . -8.86 13.29 8.90
CBA CLA D . -7.51 13.32 8.21
CGA CLA D . -7.44 12.22 7.18
O1A CLA D . -8.28 11.38 6.87
O2A CLA D . -6.22 12.18 6.56
NB CLA D . -11.12 11.31 4.20
C1B CLA D . -10.31 12.33 3.83
C2B CLA D . -10.00 12.30 2.38
C3B CLA D . -10.61 11.18 1.89
C4B CLA D . -11.29 10.51 3.06
CMB CLA D . -9.17 13.29 1.71
CAB CLA D . -10.59 10.69 0.53
CBB CLA D . -9.51 10.47 -0.21
NC CLA D . -13.35 9.59 5.07
C1C CLA D . -13.12 9.00 3.88
C2C CLA D . -13.96 7.80 3.73
C3C CLA D . -14.64 7.64 4.93
C4C CLA D . -14.25 8.76 5.75
CMC CLA D . -14.11 6.90 2.58
CAC CLA D . -15.63 6.60 5.24
CBC CLA D . -14.96 5.35 5.72
ND CLA D . -13.34 10.93 7.49
C1D CLA D . -14.23 9.92 7.90
C2D CLA D . -14.55 10.08 9.33
C3D CLA D . -13.70 11.07 9.78
C4D CLA D . -12.92 11.51 8.60
CMD CLA D . -15.52 9.31 10.09
CAD CLA D . -13.25 11.85 10.91
OBD CLA D . -13.66 11.86 12.07
CBD CLA D . -12.05 12.71 10.41
CGD CLA D . -12.28 14.15 10.73
O1D CLA D . -12.86 14.99 10.03
O2D CLA D . -11.78 14.51 11.95
CED CLA D . -11.80 15.86 12.37
C1 CLA D . -6.24 12.22 5.12
C2 CLA D . -6.45 10.83 4.64
C3 CLA D . -5.53 9.85 4.72
C4 CLA D . -4.16 10.10 5.27
C5 CLA D . -5.95 8.51 4.16
C6 CLA D . -4.87 7.51 3.72
C7 CLA D . -5.47 6.17 3.37
C8 CLA D . -5.94 5.23 4.50
C9 CLA D . -4.83 4.88 5.48
C10 CLA D . -6.47 3.87 4.01
C11 CLA D . -7.53 3.81 2.92
C12 CLA D . -7.49 2.63 1.97
C13 CLA D . -7.34 3.01 0.50
C14 CLA D . -8.65 3.58 -0.02
C15 CLA D . -6.90 1.77 -0.30
C16 CLA D . -6.88 1.97 -1.81
C17 CLA D . -6.36 0.76 -2.56
C18 CLA D . -6.85 0.71 -4.01
C19 CLA D . -6.19 1.81 -4.83
C20 CLA D . -6.49 -0.62 -4.61
MG CLA E . -7.69 10.44 -4.84
CHA CLA E . -5.39 11.05 -2.29
CHB CLA E . -6.34 13.09 -6.56
CHC CLA E . -9.24 9.38 -7.70
CHD CLA E . -8.37 7.30 -3.35
NA CLA E . -6.19 11.84 -4.45
C1A CLA E . -5.38 11.94 -3.32
C2A CLA E . -4.39 13.07 -3.48
C3A CLA E . -4.95 13.88 -4.66
C4A CLA E . -5.89 12.87 -5.29
CMA CLA E . -5.69 15.09 -4.15
CAA CLA E . -3.02 12.48 -3.77
CBA CLA E . -2.89 11.41 -4.86
CGA CLA E . -1.70 10.56 -4.54
O1A CLA E . -1.69 9.54 -3.84
O2A CLA E . -0.52 10.98 -5.09
NB CLA E . -7.73 11.08 -6.75
C1B CLA E . -7.22 12.24 -7.22
C2B CLA E . -7.73 12.54 -8.59
C3B CLA E . -8.56 11.51 -8.91
C4B CLA E . -8.58 10.56 -7.76
CMB CLA E . -7.35 13.71 -9.37
CAB CLA E . -9.27 11.31 -10.12
CBB CLA E . -9.10 10.27 -10.91
NC CLA E . -8.69 8.69 -5.39
C1C CLA E . -9.30 8.49 -6.59
C2C CLA E . -9.97 7.19 -6.62
C3C CLA E . -9.64 6.57 -5.41
C4C CLA E . -8.87 7.52 -4.63
CMC CLA E . -10.73 6.58 -7.71
CAC CLA E . -10.08 5.23 -4.96
CBC CLA E . -9.10 4.15 -5.34
ND CLA E . -7.17 9.44 -3.16
C1D CLA E . -7.57 8.17 -2.64
C2D CLA E . -6.97 8.00 -1.28
C3D CLA E . -6.12 9.08 -1.12
C4D CLA E . -6.26 9.91 -2.32
CMD CLA E . -7.20 6.90 -0.37
CAD CLA E . -5.21 9.76 -0.22
OBD CLA E . -4.91 9.50 0.94
CBD CLA E . -4.59 10.95 -1.01
CGD CLA E . -4.56 12.22 -0.21
O1D CLA E . -3.88 13.21 -0.43
O2D CLA E . -5.37 12.26 0.89
CED CLA E . -5.24 13.42 1.71
C1 CLA E . -0.28 10.90 -6.51
C2 CLA E . -0.30 9.48 -6.96
C3 CLA E . 0.75 8.63 -6.90
C4 CLA E . 2.05 9.07 -6.33
C5 CLA E . 0.58 7.23 -7.41
C6 CLA E . 1.17 6.17 -6.51
C7 CLA E . 0.77 4.77 -6.88
C8 CLA E . -0.61 4.28 -6.44
C9 CLA E . -0.73 4.07 -4.94
C10 CLA E . -0.97 3.02 -7.23
C11 CLA E . 0.08 1.92 -7.22
C12 CLA E . -0.47 0.51 -7.33
C13 CLA E . -1.13 -0.25 -6.16
C14 CLA E . -2.65 -0.06 -6.22
C15 CLA E . -0.37 -0.02 -4.81
C16 CLA E . -0.96 -0.55 -3.50
C17 CLA E . -0.63 0.32 -2.28
C18 CLA E . -1.35 0.00 -0.97
C19 CLA E . -1.19 1.15 0.02
C20 CLA E . -2.83 -0.11 -1.18
MG CLA F . -22.94 7.68 -16.52
CHA CLA F . -23.61 6.10 -19.54
CHB CLA F . -19.79 8.39 -17.66
CHC CLA F . -22.52 10.00 -14.02
CHD CLA F . -26.41 7.54 -15.78
NA CLA F . -21.91 7.31 -18.29
C1A CLA F . -22.36 6.65 -19.45
C2A CLA F . -21.26 6.61 -20.52
C3A CLA F . -20.01 7.14 -19.77
C4A CLA F . -20.61 7.69 -18.49
CMA CLA F . -18.96 6.08 -19.51
CAA CLA F . -21.75 7.41 -21.74
CBA CLA F . -20.83 8.42 -22.43
CGA CLA F . -21.01 9.76 -21.77
O1A CLA F . -20.51 10.18 -20.72
O2A CLA F . -21.88 10.57 -22.47
NB CLA F . -21.47 8.95 -15.98
C1B CLA F . -20.21 8.95 -16.46
C2B CLA F . -19.29 9.73 -15.59
C3B CLA F . -20.06 10.19 -14.54
C4B CLA F . -21.46 9.71 -14.80
CMB CLA F . -17.88 9.91 -15.92
CAB CLA F . -19.71 11.03 -13.44
CBB CLA F . -18.61 10.89 -12.71
NC CLA F . -24.24 8.57 -15.13
C1C CLA F . -23.85 9.47 -14.16
C2C CLA F . -24.99 9.86 -13.34
C3C CLA F . -26.10 9.21 -13.89
C4C CLA F . -25.61 8.40 -14.99
CMC CLA F . -25.02 10.82 -12.20
CAC CLA F . -27.49 9.26 -13.41
CBC CLA F . -28.35 10.27 -14.13
ND CLA F . -24.64 7.00 -17.37
C1D CLA F . -25.97 6.86 -16.89
C2D CLA F . -26.72 5.93 -17.78
C3D CLA F . -25.84 5.59 -18.79
C4D CLA F . -24.59 6.31 -18.51
CMD CLA F . -28.09 5.46 -17.60
CAD CLA F . -25.65 4.81 -20.00
OBD CLA F . -26.42 4.01 -20.54
CBD CLA F . -24.23 5.17 -20.55
CGD CLA F . -23.40 3.94 -20.78
O1D CLA F . -23.00 3.51 -21.87
O2D CLA F . -23.09 3.25 -19.65
CED CLA F . -21.71 3.11 -19.28
C1 CLA F . -22.67 11.47 -21.66
C2 CLA F . -23.93 11.82 -22.37
C3 CLA F . -24.72 12.85 -22.00
C4 CLA F . -25.97 13.15 -22.73
C5 CLA F . -24.40 13.75 -20.85
MG CHL G . -25.24 13.82 -31.24
CHA CHL G . -27.67 14.76 -28.97
CHB CHL G . -27.57 13.99 -33.72
CHC CHL G . -22.72 14.55 -33.41
CHD CHL G . -22.94 13.51 -28.59
NA CHL G . -27.28 14.26 -31.31
C1A CHL G . -28.11 14.71 -30.28
C2A CHL G . -29.51 15.03 -30.83
C3A CHL G . -29.49 14.48 -32.31
C4A CHL G . -28.01 14.15 -32.45
CMA CHL G . -30.54 13.44 -32.68
CAA CHL G . -29.97 16.49 -30.60
CBA CHL G . -29.78 17.56 -31.68
CGA CHL G . -30.36 18.88 -31.25
O1A CHL G . -30.70 19.26 -30.13
O2A CHL G . -30.52 19.72 -32.32
NB CHL G . -25.17 14.20 -33.22
C1B CHL G . -26.22 14.17 -34.07
C2B CHL G . -25.80 14.51 -35.46
C3B CHL G . -24.44 14.71 -35.39
C4B CHL G . -24.00 14.48 -33.96
CMB CHL G . -26.77 14.61 -36.56
CAB CHL G . -23.54 14.92 -36.49
CBB CHL G . -23.69 14.55 -37.77
NC CHL G . -23.17 13.98 -31.03
C1C CHL G . -22.32 14.28 -32.05
C2C CHL G . -20.94 14.31 -31.52
C3C CHL G . -21.00 13.96 -30.17
C4C CHL G . -22.42 13.76 -29.87
CMC CHL G . -19.72 14.48 -32.31
OMC CHL G . -18.66 14.00 -31.96
CAC CHL G . -19.87 13.88 -29.21
CBC CHL G . -19.58 15.27 -28.71
ND CHL G . -25.24 14.04 -29.25
C1D CHL G . -24.22 13.84 -28.27
C2D CHL G . -24.77 14.16 -26.94
C3D CHL G . -26.08 14.51 -27.14
C4D CHL G . -26.32 14.42 -28.59
CMD CHL G . -23.99 14.11 -25.70
CAD CHL G . -27.31 14.92 -26.52
OBD CHL G . -27.56 15.12 -25.34
CBD CHL G . -28.36 15.08 -27.66
CGD CHL G . -29.52 14.17 -27.39
O1D CHL G . -29.64 13.01 -27.78
O2D CHL G . -30.50 14.70 -26.60
CED CHL G . -31.38 15.72 -27.09
MG CHL H . -16.07 10.96 -20.57
CHA CHL H . -18.47 12.78 -22.30
CHB CHL H . -15.72 13.53 -18.37
CHC CHL H . -14.99 8.71 -18.28
CHD CHL H . -16.49 8.38 -22.94
NA CHL H . -16.97 12.83 -20.38
C1A CHL H . -18.00 13.39 -21.16
C2A CHL H . -18.53 14.69 -20.55
C3A CHL H . -17.52 14.96 -19.41
C4A CHL H . -16.61 13.72 -19.40
CMA CHL H . -16.86 16.29 -19.61
CAA CHL H . -20.00 14.56 -20.10
CBA CHL H . -21.00 15.48 -20.78
CGA CHL H . -20.77 16.92 -20.54
O1A CHL H . -19.79 17.62 -20.78
O2A CHL H . -21.91 17.50 -20.02
NB CHL H . -15.45 11.09 -18.66
C1B CHL H . -15.32 12.24 -17.94
C2B CHL H . -14.84 11.90 -16.56
C3B CHL H . -14.60 10.53 -16.50
C4B CHL H . -15.02 10.01 -17.86
CMB CHL H . -14.60 12.95 -15.56
CAB CHL H . -14.23 9.67 -15.38
CBB CHL H . -14.39 9.87 -14.06
NC CHL H . -15.78 8.89 -20.60
C1C CHL H . -15.33 8.17 -19.55
C2C CHL H . -15.24 6.74 -19.90
C3C CHL H . -15.66 6.67 -21.24
C4C CHL H . -15.97 8.03 -21.68
CMC CHL H . -14.79 5.57 -19.10
OMC CHL H . -14.33 5.64 -17.97
CAC CHL H . -15.73 5.44 -22.03
CBC CHL H . -14.35 5.07 -22.48
ND CHL H . -17.18 10.59 -22.23
C1D CHL H . -17.21 9.51 -23.13
C2D CHL H . -18.19 9.77 -24.19
C3D CHL H . -18.73 11.01 -23.92
C4D CHL H . -18.05 11.49 -22.69
CMD CHL H . -18.52 8.84 -25.26
CAD CHL H . -19.65 12.05 -24.34
OBD CHL H . -20.42 12.08 -25.30
CBD CHL H . -19.51 13.18 -23.31
CGD CHL H . -19.17 14.50 -23.91
O1D CHL H . -18.04 14.95 -24.05
O2D CHL H . -20.32 15.16 -24.23
CED CHL H . -20.41 16.36 -24.98
MG CHL I . -11.21 5.10 -18.00
CHA CHL I . -10.33 1.84 -18.86
CHB CHL I . -10.72 4.28 -14.71
CHC CHL I . -11.42 8.38 -17.19
CHD CHL I . -11.11 5.97 -21.43
NA CHL I . -10.79 3.33 -16.99
C1A CHL I . -10.46 2.06 -17.51
C2A CHL I . -10.18 1.07 -16.37
C3A CHL I . -10.84 1.82 -15.18
C4A CHL I . -10.76 3.26 -15.63
CMA CHL I . -12.24 1.35 -14.91
CAA CHL I . -8.68 0.77 -16.31
CBA CHL I . -8.08 0.22 -15.00
CGA CHL I . -6.61 0.36 -14.97
O1A CHL I . -5.91 1.28 -15.40
O2A CHL I . -6.01 -0.67 -14.30
NB CHL I . -11.09 6.13 -16.28
C1B CHL I . -10.90 5.64 -15.03
C2B CHL I . -10.91 6.76 -14.04
C3B CHL I . -11.13 7.92 -14.72
C4B CHL I . -11.24 7.53 -16.16
CMB CHL I . -10.71 6.55 -12.61
CAB CHL I . -11.02 9.26 -14.20
CBB CHL I . -10.29 10.27 -14.71
NC CHL I . -11.26 6.87 -19.11
C1C CHL I . -11.38 8.11 -18.57
C2C CHL I . -11.41 9.16 -19.59
C3C CHL I . -11.33 8.46 -20.79
C4C CHL I . -11.25 7.02 -20.49
CMC CHL I . -11.47 10.65 -19.44
OMC CHL I . -11.35 11.28 -18.41
CAC CHL I . -11.29 9.07 -22.12
CBC CHL I . -12.64 9.49 -22.65
ND CHL I . -10.82 4.19 -19.76
C1D CHL I . -10.86 4.66 -21.09
C2D CHL I . -10.50 3.54 -21.99
C3D CHL I . -10.30 2.43 -21.19
C4D CHL I . -10.50 2.90 -19.81
CMD CHL I . -10.43 3.64 -23.43
CAD CHL I . -9.99 1.02 -21.16
OBD CHL I . -9.70 0.26 -22.07
CBD CHL I . -9.96 0.61 -19.65
CGD CHL I . -10.88 -0.53 -19.41
O1D CHL I . -12.11 -0.48 -19.32
O2D CHL I . -10.26 -1.74 -19.29
CED CHL I . -10.95 -2.70 -18.50
C1 CHL I . -6.27 -0.83 -12.88
C2 CHL I . -5.81 0.42 -12.19
C3 CHL I . -6.18 0.83 -10.96
C4 CHL I . -7.17 0.05 -10.16
C5 CHL I . -5.61 2.10 -10.38
C6 CHL I . -5.07 1.98 -8.97
MG CHL J . -16.41 24.39 -10.92
CHA CHL J . -17.78 21.64 -9.27
CHB CHL J . -17.99 23.25 -13.75
CHC CHL J . -15.79 27.34 -12.38
CHD CHL J . -15.71 25.78 -7.71
NA CHL J . -17.45 22.66 -11.44
C1A CHL J . -17.90 21.62 -10.61
C2A CHL J . -18.68 20.58 -11.42
C3A CHL J . -18.30 20.95 -12.87
C4A CHL J . -17.89 22.40 -12.69
CMA CHL J . -17.15 20.13 -13.39
CAA CHL J . -20.21 20.55 -11.16
CBA CHL J . -20.93 21.80 -10.65
CGA CHL J . -20.93 22.93 -11.64
NB CHL J . -16.81 25.16 -12.75
C1B CHL J . -17.46 24.56 -13.77
C2B CHL J . -17.53 25.49 -14.95
C3B CHL J . -16.89 26.68 -14.61
C4B CHL J . -16.42 26.44 -13.18
CMB CHL J . -18.18 25.02 -16.18
CAB CHL J . -16.76 27.93 -15.37
CBB CHL J . -17.43 28.41 -16.44
NC CHL J . -15.83 26.25 -10.17
C1C CHL J . -15.61 27.32 -10.96
C2C CHL J . -15.22 28.49 -10.16
C3C CHL J . -15.20 28.02 -8.84
C4C CHL J . -15.58 26.61 -8.84
CMC CHL J . -14.89 29.89 -10.58
OMC CHL J . -14.89 30.28 -11.72
CAC CHL J . -14.87 28.84 -7.68
CBC CHL J . -13.42 29.18 -7.56
ND CHL J . -16.65 23.91 -8.96
C1D CHL J . -16.28 24.55 -7.74
C2D CHL J . -16.69 23.72 -6.59
C3D CHL J . -17.26 22.60 -7.12
C4D CHL J . -17.22 22.76 -8.58
CMD CHL J . -16.48 24.06 -5.18
CAD CHL J . -17.89 21.32 -6.83
OBD CHL J . -18.14 20.80 -5.74
CBD CHL J . -18.26 20.69 -8.21
CGD CHL J . -17.57 19.39 -8.43
O1D CHL J . -16.59 19.20 -9.17
O2D CHL J . -18.09 18.35 -7.75
CED CHL J . -17.66 17.06 -8.20
NB KC2 K . -7.66 18.10 -12.19
ND KC2 K . -9.30 16.62 -8.83
C1A KC2 K . -7.37 18.88 -7.98
C1B KC2 K . -6.74 19.11 -12.31
C1C KC2 K . -9.65 15.86 -12.89
C1D KC2 K . -10.23 15.57 -8.63
C2A KC2 K . -6.44 20.00 -7.54
C2B KC2 K . -6.49 19.33 -13.76
C2C KC2 K . -10.57 14.82 -13.28
C2D KC2 K . -10.45 15.38 -7.19
C3A KC2 K . -5.74 20.42 -8.82
C3B KC2 K . -7.27 18.45 -14.47
C3C KC2 K . -11.17 14.32 -12.15
C3D KC2 K . -9.69 16.35 -6.57
C4A KC2 K . -6.43 19.62 -9.93
C4B KC2 K . -8.00 17.64 -13.48
C4C KC2 K . -10.57 15.06 -11.03
C4D KC2 K . -9.00 17.09 -7.63
CAA KC2 K . -5.37 19.51 -6.62
CAB KC2 K . -7.39 18.22 -15.88
CAC KC2 K . -12.17 13.23 -12.23
CAD KC2 K . -9.26 16.90 -5.31
CBA KC2 K . -5.53 20.03 -5.22
CBB KC2 K . -6.41 18.18 -16.76
CBC KC2 K . -12.71 12.74 -11.11
CBD KC2 K . -8.28 18.06 -5.63
CED KC2 K . -8.91 20.37 -2.90
CGA KC2 K . -5.44 21.52 -5.11
CGD KC2 K . -8.78 19.34 -5.03
CHA KC2 K . -8.14 18.11 -7.13
CHB KC2 K . -6.12 19.83 -11.27
CHC KC2 K . -8.89 16.64 -13.79
CHD KC2 K . -10.81 14.88 -9.66
CMA KC2 K . -5.92 21.89 -8.96
CMB KC2 K . -5.57 20.34 -14.26
CMC KC2 K . -10.81 14.38 -14.66
CMD KC2 K . -11.30 14.36 -6.62
NA KC2 K . -7.31 18.72 -9.37
NC KC2 K . -9.65 15.98 -11.54
O1A KC2 K . -5.93 22.23 -4.25
O1D KC2 K . -8.85 20.45 -5.56
O2A KC2 K . -4.72 22.12 -6.09
O2D KC2 K . -9.16 19.25 -3.74
OBD KC2 K . -9.56 16.57 -4.16
MG KC2 K . -8.40 17.31 -10.49
MG CLA L . -23.50 19.67 -2.73
CHA CLA L . -23.75 23.13 -2.34
CHB CLA L . -25.74 19.29 -0.15
CHC CLA L . -24.10 16.43 -3.69
CHD CLA L . -21.88 20.25 -5.79
NA CLA L . -24.51 20.98 -1.47
C1A CLA L . -24.50 22.38 -1.46
C2A CLA L . -25.41 22.90 -0.36
C3A CLA L . -25.58 21.68 0.54
C4A CLA L . -25.29 20.54 -0.43
CMA CLA L . -24.57 21.70 1.66
CAA CLA L . -26.62 23.49 -1.09
CBA CLA L . -27.99 22.86 -0.95
CGA CLA L . -28.07 21.62 -1.79
O1A CLA L . -27.29 21.29 -2.67
O2A CLA L . -29.14 20.83 -1.49
NB CLA L . -24.70 18.18 -2.08
C1B CLA L . -25.46 18.18 -0.95
C2B CLA L . -25.96 16.82 -0.63
C3B CLA L . -25.51 16.00 -1.63
C4B CLA L . -24.70 16.86 -2.55
CMB CLA L . -26.80 16.53 0.53
CAB CLA L . -25.73 14.59 -1.86
CBB CLA L . -26.89 13.96 -1.91
NC CLA L . -23.00 18.53 -4.40
C1C CLA L . -23.29 17.20 -4.56
C2C CLA L . -22.70 16.71 -5.82
C3C CLA L . -22.17 17.83 -6.45
C4C CLA L . -22.34 18.95 -5.55
CMC CLA L . -22.75 15.34 -6.36
CAC CLA L . -21.47 17.87 -7.75
CBC CLA L . -22.40 18.29 -8.85
ND CLA L . -22.86 21.26 -3.81
C1D CLA L . -22.11 21.35 -5.00
C2D CLA L . -21.66 22.76 -5.19
C3D CLA L . -22.27 23.49 -4.18
C4D CLA L . -23.03 22.51 -3.39
CMD CLA L . -20.77 23.21 -6.27
CAD CLA L . -22.44 24.80 -3.55
OBD CLA L . -21.89 25.87 -3.80
CBD CLA L . -23.50 24.63 -2.41
CGD CLA L . -23.08 25.22 -1.09
O1D CLA L . -22.89 24.60 -0.06
O2D CLA L . -22.86 26.57 -1.04
CED CLA L . -23.13 27.26 0.20
C1 CLA L . -29.05 19.38 -1.54
C2 CLA L . -30.33 18.91 -2.15
C3 CLA L . -30.59 17.61 -2.33
C4 CLA L . -29.60 16.61 -1.87
C5 CLA L . -31.89 17.17 -2.95
C6 CLA L . -31.89 16.03 -3.96
C7 CLA L . -31.36 16.46 -5.28
C8 CLA L . -31.23 15.25 -6.21
C9 CLA L . -29.84 14.67 -6.16
C10 CLA L . -31.65 15.60 -7.64
C11 CLA L . -31.04 16.85 -8.22
C12 CLA L . -31.65 17.18 -9.56
C13 CLA L . -31.03 18.48 -10.07
C14 CLA L . -31.92 19.65 -9.72
C15 CLA L . -30.76 18.46 -11.57
C16 CLA L . -29.70 17.44 -11.97
C17 CLA L . -30.19 16.21 -12.73
C18 CLA L . -29.22 15.81 -13.83
C19 CLA L . -29.95 15.02 -14.89
MG CLA M . -26.78 8.19 10.28
CHA CLA M . -28.11 11.11 8.95
CHB CLA M . -28.55 8.78 13.16
CHC CLA M . -26.17 5.00 11.32
CHD CLA M . -25.66 7.32 7.03
NA CLA M . -28.08 9.71 10.93
C1A CLA M . -28.52 10.85 10.23
C2A CLA M . -29.49 11.69 11.08
C3A CLA M . -29.44 10.98 12.45
C4A CLA M . -28.64 9.72 12.17
CMA CLA M . -28.87 11.90 13.50
CAA CLA M . -30.88 11.65 10.47
CBA CLA M . -32.06 12.21 11.29
CGA CLA M . -33.41 11.59 11.03
O1A CLA M . -34.49 11.98 11.46
O2A CLA M . -33.45 10.48 10.23
NB CLA M . -27.36 7.08 11.86
C1B CLA M . -27.84 7.58 13.02
C2B CLA M . -27.51 6.72 14.18
C3B CLA M . -26.83 5.64 13.66
C4B CLA M . -26.74 5.86 12.20
CMB CLA M . -27.92 7.03 15.54
CAB CLA M . -26.28 4.48 14.31
CBB CLA M . -25.47 4.52 15.37
NC CLA M . -26.01 6.48 9.35
C1C CLA M . -25.81 5.27 9.97
C2C CLA M . -25.23 4.31 9.04
C3C CLA M . -25.13 4.97 7.82
C4C CLA M . -25.60 6.33 8.02
CMC CLA M . -24.86 2.90 9.30
CAC CLA M . -24.60 4.42 6.55
CBC CLA M . -25.70 3.95 5.63
ND CLA M . -26.71 9.03 8.43
C1D CLA M . -26.18 8.59 7.19
C2D CLA M . -26.29 9.69 6.20
C3D CLA M . -26.95 10.72 6.85
C4D CLA M . -27.25 10.22 8.21
CMD CLA M . -25.78 9.67 4.82
CAD CLA M . -27.48 12.06 6.77
OBD CLA M . -27.33 12.91 5.88
CBD CLA M . -28.36 12.29 8.05
CGD CLA M . -28.04 13.57 8.76
O1D CLA M . -26.93 14.08 8.94
O2D CLA M . -29.11 14.22 9.28
CED CLA M . -28.86 15.29 10.20
C1 CLA M . -34.43 10.49 9.19
C2 CLA M . -34.01 9.46 8.20
C3 CLA M . -34.80 9.06 7.18
C4 CLA M . -36.15 9.64 7.00
C5 CLA M . -34.36 8.02 6.20
C6 CLA M . -34.23 8.54 4.78
C7 CLA M . -33.44 7.55 3.94
C8 CLA M . -33.75 7.55 2.43
C9 CLA M . -33.55 6.15 1.89
C10 CLA M . -33.03 8.71 1.68
C11 CLA M . -32.32 8.52 0.33
C12 CLA M . -33.05 9.21 -0.80
C13 CLA M . -32.47 8.93 -2.19
C14 CLA M . -33.08 9.82 -3.23
C15 CLA M . -32.60 7.48 -2.65
MG CLA N . -29.31 10.20 1.29
CHA CLA N . -31.07 12.25 3.45
CHB CLA N . -29.96 12.37 -1.27
CHC CLA N . -28.40 7.80 -0.99
CHD CLA N . -29.29 7.72 3.82
NA CLA N . -30.31 12.03 1.14
C1A CLA N . -30.98 12.75 2.17
C2A CLA N . -31.55 14.07 1.64
C3A CLA N . -31.13 14.07 0.16
C4A CLA N . -30.41 12.74 -0.02
CMA CLA N . -32.37 14.20 -0.69
CAA CLA N . -30.91 15.26 2.33
CBA CLA N . -31.26 16.68 1.92
CGA CLA N . -32.31 17.30 2.82
O1A CLA N . -32.52 17.15 4.04
O2A CLA N . -33.13 18.18 2.18
NB CLA N . -29.19 10.12 -0.73
C1B CLA N . -29.37 11.14 -1.59
C2B CLA N . -28.97 10.76 -2.96
C3B CLA N . -28.52 9.45 -2.89
C4B CLA N . -28.66 9.04 -1.47
CMB CLA N . -29.08 11.67 -4.11
CAB CLA N . -28.08 8.52 -3.91
CBB CLA N . -28.55 8.43 -5.15
NC CLA N . -28.87 8.15 1.42
C1C CLA N . -28.47 7.37 0.36
C2C CLA N . -28.21 6.00 0.81
C3C CLA N . -28.51 5.97 2.17
C4C CLA N . -28.90 7.32 2.54
CMC CLA N . -27.78 4.85 0.01
CAC CLA N . -28.41 4.78 3.04
CBC CLA N . -29.62 3.89 2.98
ND CLA N . -29.93 9.99 3.20
C1D CLA N . -29.76 8.96 4.16
C2D CLA N . -30.25 9.41 5.49
C3D CLA N . -30.79 10.65 5.26
C4D CLA N . -30.58 10.97 3.82
CMD CLA N . -30.22 8.64 6.73
CAD CLA N . -31.47 11.77 5.86
OBD CLA N . -31.84 11.94 7.01
CBD CLA N . -31.69 12.80 4.71
CGD CLA N . -33.12 13.23 4.52
O1D CLA N . -33.88 12.96 3.59
O2D CLA N . -33.59 14.02 5.53
CED CLA N . -34.86 13.64 6.06
C1 CLA N . -34.24 17.65 1.44
C2 CLA N . -34.58 18.71 0.45
C3 CLA N . -35.42 18.61 -0.61
C4 CLA N . -35.57 19.87 -1.41
C5 CLA N . -36.19 17.38 -1.00
C6 CLA N . -36.17 17.03 -2.48
C7 CLA N . -36.73 15.64 -2.81
C8 CLA N . -35.84 14.92 -3.82
C9 CLA N . -35.85 15.64 -5.18
C10 CLA N . -36.21 13.45 -4.02
C11 CLA N . -35.07 12.61 -4.61
C12 CLA N . -35.33 12.15 -6.03
C13 CLA N . -34.08 11.82 -6.86
C14 CLA N . -34.27 12.28 -8.29
C15 CLA N . -33.77 10.33 -6.83
MG CLA O . -19.30 -5.13 -0.76
CHA CLA O . -20.02 -8.40 -1.68
CHB CLA O . -22.63 -4.61 -0.17
CHC CLA O . -18.54 -2.31 1.04
CHD CLA O . -15.89 -6.12 -0.58
NA CLA O . -21.02 -6.29 -0.94
C1A CLA O . -21.10 -7.64 -1.33
C2A CLA O . -22.55 -8.11 -1.33
C3A CLA O . -23.36 -6.79 -1.16
C4A CLA O . -22.28 -5.82 -0.71
CMA CLA O . -24.09 -6.37 -2.39
CAA CLA O . -22.71 -9.13 -0.20
CBA CLA O . -22.76 -8.66 1.25
CGA CLA O . -21.40 -8.85 1.82
O1A CLA O . -20.94 -9.91 2.23
O2A CLA O . -20.65 -7.69 1.84
NB CLA O . -20.37 -3.78 0.30
C1B CLA O . -21.72 -3.64 0.27
C2B CLA O . -22.13 -2.30 0.74
C3B CLA O . -20.97 -1.63 1.08
C4B CLA O . -19.84 -2.57 0.80
CMB CLA O . -23.53 -1.87 0.82
CAB CLA O . -20.76 -0.32 1.62
CBB CLA O . -21.33 0.81 1.17
NC CLA O . -17.53 -4.32 0.01
C1C CLA O . -17.43 -3.12 0.66
C2C CLA O . -16.03 -2.83 0.98
C3C CLA O . -15.32 -3.98 0.60
C4C CLA O . -16.26 -4.89 -0.01
CMC CLA O . -15.48 -1.64 1.66
CAC CLA O . -13.88 -4.19 0.73
CBC CLA O . -13.48 -4.75 2.07
ND CLA O . -18.16 -6.75 -1.19
C1D CLA O . -16.77 -7.00 -1.14
C2D CLA O . -16.45 -8.31 -1.77
C3D CLA O . -17.69 -8.85 -2.05
C4D CLA O . -18.69 -7.89 -1.58
CMD CLA O . -15.13 -8.89 -2.01
CAD CLA O . -18.39 -9.99 -2.60
OBD CLA O . -17.92 -10.93 -3.21
CBD CLA O . -19.89 -9.80 -2.25
CGD CLA O . -20.77 -9.95 -3.45
O1D CLA O . -20.57 -9.46 -4.55
O2D CLA O . -21.93 -10.66 -3.25
CED CLA O . -22.61 -11.22 -4.37
C1 CLA O . -19.86 -7.55 3.04
C2 CLA O . -19.19 -6.24 3.29
C3 CLA O . -17.88 -6.05 3.57
C4 CLA O . -16.85 -7.13 3.54
C5 CLA O . -17.36 -4.67 3.82
C6 CLA O . -16.52 -4.50 5.08
C7 CLA O . -16.58 -3.15 5.77
C8 CLA O . -16.09 -3.15 7.23
C9 CLA O . -16.71 -4.20 8.13
C10 CLA O . -16.37 -1.78 7.85
MG CLA P . -27.61 -8.30 3.12
CHA CLA P . -25.06 -9.24 5.24
CHB CLA P . -29.57 -10.79 4.51
CHC CLA P . -30.42 -6.89 1.73
CHD CLA P . -25.79 -5.38 2.31
NA CLA P . -27.34 -9.76 4.60
C1A CLA P . -26.18 -10.00 5.37
C2A CLA P . -26.38 -11.15 6.34
C3A CLA P . -27.65 -11.82 5.79
C4A CLA P . -28.26 -10.71 4.93
CMA CLA P . -27.31 -13.06 5.01
CAA CLA P . -26.74 -10.72 7.78
CBA CLA P . -25.95 -9.63 8.48
CGA CLA P . -26.72 -9.12 9.66
O1A CLA P . -27.83 -8.57 9.67
O2A CLA P . -26.06 -9.30 10.83
NB CLA P . -29.57 -8.78 3.09
C1B CLA P . -30.19 -9.84 3.68
C2B CLA P . -31.62 -9.90 3.30
C3B CLA P . -31.87 -8.79 2.52
C4B CLA P . -30.58 -8.07 2.38
CMB CLA P . -32.55 -10.91 3.79
CAB CLA P . -33.10 -8.31 1.94
CBB CLA P . -33.33 -8.17 0.64
NC CLA P . -28.02 -6.48 2.16
C1C CLA P . -29.23 -6.13 1.63
C2C CLA P . -29.13 -4.82 0.98
C3C CLA P . -27.82 -4.38 1.19
C4C CLA P . -27.13 -5.44 1.90
CMC CLA P . -30.20 -4.06 0.33
CAC CLA P . -27.21 -3.12 0.71
CBC CLA P . -27.23 -2.03 1.75
ND CLA P . -25.88 -7.41 3.68
C1D CLA P . -25.19 -6.28 3.17
C2D CLA P . -23.80 -6.26 3.71
C3D CLA P . -23.70 -7.40 4.50
C4D CLA P . -25.02 -8.05 4.45
CMD CLA P . -22.79 -5.25 3.39
CAD CLA P . -22.88 -8.18 5.41
OBD CLA P . -21.79 -7.97 5.91
CBD CLA P . -23.70 -9.43 5.84
CGD CLA P . -23.05 -10.72 5.43
O1D CLA P . -23.56 -11.64 4.78
O2D CLA P . -21.76 -10.87 5.87
CED CLA P . -21.04 -12.01 5.45
C1 CLA P . -26.16 -8.21 11.77
C2 CLA P . -24.98 -8.31 12.66
C3 CLA P . -24.73 -7.42 13.63
MG CHL Q . -33.88 8.73 -20.53
CHA CHL Q . -33.03 7.39 -17.39
CHB CHL Q . -37.08 7.64 -20.01
CHC CHL Q . -34.93 10.93 -22.92
CHD CHL Q . -30.66 9.98 -20.77
NA CHL Q . -34.82 7.61 -19.04
C1A CHL Q . -34.32 7.22 -17.78
C2A CHL Q . -35.48 6.77 -16.90
C3A CHL Q . -36.47 6.27 -18.00
C4A CHL Q . -36.12 7.23 -19.12
CMA CHL Q . -36.27 4.82 -18.36
CAA CHL Q . -36.02 7.89 -15.99
CBA CHL Q . -35.58 9.34 -16.25
CGA CHL Q . -36.57 10.29 -15.67
O1A CHL Q . -36.79 11.45 -16.02
NB CHL Q . -35.67 9.20 -21.33
C1B CHL Q . -36.87 8.63 -21.00
C2B CHL Q . -37.95 9.27 -21.80
C3B CHL Q . -37.37 10.19 -22.65
C4B CHL Q . -35.89 10.17 -22.33
CMB CHL Q . -39.36 8.88 -21.66
CAB CHL Q . -38.08 11.14 -23.47
CBB CHL Q . -37.83 12.47 -23.49
NC CHL Q . -32.94 10.20 -21.68
C1C CHL Q . -33.53 10.99 -22.62
C2C CHL Q . -32.55 11.91 -23.23
C3C CHL Q . -31.34 11.62 -22.61
C4C CHL Q . -31.59 10.53 -21.65
CMC CHL Q . -32.75 12.93 -24.30
OMC CHL Q . -33.78 13.07 -24.93
CAC CHL Q . -30.02 12.24 -22.88
CBC CHL Q . -29.67 13.37 -21.94
ND CHL Q . -32.21 8.72 -19.41
C1D CHL Q . -30.93 9.25 -19.66
C2D CHL Q . -30.04 8.98 -18.51
C3D CHL Q . -30.79 8.27 -17.61
C4D CHL Q . -32.13 8.13 -18.21
CMD CHL Q . -28.64 9.39 -18.43
CAD CHL Q . -30.81 7.60 -16.32
OBD CHL Q . -29.93 7.48 -15.49
CBD CHL Q . -32.26 7.04 -16.14
CGD CHL Q . -32.18 5.56 -15.89
O1D CHL Q . -31.35 4.76 -16.34
O2D CHL Q . -33.15 5.10 -15.06
CED CHL Q . -33.49 3.72 -15.16
C18 Q6L R . -24.64 8.44 -3.67
C19 Q6L R . -25.00 9.84 -3.71
C03 Q6L R . -23.83 -0.80 -3.08
C05 Q6L R . -24.29 -2.48 -5.06
C07 Q6L R . -22.66 -2.99 -3.11
C09 Q6L R . -23.93 -0.10 -5.52
C10 Q6L R . -26.02 -0.84 -4.37
C11 Q6L R . -24.38 0.37 -2.38
C13 Q6L R . -24.21 2.79 -1.72
C14 Q6L R . -23.93 3.94 -2.36
C22 Q6L R . -25.82 12.73 -5.79
C27 Q6L R . -26.53 17.65 -6.53
C28 Q6L R . -26.04 17.80 -7.93
C30 Q6L R . -27.65 20.10 -6.42
C31 Q6L R . -28.30 21.18 -5.57
C33 Q6L R . -27.93 23.63 -5.01
C36 Q6L R . -29.77 21.50 -5.98
O08 Q6L R . -21.91 -2.83 -5.39
O39 Q6L R . -29.88 24.87 -4.24
C01 Q6L R . -21.38 -1.00 -2.32
C02 Q6L R . -22.77 -1.56 -2.67
C04 Q6L R . -24.50 -1.07 -4.47
C06 Q6L R . -23.03 -3.20 -4.59
C12 Q6L R . -23.78 1.57 -2.37
C15 Q6L R . -24.27 5.28 -1.97
C16 Q6L R . -24.01 6.31 -2.80
C17 Q6L R . -24.31 7.72 -2.57
C20 Q6L R . -25.43 10.45 -4.83
C21 Q6L R . -25.77 11.84 -4.77
C23 Q6L R . -25.49 12.40 -7.21
C24 Q6L R . -26.19 14.12 -5.47
C25 Q6L R . -26.21 15.18 -6.32
C26 Q6L R . -26.59 16.48 -5.86
C29 Q6L R . -26.99 18.88 -5.82
C32 Q6L R . -27.43 22.46 -5.46
C34 Q6L R . -29.41 23.97 -5.24
C35 Q6L R . -30.33 22.73 -5.23
C37 Q6L R . -30.69 20.30 -5.69
C38 Q6L R . -29.84 21.81 -7.49
C40 Q6L R . -26.05 22.50 -6.02
C41 Q6L R . -24.28 8.24 -1.18
C42 Q6L R . -24.93 2.64 -0.41
C18 Q6L S . -11.82 7.55 -1.66
C19 Q6L S . -12.28 7.37 -3.01
C03 Q6L S . -10.97 6.75 7.66
C05 Q6L S . -11.50 6.50 10.23
C07 Q6L S . -10.49 8.63 9.27
C09 Q6L S . -10.24 4.74 9.01
C10 Q6L S . -12.64 5.04 8.66
C11 Q6L S . -11.32 6.25 6.31
C13 Q6L S . -10.88 5.57 3.97
C14 Q6L S . -10.65 6.37 2.91
C22 Q6L S . -13.36 8.91 -6.16
C27 Q6L S . -15.26 8.24 -10.74
C28 Q6L S . -15.87 9.59 -10.98
C30 Q6L S . -16.55 7.07 -12.82
C31 Q6L S . -17.04 5.76 -13.43
C33 Q6L S . -19.12 5.05 -14.75
C36 Q6L S . -16.16 5.29 -14.63
O08 Q6L S . -11.61 8.60 11.42
O39 Q6L S . -18.86 3.26 -16.37
C01 Q6L S . -10.30 9.12 6.84
C02 Q6L S . -10.44 8.01 7.91
C04 Q6L S . -11.33 5.82 8.86
C06 Q6L S . -11.61 8.02 10.13
C12 Q6L S . -10.48 6.06 5.28
C15 Q6L S . -11.04 6.02 1.57
C16 Q6L S . -11.03 6.88 0.53
C17 Q6L S . -11.46 6.55 -0.82
C20 Q6L S . -12.60 8.37 -3.82
C21 Q6L S . -13.06 8.07 -5.15
C23 Q6L S . -13.28 10.41 -6.08
C24 Q6L S . -13.79 8.28 -7.40
C25 Q6L S . -14.11 8.83 -8.59
C26 Q6L S . -14.50 7.95 -9.67
C29 Q6L S . -15.51 7.13 -11.71
C32 Q6L S . -18.56 5.81 -13.78
C34 Q6L S . -18.26 4.46 -15.88
C35 Q6L S . -16.82 4.16 -15.45
C37 Q6L S . -14.79 4.78 -14.13
C38 Q6L S . -15.93 6.48 -15.57
C40 Q6L S . -19.31 7.05 -13.53
C41 Q6L S . -11.51 5.10 -1.20
C42 Q6L S . -11.51 4.21 3.88
C1 NEX T . -15.12 33.69 -21.34
C2 NEX T . -14.45 34.44 -20.18
C3 NEX T . -15.25 35.64 -19.69
C4 NEX T . -16.62 35.19 -19.21
C5 NEX T . -17.43 34.44 -20.27
C6 NEX T . -16.55 33.37 -20.93
C7 NEX T . -17.10 32.23 -21.01
C8 NEX T . -17.61 31.07 -21.14
C9 NEX T . -17.03 29.91 -20.42
C10 NEX T . -17.47 28.67 -20.77
C11 NEX T . -16.97 27.44 -20.15
C12 NEX T . -17.46 26.20 -20.28
C13 NEX T . -16.88 25.03 -19.51
C14 NEX T . -17.66 23.94 -19.49
C15 NEX T . -17.35 22.70 -18.76
C16 NEX T . -14.19 32.50 -21.66
C17 NEX T . -15.13 34.51 -22.64
C18 NEX T . -18.70 33.91 -19.57
C19 NEX T . -15.93 30.22 -19.40
C20 NEX T . -15.53 25.10 -18.80
O3 NEX T . -14.54 36.26 -18.61
O4 NEX T . -17.82 35.39 -21.27
C21 NEX T . -24.02 14.00 -15.51
C22 NEX T . -24.94 12.81 -15.54
C23 NEX T . -25.43 12.39 -16.91
C24 NEX T . -24.26 11.86 -17.70
C25 NEX T . -23.00 12.73 -17.65
C26 NEX T . -22.86 13.79 -16.52
C27 NEX T . -21.46 13.78 -15.92
C28 NEX T . -20.70 14.81 -16.22
C29 NEX T . -19.30 15.04 -15.73
C30 NEX T . -18.57 16.19 -15.90
C31 NEX T . -19.05 17.36 -16.62
C32 NEX T . -18.37 18.50 -16.75
C33 NEX T . -18.90 19.66 -17.56
C34 NEX T . -17.97 20.57 -17.90
C35 NEX T . -18.26 21.76 -18.70
C36 NEX T . -23.54 14.12 -14.06
C37 NEX T . -24.80 15.27 -15.83
C38 NEX T . -21.72 11.94 -17.99
C39 NEX T . -18.66 13.92 -14.96
C40 NEX T . -20.34 19.73 -18.04
O23 NEX T . -26.36 11.32 -16.73
O24 NEX T . -23.05 14.13 -17.89
C01 IWJ U . -28.59 5.46 -9.51
C02 IWJ U . -29.97 5.26 -10.02
C03 IWJ U . -30.67 4.27 -9.42
C04 IWJ U . -31.92 3.66 -10.08
C05 IWJ U . -32.32 4.44 -11.34
C06 IWJ U . -32.13 5.95 -11.18
C07 IWJ U . -30.68 6.35 -10.80
C08 IWJ U . -30.61 7.67 -10.07
C09 IWJ U . -29.80 8.69 -10.44
C10 IWJ U . -29.67 10.05 -9.78
C11 IWJ U . -28.95 10.97 -10.45
C12 IWJ U . -28.68 12.33 -10.07
C13 IWJ U . -27.80 13.05 -10.80
C14 IWJ U . -27.42 14.44 -10.56
C15 IWJ U . -26.67 15.06 -11.50
C16 IWJ U . -26.21 16.43 -11.50
C17 IWJ U . -25.33 16.84 -12.42
C18 IWJ U . -24.86 18.19 -12.50
C19 IWJ U . -23.76 18.64 -13.14
C20 IWJ U . -22.79 17.79 -13.90
C21 IWJ U . -23.49 20.07 -13.12
C22 IWJ U . -23.13 20.75 -14.23
C23 IWJ U . -22.86 22.17 -14.25
C24 IWJ U . -22.54 22.86 -15.35
C25 IWJ U . -22.40 22.26 -16.72
C26 IWJ U . -22.30 24.28 -15.21
C28 IWJ U . -22.78 25.00 -13.96
C29 IWJ U . -23.12 26.42 -14.34
C30 IWJ U . -24.31 26.44 -15.17
C31 IWJ U . -24.36 27.02 -16.38
C32 IWJ U . -25.54 26.04 -14.34
C33 IWJ U . -25.79 26.87 -13.08
C34 IWJ U . -24.52 27.01 -12.24
C35 IWJ U . -23.28 27.27 -13.10
C36 IWJ U . -22.06 27.13 -12.16
C37 IWJ U . -23.35 28.72 -13.63
C40 IWJ U . -27.90 15.09 -9.30
C41 IWJ U . -30.35 10.27 -8.46
C42 IWJ U . -32.55 6.63 -12.50
C43 IWJ U . -33.11 6.41 -10.08
O27 IWJ U . -21.76 24.92 -16.11
O38 IWJ U . -26.83 26.32 -12.30
O39 IWJ U . -22.05 26.95 -15.09
O44 IWJ U . -31.75 2.28 -10.36
C18 Q6L V . -6.88 7.22 -10.28
C19 Q6L V . -7.42 5.96 -10.72
C03 Q6L V . -2.53 15.13 -7.94
C05 Q6L V . -1.09 17.05 -6.96
C07 Q6L V . -3.48 16.63 -6.15
C09 Q6L V . -0.25 15.75 -8.87
C10 Q6L V . -0.41 14.69 -6.58
C11 Q6L V . -2.58 13.70 -8.38
C13 Q6L V . -3.50 11.88 -9.90
C14 Q6L V . -4.69 11.58 -10.50
C22 Q6L V . -9.87 3.20 -10.36
C27 Q6L V . -11.14 -1.45 -11.53
C28 Q6L V . -11.61 -1.90 -10.18
C30 Q6L V . -10.09 -3.63 -12.65
C31 Q6L V . -10.23 -4.87 -13.51
C33 Q6L V . -12.06 -5.38 -15.25
C36 Q6L V . -9.23 -4.88 -14.70
O08 Q6L V . -2.19 18.55 -5.40
O39 Q6L V . -11.43 -6.93 -16.99
C01 Q6L V . -4.80 16.30 -8.25
C02 Q6L V . -3.59 15.83 -7.43
C04 Q6L V . -1.11 15.65 -7.60
C06 Q6L V . -2.09 17.19 -5.81
C12 Q6L V . -3.37 13.23 -9.37
C15 Q6L V . -5.11 10.35 -11.11
C16 Q6L V . -5.65 9.32 -10.42
C17 Q6L V . -6.11 8.07 -11.02
C20 Q6L V . -8.44 5.31 -10.14
C21 Q6L V . -8.88 4.06 -10.70
C23 Q6L V . -10.81 3.35 -9.20
C24 Q6L V . -10.01 2.00 -11.18
C25 Q6L V . -10.78 0.93 -10.91
C26 Q6L V . -10.79 -0.19 -11.82
C29 Q6L V . -11.07 -2.48 -12.62
C32 Q6L V . -11.70 -5.12 -13.96
C34 Q6L V . -11.05 -5.74 -16.33
C35 Q6L V . -9.64 -5.93 -15.74
C37 Q6L V . -9.18 -3.50 -15.38
C38 Q6L V . -7.81 -5.24 -14.21
C40 Q6L V . -12.68 -5.61 -12.96
C41 Q6L V . -5.73 7.80 -12.44
C42 Q6L V . -2.35 10.94 -9.75
C01 IWJ W . 14.28 -8.97 -1.72
C02 IWJ W . 14.87 -10.10 -0.96
C03 IWJ W . 16.22 -10.08 -0.90
C04 IWJ W . 16.98 -10.71 0.29
C05 IWJ W . 16.14 -11.73 1.08
C06 IWJ W . 14.68 -11.31 1.31
C07 IWJ W . 13.97 -10.90 -0.03
C08 IWJ W . 12.64 -10.21 0.21
C09 IWJ W . 11.45 -10.81 -0.02
C10 IWJ W . 10.06 -10.21 0.18
C11 IWJ W . 9.02 -10.89 -0.33
C12 IWJ W . 7.63 -10.52 -0.29
C13 IWJ W . 6.71 -11.24 -0.96
C14 IWJ W . 5.27 -10.98 -1.00
C15 IWJ W . 4.52 -11.74 -1.83
C16 IWJ W . 3.11 -11.62 -2.01
C17 IWJ W . 2.47 -12.35 -2.93
C18 IWJ W . 1.04 -12.21 -3.09
C19 IWJ W . 0.22 -12.87 -3.93
C20 IWJ W . 0.60 -13.94 -4.89
C21 IWJ W . -1.19 -12.46 -3.83
C22 IWJ W . -2.25 -12.74 -4.62
C23 IWJ W . -3.49 -12.16 -4.22
C24 IWJ W . -4.67 -12.09 -4.86
C25 IWJ W . -4.98 -12.63 -6.22
C26 IWJ W . -5.70 -11.41 -4.09
C28 IWJ W . -5.28 -10.75 -2.78
C29 IWJ W . -6.14 -9.54 -2.48
C30 IWJ W . -6.84 -9.75 -1.22
C31 IWJ W . -8.08 -10.25 -1.11
C32 IWJ W . -5.77 -9.81 -0.10
C33 IWJ W . -4.91 -8.55 0.03
C34 IWJ W . -4.33 -8.08 -1.31
C35 IWJ W . -5.31 -8.26 -2.50
C36 IWJ W . -4.42 -8.24 -3.76
C37 IWJ W . -6.21 -7.01 -2.56
C40 IWJ W . 4.72 -9.90 -0.12
C41 IWJ W . 9.95 -8.91 0.93
C42 IWJ W . 14.66 -10.13 2.30
C43 IWJ W . 13.93 -12.48 1.96
O27 IWJ W . -6.86 -11.36 -4.48
O38 IWJ W . -3.87 -8.77 0.96
O39 IWJ W . -7.07 -9.44 -3.50
O44 IWJ W . 18.20 -11.29 -0.12
C18 Q6L X . -10.44 -7.64 9.20
C19 Q6L X . -10.21 -8.70 8.27
C03 Q6L X . -13.71 -0.32 13.77
C05 Q6L X . -14.41 2.08 14.44
C07 Q6L X . -12.60 0.78 15.71
C09 Q6L X . -15.84 0.76 12.95
C10 Q6L X . -13.64 1.64 12.12
C11 Q6L X . -13.49 -1.34 12.71
C13 Q6L X . -14.12 -3.62 11.74
C14 Q6L X . -12.97 -3.85 11.07
C22 Q6L X . -7.99 -11.37 7.05
C27 Q6L X . -6.63 -14.75 3.62
C28 Q6L X . -5.14 -14.67 3.76
C30 Q6L X . -7.25 -15.18 1.04
C31 Q6L X . -7.34 -16.14 -0.13
C33 Q6L X . -7.78 -18.63 0.40
C36 Q6L X . -8.72 -16.06 -0.88
O08 Q6L X . -13.27 2.97 16.40
O39 Q6L X . -9.73 -19.72 -0.56
C01 Q6L X . -13.30 -1.64 15.98
C02 Q6L X . -13.28 -0.40 15.06
C04 Q6L X . -14.38 1.01 13.33
C06 Q6L X . -13.12 2.15 15.25
C12 Q6L X . -14.17 -2.50 12.67
C15 Q6L X . -12.76 -4.92 10.13
C16 Q6L X . -11.69 -5.75 10.13
C17 Q6L X . -11.52 -6.82 9.15
C20 Q6L X . -9.06 -9.38 8.16
C21 Q6L X . -8.95 -10.43 7.17
C23 Q6L X . -6.80 -11.49 7.95
C24 Q6L X . -8.12 -12.34 5.95
C25 Q6L X . -7.21 -13.26 5.55
C26 Q6L X . -7.51 -14.12 4.43
C29 Q6L X . -7.18 -15.59 2.50
C32 Q6L X . -6.92 -17.58 0.28
C34 Q6L X . -9.21 -18.47 -0.11
C35 Q6L X . -9.32 -17.43 -1.25
C37 Q6L X . -8.58 -15.25 -2.18
C38 Q6L X . -9.74 -15.33 -0.02
C40 Q6L X . -5.50 -17.98 0.24
C41 Q6L X . -12.56 -6.95 8.10
C42 Q6L X . -15.36 -4.47 11.64
C01 IWJ Y . -14.16 -11.54 7.77
C02 IWJ Y . -15.62 -11.30 7.85
C03 IWJ Y . -16.18 -11.67 9.03
C04 IWJ Y . -17.56 -11.15 9.48
C05 IWJ Y . -18.40 -10.65 8.30
C06 IWJ Y . -17.64 -9.81 7.27
C07 IWJ Y . -16.32 -10.47 6.78
C08 IWJ Y . -15.37 -9.48 6.11
C09 IWJ Y . -14.76 -9.66 4.90
C10 IWJ Y . -13.81 -8.71 4.17
C11 IWJ Y . -13.55 -8.95 2.87
C12 IWJ Y . -12.72 -8.24 1.95
C13 IWJ Y . -12.56 -8.73 0.70
C14 IWJ Y . -11.73 -8.14 -0.36
C15 IWJ Y . -11.47 -8.87 -1.46
C16 IWJ Y . -10.66 -8.47 -2.57
C17 IWJ Y . -10.48 -9.29 -3.61
C18 IWJ Y . -9.65 -8.91 -4.73
C19 IWJ Y . -9.23 -9.68 -5.74
C20 IWJ Y . -9.59 -11.12 -5.94
C21 IWJ Y . -8.34 -9.03 -6.71
C22 IWJ Y . -7.59 -9.54 -7.70
C23 IWJ Y . -6.81 -8.62 -8.47
C24 IWJ Y . -5.82 -8.86 -9.36
C25 IWJ Y . -5.33 -10.22 -9.75
C26 IWJ Y . -5.23 -7.69 -9.96
C28 IWJ Y . -5.74 -6.32 -9.52
C29 IWJ Y . -4.61 -5.33 -9.24
C30 IWJ Y . -4.80 -4.19 -10.15
C31 IWJ Y . -5.36 -4.29 -11.36
C32 IWJ Y . -3.93 -3.00 -9.68
C33 IWJ Y . -4.24 -2.48 -8.28
C34 IWJ Y . -5.03 -3.49 -7.45
C35 IWJ Y . -4.60 -4.94 -7.76
C36 IWJ Y . -5.55 -5.82 -6.95
C37 IWJ Y . -3.17 -5.11 -7.19
C40 IWJ Y . -11.22 -6.74 -0.15
C41 IWJ Y . -13.24 -7.54 4.93
C42 IWJ Y . -17.35 -8.43 7.91
C43 IWJ Y . -18.59 -9.57 6.09
O27 IWJ Y . -4.34 -7.79 -10.81
O38 IWJ Y . -4.95 -1.25 -8.35
O39 IWJ Y . -3.40 -5.95 -9.52
O44 IWJ Y . -18.27 -12.13 10.23
MG CLA Z . 9.16 12.42 -1.27
CHA CLA Z . 8.23 15.46 0.07
CHB CLA Z . 9.87 11.28 1.90
CHC CLA Z . 8.95 9.27 -2.32
CHD CLA Z . 7.76 13.50 -4.32
NA CLA Z . 9.12 13.27 0.63
C1A CLA Z . 8.71 14.56 0.96
C2A CLA Z . 8.86 14.74 2.46
C3A CLA Z . 9.71 13.54 2.89
C4A CLA Z . 9.56 12.60 1.72
CMA CLA Z . 11.13 13.92 2.96
CAA CLA Z . 7.52 14.77 3.09
CBA CLA Z . 6.70 13.52 3.09
CGA CLA Z . 6.85 12.59 4.31
O1A CLA Z . 7.58 12.71 5.28
O2A CLA Z . 6.11 11.43 4.35
NB CLA Z . 9.24 10.63 -0.34
C1B CLA Z . 9.80 10.38 0.87
C2B CLA Z . 10.38 9.03 0.96
C3B CLA Z . 10.13 8.43 -0.24
C4B CLA Z . 9.35 9.43 -1.05
CMB CLA Z . 11.05 8.51 2.16
CAB CLA Z . 10.50 7.08 -0.61
CBB CLA Z . 10.17 5.99 0.03
NC CLA Z . 8.63 11.56 -3.08
C1C CLA Z . 8.71 10.24 -3.32
C2C CLA Z . 8.33 9.96 -4.71
C3C CLA Z . 7.90 11.16 -5.25
C4C CLA Z . 8.08 12.16 -4.20
CMC CLA Z . 8.40 8.67 -5.41
CAC CLA Z . 7.45 11.41 -6.62
CBC CLA Z . 5.99 11.09 -6.77
ND CLA Z . 8.46 14.13 -2.08
C1D CLA Z . 7.89 14.43 -3.35
C2D CLA Z . 7.48 15.85 -3.39
C3D CLA Z . 7.61 16.30 -2.09
C4D CLA Z . 8.14 15.17 -1.32
CMD CLA Z . 6.98 16.55 -4.57
CAD CLA Z . 7.47 17.42 -1.19
OBD CLA Z . 7.18 18.58 -1.42
CBD CLA Z . 7.72 16.87 0.24
CGD CLA Z . 8.67 17.68 1.05
O1D CLA Z . 9.91 17.61 1.01
O2D CLA Z . 8.05 18.50 1.93
CED CLA Z . 8.72 19.69 2.24
C1 CLA Z . 6.54 10.27 3.58
C2 CLA Z . 5.40 9.31 3.49
C3 CLA Z . 5.28 8.37 2.52
C4 CLA Z . 6.36 8.17 1.51
C5 CLA Z . 4.09 7.46 2.48
C6 CLA Z . 3.34 7.40 1.15
C7 CLA Z . 2.98 5.97 0.85
C8 CLA Z . 2.22 5.86 -0.47
C9 CLA Z . 0.95 5.05 -0.28
C10 CLA Z . 3.15 5.36 -1.58
C11 CLA Z . 3.55 3.88 -1.58
C12 CLA Z . 4.31 3.46 -2.83
C13 CLA Z . 3.88 2.11 -3.39
C14 CLA Z . 2.44 2.18 -3.90
C15 CLA Z . 4.23 0.94 -2.46
C16 CLA Z . 4.16 -0.37 -3.22
C17 CLA Z . 4.33 -1.60 -2.37
C18 CLA Z . 4.57 -2.87 -3.19
C19 CLA Z . 4.51 -4.06 -2.27
C20 CLA Z . 3.60 -3.11 -4.34
MG CLA AA . 11.86 1.75 1.33
CHA CLA AA . 9.96 3.31 3.80
CHB CLA AA . 14.02 0.70 3.79
CHC CLA AA . 13.20 -0.56 -0.81
CHD CLA AA . 9.11 2.10 -0.88
NA CLA AA . 11.99 2.02 3.40
C1A CLA AA . 11.11 2.72 4.24
C2A CLA AA . 11.54 2.65 5.69
C3A CLA AA . 12.98 2.10 5.60
C4A CLA AA . 13.02 1.55 4.17
CMA CLA AA . 14.00 3.18 5.85
CAA CLA AA . 10.62 1.70 6.46
CBA CLA AA . 10.16 0.41 5.78
CGA CLA AA . 9.24 -0.34 6.70
O1A CLA AA . 9.50 -1.12 7.62
NB CLA AA . 13.30 0.35 1.47
C1B CLA AA . 14.15 0.15 2.51
C2B CLA AA . 15.25 -0.76 2.11
C3B CLA AA . 15.02 -1.11 0.81
C4B CLA AA . 13.79 -0.42 0.40
CMB CLA AA . 16.30 -1.18 3.04
CAB CLA AA . 15.74 -1.98 -0.09
CBB CLA AA . 16.19 -3.20 0.21
NC CLA AA . 11.30 0.99 -0.54
C1C CLA AA . 12.03 0.09 -1.27
C2C CLA AA . 11.40 -0.18 -2.56
C3C CLA AA . 10.19 0.51 -2.54
C4C CLA AA . 10.14 1.25 -1.28
CMC CLA AA . 11.89 -1.05 -3.62
CAC CLA AA . 9.19 0.57 -3.64
CBC CLA AA . 7.98 -0.30 -3.45
ND CLA AA . 10.02 2.58 1.34
C1D CLA AA . 9.03 2.73 0.34
C2D CLA AA . 7.98 3.62 0.88
C3D CLA AA . 8.29 3.87 2.20
C4D CLA AA . 9.55 3.17 2.44
CMD CLA AA . 6.82 4.12 0.17
CAD CLA AA . 7.90 4.58 3.39
OBD CLA AA . 6.97 5.36 3.58
CBD CLA AA . 8.91 4.15 4.49
CGD CLA AA . 9.50 5.36 5.17
O1D CLA AA . 10.69 5.65 5.27
O2D CLA AA . 8.58 6.20 5.71
CED CLA AA . 9.06 7.30 6.49
MG CLA BA . 23.11 -3.99 -13.22
CHA CLA BA . 23.74 -6.98 -14.72
CHB CLA BA . 22.47 -5.72 -10.32
CHC CLA BA . 23.32 -1.07 -11.45
CHD CLA BA . 24.45 -2.36 -16.05
NA CLA BA . 23.12 -5.99 -12.64
C1A CLA BA . 23.44 -7.10 -13.41
C2A CLA BA . 23.30 -8.41 -12.64
C3A CLA BA . 22.61 -7.97 -11.34
C4A CLA BA . 22.76 -6.45 -11.42
CMA CLA BA . 21.19 -8.45 -11.26
CAA CLA BA . 24.65 -9.12 -12.48
CBA CLA BA . 25.59 -8.77 -11.37
CGA CLA BA . 26.65 -7.81 -11.71
O1A CLA BA . 26.62 -6.94 -12.58
O2A CLA BA . 27.76 -8.03 -10.93
NB CLA BA . 22.95 -3.50 -11.27
C1B CLA BA . 22.57 -4.32 -10.28
C2B CLA BA . 22.18 -3.52 -9.09
C3B CLA BA . 22.41 -2.22 -9.39
C4B CLA BA . 22.92 -2.18 -10.79
CMB CLA BA . 21.75 -4.20 -7.88
CAB CLA BA . 22.28 -1.02 -8.59
CBB CLA BA . 21.29 -0.78 -7.72
NC CLA BA . 23.76 -2.06 -13.68
C1C CLA BA . 23.74 -1.00 -12.81
C2C CLA BA . 24.24 0.21 -13.47
C3C CLA BA . 24.57 -0.16 -14.76
C4C CLA BA . 24.26 -1.59 -14.89
CMC CLA BA . 24.43 1.52 -12.88
CAC CLA BA . 25.09 0.72 -15.81
CBC CLA BA . 26.59 0.86 -15.79
ND CLA BA . 23.94 -4.46 -14.99
C1D CLA BA . 24.38 -3.72 -16.11
C2D CLA BA . 24.50 -4.60 -17.28
C3D CLA BA . 24.17 -5.83 -16.79
C4D CLA BA . 23.90 -5.71 -15.36
CMD CLA BA . 24.83 -4.21 -18.66
CAD CLA BA . 23.85 -7.18 -17.06
OBD CLA BA . 23.33 -7.61 -18.06
CBD CLA BA . 23.85 -8.02 -15.77
CGD CLA BA . 22.63 -8.87 -15.94
O1D CLA BA . 21.52 -8.50 -16.33
O2D CLA BA . 22.81 -10.18 -15.67
CED CLA BA . 21.68 -10.91 -15.21
C1 CLA BA . 29.04 -7.96 -11.58
C2 CLA BA . 29.56 -6.61 -11.32
C3 CLA BA . 30.44 -5.99 -12.12
C4 CLA BA . 30.99 -6.61 -13.36
C5 CLA BA . 30.92 -4.62 -11.78
MG CHL CA . 35.90 -13.43 -12.65
CHA CHL CA . 36.68 -10.25 -13.95
CHB CHL CA . 38.82 -14.58 -14.10
CHC CHL CA . 35.75 -16.18 -10.75
CHD CHL CA . 33.44 -11.88 -10.64
NA CHL CA . 37.34 -12.60 -13.94
C1A CHL CA . 37.48 -11.27 -14.41
C2A CHL CA . 38.72 -11.12 -15.32
C3A CHL CA . 39.18 -12.59 -15.49
C4A CHL CA . 38.39 -13.32 -14.43
CMA CHL CA . 38.92 -13.17 -16.85
CAA CHL CA . 39.80 -10.18 -14.74
CBA CHL CA . 40.15 -9.00 -15.64
CGA CHL CA . 41.01 -9.40 -16.81
O1A CHL CA . 42.13 -9.90 -16.82
O2A CHL CA . 40.41 -9.15 -18.01
NB CHL CA . 37.06 -15.07 -12.47
C1B CHL CA . 38.20 -15.40 -13.14
C2B CHL CA . 38.73 -16.73 -12.70
C3B CHL CA . 37.86 -17.21 -11.73
C4B CHL CA . 36.78 -16.16 -11.62
CMB CHL CA . 39.95 -17.28 -13.30
CAB CHL CA . 37.79 -18.51 -11.08
CBB CHL CA . 38.22 -19.67 -11.54
NC CHL CA . 34.76 -13.94 -10.98
C1C CHL CA . 34.85 -15.15 -10.37
C2C CHL CA . 33.95 -15.22 -9.21
C3C CHL CA . 33.29 -13.98 -9.18
C4C CHL CA . 33.79 -13.19 -10.32
CMC CHL CA . 33.75 -16.32 -8.24
OMC CHL CA . 34.33 -17.38 -8.25
CAC CHL CA . 32.25 -13.58 -8.20
CBC CHL CA . 32.83 -13.21 -6.86
ND CHL CA . 35.19 -11.56 -12.33
C1D CHL CA . 34.15 -11.07 -11.49
C2D CHL CA . 34.04 -9.61 -11.62
C3D CHL CA . 34.97 -9.24 -12.57
C4D CHL CA . 35.67 -10.49 -12.96
CMD CHL CA . 33.06 -8.77 -10.93
CAD CHL CA . 35.56 -8.15 -13.31
OBD CHL CA . 35.28 -6.95 -13.28
CBD CHL CA . 36.65 -8.76 -14.22
CGD CHL CA . 36.21 -8.53 -15.63
O1D CHL CA . 35.29 -9.09 -16.22
O2D CHL CA . 36.91 -7.59 -16.32
CED CHL CA . 37.15 -7.89 -17.69
MG CHL DA . 25.13 -8.51 -6.73
CHA CHL DA . 28.53 -8.69 -7.59
CHB CHL DA . 25.83 -5.81 -4.80
CHC CHL DA . 21.82 -7.94 -6.49
CHD CHL DA . 24.54 -11.28 -8.84
NA CHL DA . 26.89 -7.48 -6.29
C1A CHL DA . 28.20 -7.68 -6.77
C2A CHL DA . 29.15 -6.59 -6.28
C3A CHL DA . 28.27 -5.95 -5.16
C4A CHL DA . 26.88 -6.46 -5.41
CMA CHL DA . 28.88 -6.33 -3.86
CAA CHL DA . 29.65 -5.66 -7.40
CBA CHL DA . 30.22 -4.35 -6.87
CGA CHL DA . 31.53 -3.95 -7.39
O1A CHL DA . 32.55 -4.58 -7.18
O2A CHL DA . 31.57 -2.75 -8.06
NB CHL DA . 24.01 -7.10 -5.81
C1B CHL DA . 24.47 -6.09 -5.04
C2B CHL DA . 23.33 -5.29 -4.53
C3B CHL DA . 22.15 -5.87 -4.97
C4B CHL DA . 22.60 -7.06 -5.80
CMB CHL DA . 23.58 -4.14 -3.66
CAB CHL DA . 20.76 -5.44 -4.83
CBB CHL DA . 20.20 -4.26 -4.57
NC CHL DA . 23.46 -9.47 -7.54
C1C CHL DA . 22.19 -9.06 -7.30
C2C CHL DA . 21.23 -9.92 -8.01
C3C CHL DA . 22.02 -10.86 -8.68
C4C CHL DA . 23.42 -10.58 -8.36
CMC CHL DA . 19.75 -9.88 -8.04
OMC CHL DA . 19.05 -9.15 -7.35
CAC CHL DA . 21.51 -11.94 -9.52
CBC CHL DA . 20.94 -13.03 -8.68
ND CHL DA . 26.19 -9.70 -7.94
C1D CHL DA . 25.82 -10.80 -8.72
C2D CHL DA . 27.04 -11.34 -9.32
C3D CHL DA . 28.07 -10.56 -8.97
C4D CHL DA . 27.51 -9.56 -8.08
CMD CHL DA . 27.08 -12.42 -10.21
CAD CHL DA . 29.48 -10.38 -9.09
OBD CHL DA . 30.26 -11.01 -9.77
CBD CHL DA . 29.82 -9.14 -8.23
CGD CHL DA . 30.86 -9.47 -7.23
O1D CHL DA . 30.77 -10.23 -6.26
O2D CHL DA . 32.05 -8.84 -7.48
CED CHL DA . 33.13 -9.17 -6.63
C1 CHL DA . 32.67 -1.90 -7.70
C2 CHL DA . 32.44 -0.54 -8.24
C3 CHL DA . 33.35 0.43 -8.14
C4 CHL DA . 33.10 1.78 -8.70
MG CHL EA . 29.29 4.92 1.94
CHA CHL EA . 27.00 5.58 -0.58
CHB CHL EA . 30.87 2.75 -0.21
CHC CHL EA . 31.85 4.69 4.14
CHD CHL EA . 28.07 7.78 3.67
NA CHL EA . 28.85 4.15 0.05
C1A CHL EA . 27.82 4.52 -0.81
C2A CHL EA . 27.87 3.69 -2.10
C3A CHL EA . 28.89 2.59 -1.74
C4A CHL EA . 29.63 3.20 -0.56
CMA CHL EA . 28.23 1.29 -1.38
CAA CHL EA . 28.26 4.48 -3.33
CBA CHL EA . 29.42 5.47 -3.19
CGA CHL EA . 29.62 6.19 -4.48
NB CHL EA . 31.04 3.89 1.97
C1B CHL EA . 31.51 3.06 1.01
C2B CHL EA . 32.84 2.52 1.44
C3B CHL EA . 33.13 3.02 2.70
C4B CHL EA . 31.97 3.92 3.02
CMB CHL EA . 33.57 1.56 0.61
CAB CHL EA . 34.35 2.92 3.49
CBB CHL EA . 35.60 2.80 3.04
NC CHL EA . 29.85 6.03 3.61
C1C CHL EA . 30.92 5.73 4.39
C2C CHL EA . 31.04 6.69 5.49
C3C CHL EA . 29.97 7.59 5.34
C4C CHL EA . 29.24 7.16 4.16
CMC CHL EA . 32.10 6.76 6.49
OMC CHL EA . 32.29 7.78 7.10
CAC CHL EA . 29.59 8.73 6.20
CBC CHL EA . 29.94 10.06 5.60
ND CHL EA . 27.91 6.35 1.68
C1D CHL EA . 27.49 7.45 2.48
C2D CHL EA . 26.40 8.17 1.79
C3D CHL EA . 26.18 7.50 0.62
C4D CHL EA . 27.13 6.38 0.59
CMD CHL EA . 25.73 9.36 2.31
CAD CHL EA . 25.38 7.44 -0.59
OBD CHL EA . 24.49 8.18 -0.98
CBD CHL EA . 25.91 6.23 -1.40
CGD CHL EA . 24.83 5.24 -1.68
O1D CHL EA . 24.74 4.09 -1.23
O2D CHL EA . 23.87 5.67 -2.55
CED CHL EA . 22.88 4.70 -2.88
NB KC2 FA . 21.11 -1.54 5.49
ND KC2 FA . 19.01 1.21 3.52
C1A KC2 FA . 19.24 2.21 6.42
C1B KC2 FA . 21.45 -1.55 6.80
C1C KC2 FA . 20.88 -2.40 2.60
C1D KC2 FA . 18.58 1.22 2.19
C2A KC2 FA . 19.35 2.63 7.90
C2B KC2 FA . 22.27 -2.76 7.13
C2C KC2 FA . 20.83 -2.84 1.22
C2D KC2 FA . 17.73 2.40 1.98
C3A KC2 FA . 20.02 1.45 8.63
C3B KC2 FA . 22.41 -3.46 5.98
C3C KC2 FA . 20.16 -1.89 0.50
C3D KC2 FA . 17.73 3.10 3.17
C4A KC2 FA . 20.40 0.55 7.48
C4B KC2 FA . 21.66 -2.71 4.93
C4C KC2 FA . 19.75 -0.86 1.47
C4D KC2 FA . 18.52 2.30 4.11
CAA KC2 FA . 18.23 3.34 8.61
CAB KC2 FA . 23.08 -4.71 5.69
CAC KC2 FA . 19.92 -2.04 -0.95
CAD KC2 FA . 17.24 4.24 3.89
CBA KC2 FA . 18.67 4.74 8.99
CBB KC2 FA . 23.11 -5.80 6.45
CBC KC2 FA . 19.22 -1.13 -1.60
CBD KC2 FA . 17.78 4.14 5.34
CED KC2 FA . 18.44 7.68 6.09
CGA KC2 FA . 18.15 5.25 10.29
CGD KC2 FA . 18.56 5.36 5.72
CHA KC2 FA . 18.59 2.87 5.42
CHB KC2 FA . 21.09 -0.59 7.76
CHC KC2 FA . 21.56 -3.10 3.63
CHD KC2 FA . 18.94 0.28 1.26
CMA KC2 FA . 21.15 1.79 9.53
CMB KC2 FA . 22.79 -3.08 8.47
CMC KC2 FA . 21.44 -4.07 0.73
CMD KC2 FA . 17.09 2.70 0.70
NA KC2 FA . 19.90 0.97 6.27
NC KC2 FA . 20.18 -1.24 2.73
O1A KC2 FA . 18.54 6.23 10.91
O1D KC2 FA . 19.78 5.50 5.73
O2A KC2 FA . 17.11 4.55 10.82
O2D KC2 FA . 17.80 6.41 6.11
OBD KC2 FA . 16.53 5.15 3.50
MG KC2 FA . 20.18 -0.06 4.46
MG CLA GA . 24.75 12.57 -5.66
CHA CLA GA . 27.06 14.33 -3.76
CHB CLA GA . 24.18 15.46 -7.44
CHC CLA GA . 23.37 10.76 -8.18
CHD CLA GA . 25.98 9.59 -4.22
NA CLA GA . 25.48 14.53 -5.58
C1A CLA GA . 26.44 15.06 -4.71
C2A CLA GA . 26.69 16.53 -5.03
C3A CLA GA . 25.42 16.89 -5.81
C4A CLA GA . 25.01 15.54 -6.36
CMA CLA GA . 24.37 17.43 -4.89
CAA CLA GA . 27.96 16.75 -5.85
CBA CLA GA . 28.69 15.60 -6.55
CGA CLA GA . 27.96 15.14 -7.76
O1A CLA GA . 27.35 14.09 -7.93
O2A CLA GA . 28.09 16.05 -8.76
NB CLA GA . 24.00 13.03 -7.48
C1B CLA GA . 23.73 14.27 -7.97
C2B CLA GA . 22.85 14.19 -9.18
C3B CLA GA . 22.63 12.87 -9.39
C4B CLA GA . 23.34 12.11 -8.32
CMB CLA GA . 22.34 15.38 -9.89
CAB CLA GA . 21.89 12.21 -10.43
CBB CLA GA . 21.87 12.47 -11.74
NC CLA GA . 24.61 10.53 -6.07
C1C CLA GA . 23.92 10.00 -7.12
C2C CLA GA . 23.96 8.54 -7.06
C3C CLA GA . 24.78 8.21 -5.99
C4C CLA GA . 25.17 9.47 -5.37
CMC CLA GA . 23.34 7.58 -7.99
CAC CLA GA . 25.12 6.85 -5.53
CBC CLA GA . 26.34 6.28 -6.22
ND CLA GA . 26.07 12.03 -4.23
C1D CLA GA . 26.42 10.78 -3.68
C2D CLA GA . 27.30 10.99 -2.49
C3D CLA GA . 27.56 12.36 -2.47
C4D CLA GA . 26.82 12.93 -3.60
CMD CLA GA . 27.79 9.96 -1.60
CAD CLA GA . 28.23 13.45 -1.79
OBD CLA GA . 28.88 13.43 -0.75
CBD CLA GA . 28.01 14.73 -2.65
CGD CLA GA . 27.43 15.88 -1.84
O1D CLA GA . 26.29 16.33 -1.95
O2D CLA GA . 28.25 16.44 -0.91
CED CLA GA . 28.14 17.85 -0.65
C1 CLA GA . 27.12 15.99 -9.82
C2 CLA GA . 27.58 14.99 -10.82
C3 CLA GA . 26.82 14.64 -11.86
C4 CLA GA . 25.49 15.21 -12.04
C5 CLA GA . 27.21 13.65 -12.89
C6 CLA GA . 26.31 12.42 -13.05
C7 CLA GA . 26.71 11.58 -14.23
C8 CLA GA . 27.93 10.70 -13.96
C9 CLA GA . 29.06 11.10 -14.89
C10 CLA GA . 27.58 9.23 -14.16
MG CLA HA . 11.51 20.67 -13.87
CHA CLA HA . 14.86 20.55 -12.83
CHB CLA HA . 11.89 24.01 -14.42
CHC CLA HA . 8.82 20.62 -16.01
CHD CLA HA . 11.62 17.14 -14.08
NA CLA HA . 13.10 22.02 -13.62
C1A CLA HA . 14.41 21.78 -13.18
C2A CLA HA . 15.24 23.06 -13.15
C3A CLA HA . 14.21 24.17 -13.43
C4A CLA HA . 12.97 23.36 -13.86
CMA CLA HA . 13.99 25.03 -12.22
CAA CLA HA . 16.33 23.02 -14.21
CBA CLA HA . 15.86 22.37 -15.49
NB CLA HA . 10.64 22.01 -15.10
C1B CLA HA . 10.73 23.35 -14.86
C2B CLA HA . 9.46 24.05 -15.15
C3B CLA HA . 8.58 23.09 -15.60
C4B CLA HA . 9.35 21.82 -15.65
CMB CLA HA . 9.27 25.48 -14.99
CAB CLA HA . 7.23 23.21 -16.07
CBB CLA HA . 6.18 22.61 -15.49
NC CLA HA . 10.36 19.15 -14.76
C1C CLA HA . 9.26 19.35 -15.56
C2C CLA HA . 8.71 18.06 -15.99
C3C CLA HA . 9.55 17.08 -15.47
C4C CLA HA . 10.57 17.77 -14.70
CMC CLA HA . 7.54 17.84 -16.86
CAC CLA HA . 9.44 15.61 -15.63
CBC CLA HA . 10.42 15.10 -16.65
ND CLA HA . 12.76 19.17 -13.33
C1D CLA HA . 12.68 17.75 -13.45
C2D CLA HA . 13.87 17.13 -12.83
C3D CLA HA . 14.72 18.17 -12.52
C4D CLA HA . 14.02 19.40 -12.94
CMD CLA HA . 14.09 15.70 -12.68
CAD CLA HA . 16.02 18.56 -11.97
OBD CLA HA . 16.86 17.89 -11.38
CBD CLA HA . 16.20 20.08 -12.30
CGD CLA HA . 16.67 20.87 -11.09
O1D CLA HA . 16.24 20.84 -9.94
O2D CLA HA . 17.70 21.72 -11.33
CED CLA HA . 18.18 22.50 -10.23
MG CLA IA . 18.88 13.94 -15.53
CHA CLA IA . 20.12 17.20 -15.48
CHB CLA IA . 22.07 12.75 -15.37
CHC CLA IA . 17.84 10.83 -16.57
CHD CLA IA . 15.76 15.27 -16.52
NA CLA IA . 20.75 14.84 -15.43
C1A CLA IA . 21.08 16.21 -15.41
C2A CLA IA . 22.60 16.38 -15.32
C3A CLA IA . 23.11 14.96 -15.05
C4A CLA IA . 21.90 14.10 -15.34
CMA CLA IA . 24.32 14.70 -15.92
CAA CLA IA . 23.06 17.26 -14.17
CBA CLA IA . 23.80 18.52 -14.57
CGA CLA IA . 24.90 18.83 -13.59
O1A CLA IA . 24.82 19.39 -12.50
O2A CLA IA . 26.14 18.41 -14.01
NB CLA IA . 19.79 12.17 -15.94
C1B CLA IA . 21.06 11.85 -15.63
C2B CLA IA . 21.27 10.37 -15.64
C3B CLA IA . 20.07 9.82 -15.98
C4B CLA IA . 19.12 10.95 -16.17
CMB CLA IA . 22.56 9.75 -15.35
CAB CLA IA . 19.72 8.44 -16.20
CBB CLA IA . 19.31 7.92 -17.36
NC CLA IA . 17.10 13.18 -16.31
C1C CLA IA . 16.87 11.86 -16.63
C2C CLA IA . 15.51 11.68 -17.10
C3C CLA IA . 14.95 12.96 -17.15
C4C CLA IA . 15.95 13.89 -16.65
CMC CLA IA . 14.86 10.44 -17.53
CAC CLA IA . 13.58 13.26 -17.58
CBC CLA IA . 13.46 13.57 -19.04
ND CLA IA . 18.05 15.76 -15.83
C1D CLA IA . 16.73 16.17 -16.16
C2D CLA IA . 16.62 17.63 -16.01
C3D CLA IA . 17.89 18.08 -15.71
C4D CLA IA . 18.74 16.88 -15.67
CMD CLA IA . 15.43 18.45 -16.19
CAD CLA IA . 18.72 19.23 -15.39
OBD CLA IA . 18.40 20.39 -15.17
CBD CLA IA . 20.19 18.71 -15.38
CGD CLA IA . 20.97 19.35 -16.47
O1D CLA IA . 21.68 20.35 -16.40
O2D CLA IA . 20.86 18.69 -17.66
CED CLA IA . 21.73 19.08 -18.72
C1 CLA IA . 26.83 19.19 -14.99
MG CLA JA . 4.00 3.06 -16.40
CHA CLA JA . 2.55 1.31 -19.03
CHB CLA JA . 5.66 5.02 -18.70
CHC CLA JA . 4.61 5.37 -13.98
CHD CLA JA . 1.59 1.56 -14.26
NA CLA JA . 4.13 3.10 -18.49
C1A CLA JA . 3.43 2.29 -19.40
C2A CLA JA . 3.77 2.66 -20.82
C3A CLA JA . 4.99 3.60 -20.67
C4A CLA JA . 4.93 3.96 -19.18
CMA CLA JA . 6.31 3.00 -21.08
CAA CLA JA . 2.49 3.30 -21.40
CBA CLA JA . 2.06 4.70 -21.00
CGA CLA JA . 0.78 4.71 -20.24
O1A CLA JA . -0.26 4.07 -20.42
O2A CLA JA . 0.83 5.60 -19.20
NB CLA JA . 4.95 4.84 -16.36
C1B CLA JA . 5.65 5.42 -17.37
C2B CLA JA . 6.44 6.59 -16.86
C3B CLA JA . 6.15 6.69 -15.53
C4B CLA JA . 5.19 5.58 -15.19
CMB CLA JA . 7.29 7.44 -17.71
CAB CLA JA . 6.57 7.65 -14.56
CBB CLA JA . 7.77 8.21 -14.40
NC CLA JA . 3.26 3.38 -14.46
C1C CLA JA . 3.69 4.36 -13.62
C2C CLA JA . 3.05 4.23 -12.30
C3C CLA JA . 2.12 3.20 -12.42
C4C CLA JA . 2.29 2.66 -13.76
CMC CLA JA . 3.26 5.07 -11.11
CAC CLA JA . 1.23 2.71 -11.34
CBC CLA JA . 0.01 3.59 -11.18
ND CLA JA . 2.47 1.74 -16.53
C1D CLA JA . 1.66 1.12 -15.56
C2D CLA JA . 0.94 0.00 -16.16
C3D CLA JA . 1.27 0.00 -17.50
C4D CLA JA . 2.18 1.14 -17.68
CMD CLA JA . 0.02 -0.89 -15.51
CAD CLA JA . 1.06 -0.63 -18.78
OBD CLA JA . 0.40 -1.62 -19.07
CBD CLA JA . 1.84 0.21 -19.82
CGD CLA JA . 2.80 -0.61 -20.63
O1D CLA JA . 3.51 -1.55 -20.24
O2D CLA JA . 2.88 -0.24 -21.94
CED CLA JA . 2.94 -1.26 -22.95
C1 CLA JA . 1.14 5.06 -17.92
C2 CLA JA . 0.94 6.11 -16.87
C3 CLA JA . 0.32 5.98 -15.68
C4 CLA JA . -0.33 4.69 -15.33
C5 CLA JA . 0.23 7.16 -14.77
C6 CLA JA . 0.22 6.83 -13.30
C7 CLA JA . 0.49 8.03 -12.48
C8 CLA JA . -0.25 7.98 -11.15
MG CLA KA . 3.55 8.03 -24.61
CHA CLA KA . 0.58 8.44 -22.88
CHB CLA KA . 1.94 8.94 -27.50
CHC CLA KA . 6.58 8.44 -26.18
CHD CLA KA . 5.24 7.91 -21.51
NA CLA KA . 1.59 8.55 -25.10
C1A CLA KA . 0.49 8.61 -24.23
C2A CLA KA . -0.74 9.09 -24.98
C3A CLA KA . -0.35 8.91 -26.46
C4A CLA KA . 1.17 8.81 -26.36
CMA CLA KA . -0.97 7.68 -27.07
CAA CLA KA . -1.03 10.55 -24.67
CBA CLA KA . 0.09 11.60 -24.82
CGA CLA KA . -0.13 12.79 -23.93
O1A CLA KA . -0.56 13.89 -24.30
O2A CLA KA . 0.13 12.67 -22.58
NB CLA KA . 4.14 8.52 -26.48
C1B CLA KA . 3.34 8.85 -27.53
C2B CLA KA . 4.15 9.10 -28.75
C3B CLA KA . 5.47 8.95 -28.39
C4B CLA KA . 5.47 8.58 -26.95
CMB CLA KA . 3.54 9.51 -30.02
CAB CLA KA . 6.70 9.12 -29.14
CBB CLA KA . 6.92 8.72 -30.39
NC CLA KA . 5.54 8.10 -23.96
C1C CLA KA . 6.62 8.22 -24.78
C2C CLA KA . 7.85 8.18 -23.99
C3C CLA KA . 7.47 8.07 -22.65
C4C CLA KA . 6.02 7.99 -22.66
CMC CLA KA . 9.21 8.34 -24.48
CAC CLA KA . 8.33 7.96 -21.44
CBC CLA KA . 8.54 9.29 -20.75
ND CLA KA . 3.10 8.17 -22.65
C1D CLA KA . 3.87 8.02 -21.47
C2D CLA KA . 2.98 8.01 -20.29
C3D CLA KA . 1.69 8.12 -20.79
C4D CLA KA . 1.83 8.25 -22.25
CMD CLA KA . 3.41 7.85 -18.91
CAD CLA KA . 0.28 8.21 -20.46
OBD CLA KA . -0.27 8.13 -19.37
CBD CLA KA . -0.48 8.44 -21.80
CGD CLA KA . -1.50 7.39 -22.09
O1D CLA KA . -1.44 6.50 -22.94
O2D CLA KA . -2.61 7.46 -21.31
CED CLA KA . -3.47 6.32 -21.25
C1 CLA KA . 1.32 12.08 -22.00
C2 CLA KA . 2.56 12.81 -22.38
C3 CLA KA . 3.77 12.26 -22.21
MG CHL LA . 30.96 -3.24 -21.74
CHA CHL LA . 28.08 -1.38 -21.37
CHB CHL LA . 31.29 -1.90 -24.89
CHC CHL LA . 34.30 -3.93 -21.67
CHD CHL LA . 30.77 -4.15 -18.29
NA CHL LA . 29.77 -2.04 -22.97
C1A CHL LA . 28.61 -1.34 -22.63
C2A CHL LA . 28.11 -0.49 -23.82
C3A CHL LA . 28.91 -1.11 -25.01
C4A CHL LA . 30.08 -1.76 -24.26
CMA CHL LA . 28.09 -2.00 -25.88
CAA CHL LA . 28.30 1.00 -23.53
CBA CHL LA . 28.41 2.00 -24.69
CGA CHL LA . 28.85 3.35 -24.22
O1A CHL LA . 28.37 4.10 -23.37
NB CHL LA . 32.50 -2.98 -23.05
C1B CHL LA . 32.45 -2.41 -24.28
C2B CHL LA . 33.80 -2.43 -24.92
C3B CHL LA . 34.67 -3.02 -24.04
C4B CHL LA . 33.85 -3.34 -22.82
CMB CHL LA . 34.05 -1.90 -26.27
CAB CHL LA . 36.12 -3.08 -24.19
CBB CHL LA . 37.03 -2.76 -23.26
NC CHL LA . 32.27 -3.94 -20.26
C1C CHL LA . 33.61 -4.15 -20.45
C2C CHL LA . 34.25 -4.68 -19.23
C3C CHL LA . 33.24 -4.75 -18.28
C4C CHL LA . 32.00 -4.30 -18.93
CMC CHL LA . 35.65 -5.12 -19.01
OMC CHL LA . 36.44 -5.38 -19.91
CAC CHL LA . 33.37 -5.22 -16.88
CBC CHL LA . 33.68 -4.11 -15.92
ND CHL LA . 29.76 -2.91 -20.17
C1D CHL LA . 29.77 -3.35 -18.81
C2D CHL LA . 28.62 -2.77 -18.09
C3D CHL LA . 27.95 -2.02 -19.03
C4D CHL LA . 28.68 -2.13 -20.30
CMD CHL LA . 28.30 -2.96 -16.67
CAD CHL LA . 26.83 -1.15 -19.30
OBD CHL LA . 25.95 -0.77 -18.58
CBD CHL LA . 26.86 -0.74 -20.79
CGD CHL LA . 25.58 -1.24 -21.40
O1D CHL LA . 25.24 -2.43 -21.51
O2D CHL LA . 24.73 -0.29 -21.84
CED CHL LA . 23.45 -0.75 -22.31
C1 NEX MA . 41.02 0.22 7.92
C2 NEX MA . 40.58 0.76 9.28
C3 NEX MA . 40.77 2.25 9.45
C4 NEX MA . 39.94 2.95 8.39
C5 NEX MA . 40.42 2.60 6.98
C6 NEX MA . 40.42 1.07 6.84
C7 NEX MA . 39.92 0.51 5.82
C8 NEX MA . 39.42 -0.01 4.79
C9 NEX MA . 37.93 -0.06 4.59
C10 NEX MA . 37.52 -0.67 3.44
C11 NEX MA . 36.12 -0.85 3.08
C12 NEX MA . 35.62 -1.51 2.04
C13 NEX MA . 34.13 -1.57 1.79
C14 NEX MA . 33.80 -1.91 0.52
C15 NEX MA . 32.43 -1.91 0.02
C16 NEX MA . 40.62 -1.26 7.88
C17 NEX MA . 42.56 0.21 7.79
C18 NEX MA . 39.54 3.39 6.02
C19 NEX MA . 37.08 0.59 5.69
C20 NEX MA . 33.11 -1.26 2.89
O3 NEX MA . 40.33 2.65 10.75
O4 NEX MA . 41.77 3.06 6.80
C21 NEX MA . 27.58 -1.11 -10.46
C22 NEX MA . 27.12 -1.53 -11.82
C23 NEX MA . 27.62 -2.84 -12.35
C24 NEX MA . 27.00 -3.92 -11.49
C25 NEX MA . 27.15 -3.73 -9.98
C26 NEX MA . 27.38 -2.28 -9.47
C27 NEX MA . 26.46 -2.03 -8.31
C28 NEX MA . 27.06 -1.73 -7.18
C29 NEX MA . 26.38 -1.51 -5.87
C30 NEX MA . 26.99 -1.44 -4.65
C31 NEX MA . 28.44 -1.55 -4.45
C32 NEX MA . 29.00 -1.54 -3.23
C33 NEX MA . 30.47 -1.68 -3.01
C34 NEX MA . 30.84 -1.84 -1.73
C35 NEX MA . 32.22 -1.96 -1.26
C36 NEX MA . 26.77 0.13 -10.08
C37 NEX MA . 29.04 -0.69 -10.53
C38 NEX MA . 26.23 -4.67 -9.15
C39 NEX MA . 24.89 -1.43 -5.91
C40 NEX MA . 31.46 -1.70 -4.17
O23 NEX MA . 27.17 -3.04 -13.70
O24 NEX MA . 28.39 -3.30 -9.39
C18 Q6L NA . -0.75 11.10 -18.17
C19 Q6L NA . 0.15 11.69 -17.23
C03 Q6L NA . -6.30 7.57 -24.63
C05 Q6L NA . -5.60 5.80 -26.37
C07 Q6L NA . -7.16 5.21 -24.55
C09 Q6L NA . -3.90 6.87 -25.05
C10 Q6L NA . -5.09 8.21 -26.78
C11 Q6L NA . -6.07 8.92 -24.07
C13 Q6L NA . -5.24 10.29 -22.07
C14 Q6L NA . -4.27 10.13 -21.17
C22 Q6L NA . 3.07 11.03 -15.11
C27 Q6L NA . 6.90 12.54 -12.31
C28 Q6L NA . 7.94 11.54 -12.71
C30 Q6L NA . 8.67 14.37 -11.57
C31 Q6L NA . 8.76 15.83 -11.20
C33 Q6L NA . 6.59 16.65 -10.14
C36 Q6L NA . 9.53 16.01 -9.85
O08 Q6L NA . -7.01 3.86 -26.60
O39 Q6L NA . 6.47 16.89 -7.74
C01 Q6L NA . -8.04 6.90 -22.88
C02 Q6L NA . -6.99 6.59 -23.98
C04 Q6L NA . -5.26 7.13 -25.69
C06 Q6L NA . -6.94 5.18 -26.07
C12 Q6L NA . -5.56 9.09 -22.84
C15 Q6L NA . -3.74 11.12 -20.28
C16 Q6L NA . -2.66 10.79 -19.57
C17 Q6L NA . -1.92 11.61 -18.60
C20 Q6L NA . 1.20 11.02 -16.76
C21 Q6L NA . 2.10 11.63 -15.82
C23 Q6L NA . 3.40 9.57 -15.20
C24 Q6L NA . 3.84 11.88 -14.21
C25 Q6L NA . 4.99 11.57 -13.57
C26 Q6L NA . 5.61 12.53 -12.70
C29 Q6L NA . 7.37 13.63 -11.41
C32 Q6L NA . 7.33 16.42 -11.24
C34 Q6L NA . 7.15 16.20 -8.79
C35 Q6L NA . 8.66 16.45 -8.65
C37 Q6L NA . 10.64 17.07 -10.02
C38 Q6L NA . 10.23 14.70 -9.47
C40 Q6L NA . 6.77 16.95 -12.51
C41 Q6L NA . -2.51 12.92 -18.16
C42 Q6L NA . -5.98 11.57 -22.33
C18 Q6L OA . 17.70 8.08 -13.41
C19 Q6L OA . 18.83 8.73 -12.80
C03 Q6L OA . 11.35 3.82 -17.59
C05 Q6L OA . 9.29 2.34 -17.73
C07 Q6L OA . 11.34 1.90 -19.25
C09 Q6L OA . 9.30 4.49 -18.85
C10 Q6L OA . 9.17 4.37 -16.32
C11 Q6L OA . 11.97 4.93 -16.81
C13 Q6L OA . 12.41 7.37 -16.35
C14 Q6L OA . 13.53 7.12 -15.65
C22 Q6L OA . 22.35 8.26 -11.81
C27 Q6L OA . 26.58 9.57 -9.67
C28 Q6L OA . 27.03 8.24 -9.16
C30 Q6L OA . 28.81 10.84 -8.96
C31 Q6L OA . 29.56 12.14 -8.86
C33 Q6L OA . 30.96 13.16 -7.02
C36 Q6L OA . 30.82 12.19 -9.77
O08 Q6L OA . 9.04 1.81 -20.10
O39 Q6L OA . 32.83 14.55 -7.58
C01 Q6L OA . 13.46 3.20 -18.95
C02 Q6L OA . 12.00 3.03 -18.49
C04 Q6L OA . 9.81 3.77 -17.60
C06 Q6L OA . 9.85 1.60 -18.95
C12 Q6L OA . 11.82 6.24 -17.07
C15 Q6L OA . 14.33 8.06 -14.89
C16 Q6L OA . 15.51 7.69 -14.35
C17 Q6L OA . 16.44 8.55 -13.60
C20 Q6L OA . 19.99 8.08 -12.59
C21 Q6L OA . 21.12 8.77 -12.04
C23 Q6L OA . 22.80 6.84 -12.01
C24 Q6L OA . 23.37 9.15 -11.28
C25 Q6L OA . 24.64 8.78 -11.01
C26 Q6L OA . 25.53 9.76 -10.48
C29 Q6L OA . 27.33 10.79 -9.25
C32 Q6L OA . 29.89 12.43 -7.38
C34 Q6L OA . 32.18 13.34 -7.92
C35 Q6L OA . 31.77 13.34 -9.40
C37 Q6L OA . 30.43 12.36 -11.24
C38 Q6L OA . 31.60 10.87 -9.65
C40 Q6L OA . 29.08 11.89 -6.26
C41 Q6L OA . 15.96 9.88 -13.12
C42 Q6L OA . 11.70 8.69 -16.46
C18 Q6L PA . 12.98 2.16 -4.50
C19 Q6L PA . 12.23 3.14 -3.78
C03 Q6L PA . 18.17 -4.43 -8.92
C05 Q6L PA . 17.83 -6.99 -9.47
C07 Q6L PA . 18.12 -5.16 -11.31
C09 Q6L PA . 16.00 -5.70 -8.49
C10 Q6L PA . 18.01 -6.25 -7.14
C11 Q6L PA . 18.27 -3.47 -7.80
C13 Q6L PA . 17.32 -1.55 -6.42
C14 Q6L PA . 16.24 -0.76 -6.36
C22 Q6L PA . 8.89 4.70 -3.77
C27 Q6L PA . 5.43 8.04 -2.98
C28 Q6L PA . 4.89 8.02 -4.37
C30 Q6L PA . 4.89 10.56 -2.39
C31 Q6L PA . 4.10 11.60 -1.64
C33 Q6L PA . 5.11 13.75 -0.63
C36 Q6L PA . 3.30 12.50 -2.61
O08 Q6L PA . 17.48 -7.42 -11.81
O39 Q6L PA . 3.43 15.50 -0.35
C01 Q6L PA . 19.22 -2.99 -10.79
C02 Q6L PA . 18.36 -4.14 -10.24
C04 Q6L PA . 17.54 -5.81 -8.54
C06 Q6L PA . 18.25 -6.64 -10.91
C12 Q6L PA . 17.34 -2.54 -7.49
C15 Q6L PA . 15.99 0.28 -5.39
C16 Q6L PA . 14.72 0.69 -5.20
C17 Q6L PA . 14.23 1.72 -4.28
C20 Q6L PA . 10.97 3.39 -4.14
C21 Q6L PA . 10.17 4.39 -3.47
C23 Q6L PA . 8.08 4.06 -4.85
C24 Q6L PA . 8.22 5.74 -3.01
C25 Q6L PA . 6.97 6.15 -3.27
C26 Q6L PA . 6.36 7.19 -2.51
C29 Q6L PA . 4.91 9.09 -2.04
C32 Q6L PA . 5.06 12.40 -0.72
C34 Q6L PA . 4.05 14.64 -1.30
C35 Q6L PA . 2.93 13.86 -2.01
C37 Q6L PA . 2.01 11.78 -3.05
C38 Q6L PA . 4.13 12.81 -3.85
C40 Q6L PA . 6.27 11.69 -0.26
C41 Q6L PA . 15.13 2.20 -3.17
C42 Q6L PA . 18.48 -1.51 -5.47
C01 IWJ QA . 20.49 4.41 -18.62
C02 IWJ QA . 21.37 4.00 -19.74
C03 IWJ QA . 20.73 3.77 -20.92
C04 IWJ QA . 21.50 3.39 -22.19
C05 IWJ QA . 22.91 2.83 -21.92
C06 IWJ QA . 23.67 3.50 -20.77
C07 IWJ QA . 22.82 3.63 -19.47
C08 IWJ QA . 23.50 4.54 -18.47
C09 IWJ QA . 23.73 4.23 -17.18
C10 IWJ QA . 24.43 5.12 -16.16
C11 IWJ QA . 25.01 4.53 -15.10
C12 IWJ QA . 25.75 5.15 -14.04
C13 IWJ QA . 26.38 4.37 -13.14
C14 IWJ QA . 27.22 4.80 -12.01
C15 IWJ QA . 27.51 3.89 -11.06
C16 IWJ QA . 28.34 4.10 -9.92
C17 IWJ QA . 28.46 3.23 -8.91
C18 IWJ QA . 29.36 3.53 -7.83
C19 IWJ QA . 29.75 2.76 -6.80
C20 IWJ QA . 29.25 1.37 -6.54
C21 IWJ QA . 30.73 3.36 -5.89
C22 IWJ QA . 31.73 2.72 -5.25
C23 IWJ QA . 32.64 3.44 -4.40
C24 IWJ QA . 33.49 2.95 -3.48
C25 IWJ QA . 33.61 1.49 -3.15
C26 IWJ QA . 34.32 3.93 -2.80
C28 IWJ QA . 35.15 4.93 -3.58
C29 IWJ QA . 34.81 6.32 -3.03
C30 IWJ QA . 35.73 6.67 -1.95
C31 IWJ QA . 35.42 6.67 -0.65
C32 IWJ QA . 37.14 6.98 -2.51
C33 IWJ QA . 37.15 8.03 -3.61
C34 IWJ QA . 36.22 7.63 -4.76
C35 IWJ QA . 34.83 7.25 -4.23
C36 IWJ QA . 34.13 6.56 -5.42
C37 IWJ QA . 34.07 8.56 -3.95
C40 IWJ QA . 27.73 6.20 -12.01
C41 IWJ QA . 24.44 6.60 -16.42
C42 IWJ QA . 24.95 2.69 -20.50
C43 IWJ QA . 24.10 4.90 -21.26
O27 IWJ QA . 34.37 4.02 -1.58
O38 IWJ QA . 38.47 8.25 -4.09
O39 IWJ QA . 33.52 6.30 -2.50
O44 IWJ QA . 20.76 2.46 -22.96
C18 Q6L RA . -20.88 -6.48 8.28
C19 Q6L RA . -20.65 -5.08 8.36
C03 Q6L RA . -22.78 -15.33 7.24
C05 Q6L RA . -23.65 -17.09 5.45
C07 Q6L RA . -21.20 -17.00 6.24
C09 Q6L RA . -24.21 -14.72 5.29
C10 Q6L RA . -25.15 -16.06 7.19
C11 Q6L RA . -23.26 -14.36 8.26
C13 Q6L RA . -22.84 -12.08 9.33
C14 Q6L RA . -22.11 -11.01 9.00
C22 Q6L RA . -20.22 -2.03 6.38
C27 Q6L RA . -20.55 2.92 5.96
C28 Q6L RA . -21.29 2.94 4.66
C30 Q6L RA . -21.09 5.42 6.73
C31 Q6L RA . -21.45 6.04 8.06
C33 Q6L RA . -19.62 5.49 9.76
C36 Q6L RA . -21.10 7.56 8.12
O08 Q6L RA . -21.98 -18.67 4.69
O39 Q6L RA . -18.13 7.27 10.49
C01 Q6L RA . -20.51 -15.85 8.36
C02 Q6L RA . -21.54 -15.90 7.21
C04 Q6L RA . -23.91 -15.82 6.31
C06 Q6L RA . -22.39 -17.86 5.79
C12 Q6L RA . -22.60 -13.21 8.46
C15 Q6L RA . -22.09 -9.70 9.58
C16 Q6L RA . -21.61 -8.70 8.83
C17 Q6L RA . -21.48 -7.29 9.18
C20 Q6L RA . -20.53 -4.34 7.26
C21 Q6L RA . -20.30 -2.92 7.37
C23 Q6L RA . -20.35 -2.35 4.92
C24 Q6L RA . -19.99 -0.63 6.76
C25 Q6L RA . -20.49 0.45 6.14
C26 Q6L RA . -20.20 1.78 6.60
C29 Q6L RA . -20.18 4.21 6.59
C32 Q6L RA . -20.84 5.22 9.25
C34 Q6L RA . -18.98 6.85 9.43
C35 Q6L RA . -20.05 7.92 9.19
C37 Q6L RA . -22.38 8.38 8.40
C38 Q6L RA . -20.55 8.02 6.76
C40 Q6L RA . -21.75 4.50 10.16
C41 Q6L RA . -22.02 -6.83 10.50
C42 Q6L RA . -23.83 -12.18 10.46
MG CHL SA . 16.53 -10.62 -5.91
CHA CHL SA . 14.08 -12.79 -7.06
CHB CHL SA . 14.14 -8.15 -5.74
CHC CHL SA . 18.53 -8.88 -3.81
CHD CHL SA . 18.80 -13.33 -5.83
NA CHL SA . 14.52 -10.49 -6.46
C1A CHL SA . 13.65 -11.49 -6.89
C2A CHL SA . 12.22 -10.94 -7.12
C3A CHL SA . 12.55 -9.42 -7.20
C4A CHL SA . 13.83 -9.32 -6.40
CMA CHL SA . 12.72 -8.96 -8.61
CAA CHL SA . 11.24 -11.40 -6.04
CBA CHL SA . 10.10 -10.45 -5.63
CGA CHL SA . 9.23 -10.99 -4.54
O1A CHL SA . 9.57 -11.61 -3.53
O2A CHL SA . 7.92 -10.67 -4.72
NB CHL SA . 16.37 -8.85 -4.96
C1B CHL SA . 15.34 -7.96 -5.02
C2B CHL SA . 15.63 -6.77 -4.17
C3B CHL SA . 16.87 -6.93 -3.62
C4B CHL SA . 17.35 -8.28 -4.11
CMB CHL SA . 14.69 -5.66 -4.03
CAB CHL SA . 17.48 -6.11 -2.60
CBB CHL SA . 18.06 -6.52 -1.46
NC CHL SA . 18.36 -11.03 -5.00
C1C CHL SA . 19.01 -10.15 -4.18
C2C CHL SA . 20.28 -10.71 -3.70
C3C CHL SA . 20.35 -11.95 -4.28
C4C CHL SA . 19.16 -12.17 -5.11
CMC CHL SA . 21.27 -10.18 -2.75
OMC CHL SA . 21.03 -9.27 -1.99
CAC CHL SA . 21.46 -12.88 -4.07
CBC CHL SA . 22.69 -12.58 -4.91
ND CHL SA . 16.53 -12.59 -6.34
C1D CHL SA . 17.54 -13.57 -6.30
C2D CHL SA . 16.99 -14.87 -6.73
C3D CHL SA . 15.68 -14.61 -7.03
C4D CHL SA . 15.44 -13.18 -6.78
CMD CHL SA . 17.72 -16.14 -6.80
CAD CHL SA . 14.46 -15.19 -7.49
OBD CHL SA . 14.27 -16.34 -7.79
CBD CHL SA . 13.39 -14.05 -7.53
CGD CHL SA . 12.91 -13.86 -8.94
O1D CHL SA . 13.53 -13.35 -9.87
O2D CHL SA . 11.67 -14.32 -9.18
CED CHL SA . 11.24 -14.31 -10.55
C1 CHL SA . 7.55 -9.33 -4.33
C01 IWJ TA . -7.50 6.36 -15.39
C02 IWJ TA . -6.73 6.77 -16.59
C03 IWJ TA . -7.31 7.76 -17.32
C04 IWJ TA . -6.46 8.83 -18.03
C05 IWJ TA . -5.03 8.38 -18.32
C06 IWJ TA . -4.35 7.59 -17.17
C07 IWJ TA . -5.23 6.42 -16.64
C08 IWJ TA . -4.75 5.88 -15.32
C09 IWJ TA . -4.08 4.71 -15.19
C10 IWJ TA . -3.55 4.03 -13.92
C11 IWJ TA . -3.03 2.79 -14.04
C12 IWJ TA . -2.49 1.96 -12.99
C13 IWJ TA . -2.39 0.63 -13.18
C14 IWJ TA . -1.90 -0.36 -12.21
C15 IWJ TA . -1.89 -1.65 -12.57
C16 IWJ TA . -1.45 -2.77 -11.78
C17 IWJ TA . -1.57 -4.03 -12.20
C18 IWJ TA . -1.12 -5.11 -11.36
C19 IWJ TA . -1.30 -6.44 -11.54
C20 IWJ TA . -2.02 -7.08 -12.69
C21 IWJ TA . -0.74 -7.29 -10.49
C22 IWJ TA . -0.87 -8.61 -10.27
C23 IWJ TA . -0.18 -9.17 -9.15
C24 IWJ TA . -0.44 -10.30 -8.47
C25 IWJ TA . -1.57 -11.24 -8.77
C26 IWJ TA . 0.45 -10.60 -7.36
C28 IWJ TA . 1.37 -9.50 -6.83
C29 IWJ TA . 0.99 -9.06 -5.42
C30 IWJ TA . 2.19 -9.01 -4.58
C31 IWJ TA . 3.40 -9.40 -4.98
C32 IWJ TA . 1.80 -8.67 -3.13
C33 IWJ TA . 0.81 -7.50 -2.98
C34 IWJ TA . 0.61 -6.76 -4.31
C35 IWJ TA . 0.28 -7.70 -5.47
C36 IWJ TA . 0.69 -6.94 -6.74
C37 IWJ TA . -1.26 -7.90 -5.49
C40 IWJ TA . -1.46 0.16 -10.88
C41 IWJ TA . -3.66 4.79 -12.63
C42 IWJ TA . -4.04 8.58 -16.02
C43 IWJ TA . -3.01 7.05 -17.70
O27 IWJ TA . 0.47 -11.72 -6.88
O38 IWJ TA . 1.24 -6.61 -1.97
O39 IWJ TA . 0.10 -9.97 -4.88
O44 IWJ TA . -7.09 9.27 -19.23
C18 Q6L UA . 12.21 -4.28 -0.49
C19 Q6L UA . 11.75 -5.06 -1.61
C03 Q6L UA . 14.37 -0.71 7.59
C05 Q6L UA . 14.03 0.35 9.97
C07 Q6L UA . 15.76 1.22 8.33
C09 Q6L UA . 14.48 -2.03 9.74
C10 Q6L UA . 12.28 -1.13 9.00
C11 Q6L UA . 13.84 -1.67 6.59
C13 Q6L UA . 13.92 -3.90 5.37
C14 Q6L UA . 13.51 -3.47 4.17
C22 Q6L UA . 10.34 -5.14 -5.01
C27 Q6L UA . 8.43 -7.53 -8.96
C28 Q6L UA . 7.74 -6.39 -9.64
C30 Q6L UA . 6.92 -9.67 -9.45
C31 Q6L UA . 6.53 -10.85 -10.32
C33 Q6L UA . 8.02 -11.83 -12.19
C36 Q6L UA . 6.65 -12.21 -9.57
O08 Q6L UA . 15.00 2.56 10.22
O39 Q6L UA . 7.95 -14.25 -12.50
C01 Q6L UA . 16.67 -0.21 6.49
C02 Q6L UA . 15.45 0.12 7.38
C04 Q6L UA . 13.81 -0.86 9.03
C06 Q6L UA . 14.60 1.58 9.27
C12 Q6L UA . 14.35 -2.89 6.33
C15 Q6L UA . 13.06 -4.32 3.09
C16 Q6L UA . 12.91 -3.90 1.82
C17 Q6L UA . 12.44 -4.78 0.73
C20 Q6L UA . 11.38 -4.56 -2.80
C21 Q6L UA . 10.94 -5.44 -3.83
C23 Q6L UA . 10.02 -3.77 -5.50
C24 Q6L UA . 9.98 -6.27 -5.89
C25 Q6L UA . 9.54 -6.20 -7.17
C26 Q6L UA . 9.22 -7.40 -7.87
C29 Q6L UA . 8.23 -8.90 -9.53
C32 Q6L UA . 7.28 -10.81 -11.70
C34 Q6L UA . 8.00 -13.22 -11.52
C35 Q6L UA . 6.84 -13.40 -10.53
C37 Q6L UA . 5.37 -12.46 -8.74
C38 Q6L UA . 7.84 -12.18 -8.61
C40 Q6L UA . 6.80 -9.88 -12.75
C41 Q6L UA . 12.26 -6.23 1.07
C42 Q6L UA . 13.95 -5.34 5.80
MG CLA VA . 3.28 -0.69 16.70
CHA CLA VA . 5.37 1.93 17.56
CHB CLA VA . 0.67 1.52 16.62
CHC CLA VA . 1.66 -2.64 14.45
CHD CLA VA . 6.25 -2.47 15.80
NA CLA VA . 3.06 1.33 17.13
C1A CLA VA . 4.05 2.26 17.47
C2A CLA VA . 3.44 3.64 17.68
C3A CLA VA . 1.96 3.32 17.78
C4A CLA VA . 1.86 1.96 17.12
CMA CLA VA . 1.51 3.34 19.18
CAA CLA VA . 3.75 4.58 16.53
CBA CLA VA . 2.98 4.56 15.22
CGA CLA VA . 1.63 5.23 15.11
O1A CLA VA . 1.08 5.98 15.92
O2A CLA VA . 0.95 4.95 13.96
NB CLA VA . 1.55 -0.52 15.64
C1B CLA VA . 0.52 0.28 16.01
C2B CLA VA . -0.80 -0.35 15.73
C3B CLA VA . -0.53 -1.54 15.13
C4B CLA VA . 0.97 -1.63 15.01
CMB CLA VA . -2.09 0.29 16.02
CAB CLA VA . -1.49 -2.48 14.63
CBB CLA VA . -2.34 -2.26 13.64
NC CLA VA . 3.81 -2.36 15.55
C1C CLA VA . 2.97 -3.09 14.77
C2C CLA VA . 3.64 -4.23 14.13
C3C CLA VA . 4.98 -4.10 14.44
C4C CLA VA . 5.06 -2.94 15.31
CMC CLA VA . 3.07 -5.30 13.31
CAC CLA VA . 6.10 -4.99 14.06
CBC CLA VA . 6.89 -4.46 12.89
ND CLA VA . 5.28 -0.54 16.96
C1D CLA VA . 6.38 -1.34 16.54
C2D CLA VA . 7.65 -0.76 16.99
C3D CLA VA . 7.31 0.51 17.45
C4D CLA VA . 5.84 0.62 17.29
CMD CLA VA . 8.97 -1.39 16.88
CAD CLA VA . 7.77 1.76 17.98
OBD CLA VA . 8.89 2.09 18.38
CBD CLA VA . 6.57 2.75 17.93
CGD CLA VA . 6.38 3.45 19.24
O1D CLA VA . 5.64 3.07 20.18
O2D CLA VA . 7.09 4.59 19.39
CED CLA VA . 7.31 5.06 20.72
C1 CLA VA . 0.24 3.69 13.85
C2 CLA VA . -0.03 3.49 12.41
C3 CLA VA . -0.32 2.30 11.86
C4 CLA VA . -0.41 1.05 12.67
C5 CLA VA . -0.58 2.20 10.41
C6 CLA VA . 0.47 1.36 9.74
C7 CLA VA . 0.26 1.44 8.25
C8 CLA VA . 1.18 0.53 7.43
C9 CLA VA . 0.98 0.94 5.97
C10 CLA VA . 0.90 -0.95 7.70
C11 CLA VA . 1.61 -1.97 6.83
C12 CLA VA . 1.12 -3.39 6.97
C13 CLA VA . -0.33 -3.58 6.48
C14 CLA VA . -1.17 -4.19 7.57
C15 CLA VA . -0.29 -4.34 5.19
C16 CLA VA . -1.66 -4.57 4.60
C17 CLA VA . -2.00 -6.02 4.46
C18 CLA VA . -3.33 -6.20 3.76
C19 CLA VA . -3.97 -7.54 4.06
C20 CLA VA . -3.15 -6.11 2.26
MG CLA WA . -7.19 -3.75 12.78
CHA CLA WA . -6.69 -0.36 12.34
CHB CLA WA . -10.23 -3.01 14.23
CHC CLA WA . -8.23 -6.94 12.26
CHD CLA WA . -4.47 -4.33 10.59
NA CLA WA . -8.22 -2.01 13.25
C1A CLA WA . -7.83 -0.69 12.99
C2A CLA WA . -8.86 0.30 13.47
C3A CLA WA . -9.73 -0.57 14.40
C4A CLA WA . -9.40 -1.98 13.92
CMA CLA WA . -9.36 -0.48 15.86
CAA CLA WA . -9.67 0.85 12.30
CBA CLA WA . -9.88 -0.06 11.10
CGA CLA WA . -10.81 0.61 10.16
O1A CLA WA . -10.92 1.82 9.93
O2A CLA WA . -11.58 -0.29 9.49
NB CLA WA . -8.89 -4.77 13.19
C1B CLA WA . -9.99 -4.32 13.83
C2B CLA WA . -10.95 -5.43 14.07
C3B CLA WA . -10.39 -6.55 13.52
C4B CLA WA . -9.07 -6.14 12.95
CMB CLA WA . -12.25 -5.25 14.71
CAB CLA WA . -10.88 -7.90 13.46
CBB CLA WA . -10.19 -8.91 13.98
NC CLA WA . -6.43 -5.36 11.68
C1C CLA WA . -7.00 -6.60 11.66
C2C CLA WA . -6.19 -7.51 10.86
C3C CLA WA . -5.16 -6.74 10.33
C4C CLA WA . -5.31 -5.40 10.87
CMC CLA WA . -6.43 -8.92 10.59
CAC CLA WA . -4.07 -7.22 9.45
CBC CLA WA . -4.42 -7.13 7.99
ND CLA WA . -5.84 -2.68 11.73
C1D CLA WA . -4.70 -3.04 10.99
C2D CLA WA . -3.91 -1.82 10.70
C3D CLA WA . -4.65 -0.77 11.15
C4D CLA WA . -5.84 -1.35 11.77
CMD CLA WA . -2.62 -1.77 10.04
CAD CLA WA . -4.72 0.65 11.29
OBD CLA WA . -3.95 1.51 10.91
CBD CLA WA . -6.04 0.97 12.04
CGD CLA WA . -5.68 1.74 13.26
O1D CLA WA . -5.46 1.32 14.40
O2D CLA WA . -5.59 3.07 12.98
CED CLA WA . -4.34 3.74 13.12
C1 CLA WA . -12.72 0.19 8.78
C2 CLA WA . -12.22 0.68 7.47
C3 CLA WA . -12.01 -0.10 6.39
C4 CLA WA . -12.28 -1.56 6.42
C5 CLA WA . -11.51 0.52 5.13
C6 CLA WA . -10.06 0.13 4.85
C7 CLA WA . -9.77 -0.03 3.36
C8 CLA WA . -10.06 -1.34 2.60
C9 CLA WA . -11.55 -1.63 2.35
C10 CLA WA . -9.30 -2.49 3.28
C11 CLA WA . -9.41 -3.84 2.61
C12 CLA WA . -8.17 -4.70 2.50
C13 CLA WA . -7.74 -5.05 1.06
C14 CLA WA . -7.65 -6.56 1.00
C15 CLA WA . -6.46 -4.40 0.56
C16 CLA WA . -6.20 -2.91 0.86
C17 CLA WA . -4.73 -2.52 0.85
C18 CLA WA . -4.28 -1.73 2.10
C19 CLA WA . -4.89 -0.36 2.36
C20 CLA WA . -2.77 -1.72 2.22
MG CLA XA . -8.47 -22.35 16.95
CHA CLA XA . -10.38 -24.97 15.60
CHB CLA XA . -10.86 -20.16 15.91
CHC CLA XA . -7.23 -19.91 19.07
CHD CLA XA . -6.53 -24.75 18.62
NA CLA XA . -10.28 -22.55 15.93
C1A CLA XA . -10.90 -23.72 15.45
C2A CLA XA . -12.23 -23.40 14.77
C3A CLA XA . -12.23 -21.85 14.70
C4A CLA XA . -11.06 -21.47 15.59
CMA CLA XA . -12.01 -21.32 13.31
CAA CLA XA . -13.38 -23.96 15.62
CBA CLA XA . -13.59 -23.29 16.97
CGA CLA XA . -14.50 -24.14 17.81
O1A CLA XA . -15.29 -25.01 17.46
O2A CLA XA . -14.31 -23.89 19.14
NB CLA XA . -8.95 -20.44 17.40
C1B CLA XA . -9.85 -19.68 16.72
C2B CLA XA . -9.66 -18.23 17.02
C3B CLA XA . -8.63 -18.15 17.91
C4B CLA XA . -8.18 -19.54 18.18
CMB CLA XA . -10.54 -17.22 16.46
CAB CLA XA . -8.08 -16.99 18.57
CBB CLA XA . -7.84 -15.83 17.96
NC CLA XA . -7.10 -22.34 18.53
C1C CLA XA . -6.72 -21.22 19.26
C2C CLA XA . -5.74 -21.61 20.28
C3C CLA XA . -5.56 -22.98 20.16
C4C CLA XA . -6.41 -23.43 19.06
CMC CLA XA . -5.11 -20.73 21.27
CAC CLA XA . -4.67 -23.81 21.00
CBC CLA XA . -5.31 -24.36 22.26
ND CLA XA . -8.40 -24.36 17.10
C1D CLA XA . -7.45 -25.23 17.71
C2D CLA XA . -7.67 -26.61 17.22
C3D CLA XA . -8.78 -26.56 16.42
C4D CLA XA . -9.20 -25.15 16.39
CMD CLA XA . -6.89 -27.80 17.55
CAD CLA XA . -9.67 -27.32 15.56
OBD CLA XA . -9.63 -28.50 15.25
CBD CLA XA . -10.77 -26.33 15.08
CGD CLA XA . -10.96 -26.34 13.58
O1D CLA XA . -11.69 -27.08 12.92
O2D CLA XA . -10.24 -25.39 12.94
CED CLA XA . -9.87 -25.65 11.57
C1 CLA XA . -15.02 -24.74 20.06
C2 CLA XA . -14.74 -24.20 21.42
C3 CLA XA . -13.92 -24.73 22.34
C4 CLA XA . -13.76 -24.08 23.65
C5 CLA XA . -13.12 -25.97 22.12
MG CHL YA . -21.85 -30.13 22.25
CHA CHL YA . -19.25 -30.44 24.53
CHB CHL YA . -23.25 -32.93 23.69
CHC CHL YA . -24.91 -29.13 21.19
CHD CHL YA . -20.53 -27.05 21.21
NA CHL YA . -21.24 -31.53 23.68
C1A CHL YA . -20.13 -31.48 24.53
C2A CHL YA . -20.08 -32.75 25.41
C3A CHL YA . -21.12 -33.68 24.71
C4A CHL YA . -21.95 -32.66 23.96
CMA CHL YA . -20.50 -34.73 23.83
CAA CHL YA . -20.33 -32.36 26.87
CBA CHL YA . -20.69 -33.51 27.83
CGA CHL YA . -20.73 -33.11 29.28
O1A CHL YA . -21.13 -33.79 30.22
O2A CHL YA . -20.26 -31.86 29.54
NB CHL YA . -23.72 -30.90 22.39
C1B CHL YA . -24.09 -32.05 23.01
C2B CHL YA . -25.57 -32.25 22.91
C3B CHL YA . -26.06 -31.16 22.23
C4B CHL YA . -24.89 -30.30 21.87
CMB CHL YA . -26.26 -33.42 23.48
CAB CHL YA . -27.47 -30.91 22.00
CBB CHL YA . -28.14 -29.75 22.09
NC CHL YA . -22.58 -28.39 21.33
C1C CHL YA . -23.88 -28.20 20.95
C2C CHL YA . -24.07 -26.89 20.30
C3C CHL YA . -22.81 -26.31 20.30
C4C CHL YA . -21.89 -27.26 20.94
CMC CHL YA . -25.33 -26.35 19.72
OMC CHL YA . -25.33 -25.37 19.00
CAC CHL YA . -22.44 -24.99 19.73
CBC CHL YA . -22.62 -23.88 20.74
ND CHL YA . -20.26 -28.97 22.69
C1D CHL YA . -19.83 -27.74 22.15
C2D CHL YA . -18.60 -27.31 22.86
C3D CHL YA . -18.33 -28.31 23.77
C4D CHL YA . -19.40 -29.32 23.63
CMD CHL YA . -17.88 -26.07 22.58
CAD CHL YA . -17.43 -28.78 24.81
OBD CHL YA . -16.42 -28.25 25.26
CBD CHL YA . -18.00 -30.14 25.32
CGD CHL YA . -16.97 -31.21 25.18
O1D CHL YA . -16.83 -32.21 25.89
O2D CHL YA . -16.12 -30.98 24.14
CED CHL YA . -15.25 -32.03 23.76
MG CHL ZA . -15.37 -19.70 17.40
CHA CHL ZA . -17.19 -21.30 19.90
CHB CHL ZA . -14.76 -17.14 19.58
CHC CHL ZA . -14.34 -17.81 14.76
CHD CHL ZA . -16.48 -22.19 15.13
NA CHL ZA . -15.80 -19.36 19.42
C1A CHL ZA . -16.53 -20.18 20.31
C2A CHL ZA . -16.47 -19.67 21.74
C3A CHL ZA . -15.69 -18.35 21.60
C4A CHL ZA . -15.41 -18.25 20.09
CMA CHL ZA . -16.49 -17.18 22.15
CAA CHL ZA . -15.86 -20.68 22.72
CBA CHL ZA . -15.67 -20.23 24.16
CGA CHL ZA . -16.98 -19.88 24.85
O1A CHL ZA . -17.95 -19.25 24.44
O2A CHL ZA . -17.02 -20.33 26.14
NB CHL ZA . -14.67 -17.82 17.21
C1B CHL ZA . -14.47 -16.93 18.22
C2B CHL ZA . -13.94 -15.65 17.65
C3B CHL ZA . -13.84 -15.80 16.29
C4B CHL ZA . -14.28 -17.21 15.99
CMB CHL ZA . -13.66 -14.49 18.51
CAB CHL ZA . -13.24 -14.92 15.28
CBB CHL ZA . -12.27 -14.04 15.48
NC CHL ZA . -15.40 -19.97 15.31
C1C CHL ZA . -14.89 -19.07 14.41
C2C CHL ZA . -15.07 -19.55 13.01
C3C CHL ZA . -15.67 -20.80 13.15
C4C CHL ZA . -15.86 -21.06 14.58
CMC CHL ZA . -14.68 -18.94 11.73
OMC CHL ZA . -14.02 -17.92 11.62
CAC CHL ZA . -16.08 -21.71 12.07
CBC CHL ZA . -15.12 -22.81 11.68
ND CHL ZA . -16.53 -21.35 17.41
C1D CHL ZA . -16.87 -22.29 16.42
C2D CHL ZA . -17.77 -23.32 16.98
C3D CHL ZA . -17.90 -22.96 18.30
C4D CHL ZA . -17.12 -21.75 18.53
CMD CHL ZA . -18.30 -24.47 16.26
CAD CHL ZA . -18.51 -23.29 19.54
OBD CHL ZA . -19.20 -24.23 19.79
CBD CHL ZA . -18.10 -22.27 20.61
CGD CHL ZA . -19.29 -21.57 21.21
O1D CHL ZA . -19.62 -20.38 21.07
O2D CHL ZA . -20.10 -22.36 21.98
CED CHL ZA . -20.27 -22.04 23.36
C1 CHL ZA . -18.20 -21.04 26.60
C2 CHL ZA . -18.48 -20.53 27.97
C3 CHL ZA . -17.66 -20.78 28.99
C4 CHL ZA . -17.95 -20.26 30.35
MG CHL AB . -14.13 -15.95 8.98
CHA CHL AB . -13.97 -17.02 5.65
CHB CHL AB . -11.38 -13.97 8.34
CHC CHL AB . -14.73 -14.29 11.84
CHD CHL AB . -17.16 -17.72 9.36
NA CHL AB . -12.85 -15.69 7.35
C1A CHL AB . -12.94 -16.21 6.05
C2A CHL AB . -11.79 -15.73 5.16
C3A CHL AB . -10.82 -15.19 6.25
C4A CHL AB . -11.75 -14.91 7.41
CMA CHL AB . -9.76 -16.20 6.59
CAA CHL AB . -12.27 -14.69 4.15
CBA CHL AB . -11.19 -14.06 3.27
CGA CHL AB . -11.62 -12.73 2.74
O1A CHL AB . -12.61 -12.06 3.02
O2A CHL AB . -10.75 -12.23 1.82
NB CHL AB . -13.22 -14.41 9.92
C1B CHL AB . -12.11 -13.74 9.52
C2B CHL AB . -11.78 -12.68 10.53
C3B CHL AB . -12.70 -12.77 11.53
C4B CHL AB . -13.64 -13.87 11.14
CMB CHL AB . -10.63 -11.77 10.37
CAB CHL AB . -12.87 -11.82 12.60
CBB CHL AB . -14.01 -11.22 12.98
NC CHL AB . -15.69 -16.01 10.38
C1C CHL AB . -15.71 -15.24 11.50
C2C CHL AB . -16.91 -15.53 12.32
C3C CHL AB . -17.61 -16.49 11.60
C4C CHL AB . -16.83 -16.81 10.39
CMC CHL AB . -17.36 -14.88 13.59
OMC CHL AB . -16.91 -13.85 14.05
CAC CHL AB . -18.89 -17.10 12.06
CBC CHL AB . -20.09 -16.18 12.03
ND CHL AB . -15.32 -17.10 7.84
C1D CHL AB . -16.51 -17.79 8.15
C2D CHL AB . -16.96 -18.47 6.91
C3D CHL AB . -16.03 -18.23 5.93
C4D CHL AB . -15.03 -17.35 6.56
CMD CHL AB . -18.17 -19.26 6.88
CAD CHL AB . -15.63 -18.48 4.56
OBD CHL AB . -16.19 -19.13 3.68
CBD CHL AB . -14.31 -17.69 4.35
CGD CHL AB . -13.23 -18.61 3.91
O1D CHL AB . -12.68 -19.51 4.55
O2D CHL AB . -12.85 -18.38 2.63
CED CHL AB . -11.95 -19.30 2.03
C1 CHL AB . -9.54 -11.57 2.26
C2 CHL AB . -9.90 -10.31 2.95
C3 CHL AB . -9.00 -9.43 3.44
C4 CHL AB . -7.55 -9.69 3.29
C5 CHL AB . -9.53 -8.20 4.11
C6 CHL AB . -8.71 -7.57 5.24
MG CHL BB . -12.79 -8.22 29.27
CHA CHL BB . -10.00 -9.08 27.32
CHB CHL BB . -13.92 -11.40 28.84
CHC CHL BB . -15.36 -7.41 31.29
CHD CHL BB . -11.12 -5.20 30.13
NA CHL BB . -12.17 -9.84 28.11
C1A CHL BB . -10.99 -10.00 27.34
C2A CHL BB . -10.95 -11.36 26.65
C3A CHL BB . -12.37 -11.90 26.91
C4A CHL BB . -12.86 -11.00 28.05
CMA CHL BB . -13.18 -11.82 25.64
CAA CHL BB . -9.85 -12.28 27.19
CBA CHL BB . -9.73 -12.28 28.71
CGA CHL BB . -8.77 -13.35 29.12
NB CHL BB . -14.38 -9.24 29.96
C1B CHL BB . -14.67 -10.52 29.68
C2B CHL BB . -15.95 -10.87 30.40
C3B CHL BB . -16.39 -9.77 31.11
C4B CHL BB . -15.38 -8.69 30.79
CMB CHL BB . -16.51 -12.21 30.29
CAB CHL BB . -17.61 -9.57 31.90
CBB CHL BB . -18.78 -10.23 31.91
NC CHL BB . -13.18 -6.55 30.47
C1C CHL BB . -14.33 -6.42 31.23
C2C CHL BB . -14.31 -5.16 31.99
C3C CHL BB . -13.09 -4.54 31.65
C4C CHL BB . -12.39 -5.43 30.71
CMC CHL BB . -15.35 -4.59 32.91
OMC CHL BB . -16.45 -5.08 33.11
CAC CHL BB . -12.55 -3.25 32.09
CBC CHL BB . -11.39 -3.34 33.03
ND CHL BB . -11.02 -7.33 28.88
C1D CHL BB . -10.44 -6.11 29.34
C2D CHL BB . -9.15 -5.93 28.67
C3D CHL BB . -8.93 -7.04 27.91
C4D CHL BB . -10.12 -7.89 28.08
CMD CHL BB . -8.32 -4.79 28.80
CAD CHL BB . -7.99 -7.70 27.03
OBD CHL BB . -6.89 -7.33 26.65
CBD CHL BB . -8.65 -9.04 26.63
CGD CHL BB . -8.75 -9.10 25.14
O1D CHL BB . -8.13 -9.84 24.36
O2D CHL BB . -9.65 -8.21 24.64
CED CHL BB . -10.72 -8.73 23.86
NB KC2 CB . -16.17 -4.59 18.58
ND KC2 CB . -12.17 -4.54 18.53
C1A KC2 CB . -13.01 -1.75 19.54
C1B KC2 CB . -16.99 -3.56 18.91
C1C KC2 CB . -15.13 -7.31 17.67
C1D KC2 CB . -11.26 -5.55 18.18
C2A KC2 CB . -13.44 -0.36 20.02
C2B KC2 CB . -18.40 -4.01 18.79
C2C KC2 CB . -14.69 -8.62 17.26
C2D KC2 CB . -9.90 -5.04 18.20
C3A KC2 CB . -14.95 -0.38 19.81
C3B KC2 CB . -18.37 -5.32 18.37
C3C KC2 CB . -13.32 -8.67 17.36
C3D KC2 CB . -10.00 -3.75 18.67
C4A KC2 CB . -15.28 -1.82 19.44
C4B KC2 CB . -16.95 -5.70 18.21
C4C KC2 CB . -12.93 -7.32 17.77
C4D KC2 CB . -11.43 -3.50 18.88
CAA KC2 CB . -12.84 0.75 19.19
CAB KC2 CB . -19.43 -6.24 18.08
CAC KC2 CB . -12.57 -9.89 17.00
CAD KC2 CB . -9.31 -2.52 18.98
CBA KC2 CB . -11.79 1.53 19.94
CBB KC2 CB . -20.49 -6.01 17.32
CBC KC2 CB . -11.24 -9.88 17.00
CBD KC2 CB . -10.36 -1.51 19.50
CED KC2 CB . -8.48 0.01 22.30
CGA KC2 CB . -12.21 2.02 21.27
CGD KC2 CB . -10.04 -1.09 20.90
CHA KC2 CB . -11.71 -2.18 19.35
CHB KC2 CB . -16.58 -2.26 19.31
CHC KC2 CB . -16.50 -6.91 17.83
CHD KC2 CB . -11.63 -6.82 17.86
CMA KC2 CB . -15.71 0.22 20.95
CMB KC2 CB . -19.55 -3.17 19.07
CMC KC2 CB . -15.54 -9.72 16.83
CMD KC2 CB . -8.79 -5.86 17.74
NA KC2 CB . -14.13 -2.52 19.21
NC KC2 CB . -14.06 -6.51 17.92
O1A KC2 CB . -12.45 1.39 22.29
O1D KC2 CB . -10.69 -1.28 21.92
O2A KC2 CB . -12.34 3.37 21.33
O2D KC2 CB . -8.87 -0.42 21.00
OBD KC2 CB . -8.12 -2.26 18.88
MG KC2 CB . -14.16 -4.50 18.51
MG CLA DB . -1.23 -9.92 28.79
CHA CLA DB . -2.23 -8.71 31.93
CHB CLA DB . 1.92 -10.33 30.16
CHC CLA DB . -0.51 -12.32 26.46
CHD CLA DB . -4.68 -10.46 28.11
NA CLA DB . -0.34 -9.51 30.66
C1A CLA DB . -0.91 -8.98 31.80
C2A CLA DB . 0.13 -8.83 32.89
C3A CLA DB . 1.43 -8.83 32.09
C4A CLA DB . 0.99 -9.66 30.92
CMA CLA DB . 1.86 -7.44 31.71
CAA CLA DB . -0.14 -9.98 33.82
CBA CLA DB . 1.01 -10.72 34.43
CGA CLA DB . 1.25 -11.96 33.62
O1A CLA DB . 0.60 -13.00 33.71
O2A CLA DB . 2.24 -11.94 32.69
NB CLA DB . 0.37 -11.11 28.41
C1B CLA DB . 1.59 -11.05 29.00
C2B CLA DB . 2.62 -11.79 28.22
C3B CLA DB . 1.96 -12.38 27.16
C4B CLA DB . 0.52 -11.95 27.28
CMB CLA DB . 4.02 -11.82 28.64
CAB CLA DB . 2.43 -13.26 26.11
CBB CLA DB . 3.50 -14.06 26.03
NC CLA DB . -2.37 -11.03 27.42
C1C CLA DB . -1.86 -11.88 26.48
C2C CLA DB . -2.91 -12.42 25.62
C3C CLA DB . -4.11 -11.99 26.19
C4C CLA DB . -3.76 -11.11 27.30
CMC CLA DB . -2.77 -13.32 24.48
CAC CLA DB . -5.48 -12.26 25.68
CBC CLA DB . -6.14 -13.45 26.33
ND CLA DB . -3.04 -9.52 29.64
C1D CLA DB . -4.38 -9.73 29.22
C2D CLA DB . -5.32 -9.09 30.18
C3D CLA DB . -4.54 -8.70 31.26
C4D CLA DB . -3.14 -9.05 30.89
CMD CLA DB . -6.77 -8.97 30.03
CAD CLA DB . -4.49 -8.11 32.57
OBD CLA DB . -5.36 -7.66 33.29
CBD CLA DB . -3.04 -8.16 33.08
CGD CLA DB . -2.74 -6.75 33.49
O1D CLA DB . -3.37 -5.77 33.13
O2D CLA DB . -1.69 -6.58 34.35
CED CLA DB . -1.26 -5.24 34.63
C1 CLA DB . 3.04 -13.12 32.54
C2 CLA DB . 2.48 -13.93 31.42
C3 CLA DB . 2.77 -15.24 31.19
C4 CLA DB . 3.69 -16.00 32.09
C5 CLA DB . 2.14 -15.93 30.02
C6 CLA DB . 1.68 -17.37 30.27
C7 CLA DB . 0.89 -17.89 29.10
C8 CLA DB . 0.83 -19.41 29.14
C9 CLA DB . 1.98 -20.03 28.37
C10 CLA DB . -0.46 -19.93 28.55
C11 CLA DB . -1.61 -19.79 29.53
C12 CLA DB . -2.02 -21.13 30.12
C13 CLA DB . -3.12 -21.02 31.18
C14 CLA DB . -3.39 -22.38 31.79
C15 CLA DB . -4.46 -20.45 30.71
C16 CLA DB . -5.03 -19.42 31.68
C17 CLA DB . -6.16 -18.60 31.10
C18 CLA DB . -6.23 -17.26 31.82
C19 CLA DB . -7.65 -16.73 31.82
MG CLA EB . 14.61 -9.53 21.59
CHA CLA EB . 13.29 -10.13 24.75
CHB CLA EB . 17.59 -8.72 23.05
CHC CLA EB . 16.15 -9.67 18.54
CHD CLA EB . 11.74 -11.05 20.18
NA CLA EB . 15.30 -9.44 23.57
C1A CLA EB . 14.62 -9.74 24.76
C2A CLA EB . 15.52 -9.54 26.00
C3A CLA EB . 16.82 -8.94 25.38
C4A CLA EB . 16.56 -9.04 23.88
CMA CLA EB . 17.07 -7.58 25.96
CAA CLA EB . 15.69 -10.83 26.83
CBA CLA EB . 17.10 -11.39 26.99
CGA CLA EB . 17.10 -12.52 27.95
O1A CLA EB . 16.90 -12.47 29.17
O2A CLA EB . 17.40 -13.75 27.43
NB CLA EB . 16.52 -9.37 20.95
C1B CLA EB . 17.51 -8.78 21.66
C2B CLA EB . 18.52 -8.15 20.77
C3B CLA EB . 18.12 -8.42 19.49
C4B CLA EB . 16.85 -9.18 19.59
CMB CLA EB . 19.71 -7.47 21.26
CAB CLA EB . 18.72 -8.07 18.23
CBB CLA EB . 19.00 -6.82 17.88
NC CLA EB . 14.04 -10.23 19.70
C1C CLA EB . 14.82 -10.17 18.57
C2C CLA EB . 14.11 -10.72 17.42
C3C CLA EB . 12.86 -11.11 17.90
C4C CLA EB . 12.82 -10.79 19.32
CMC CLA EB . 14.58 -10.86 16.03
CAC CLA EB . 11.77 -11.73 17.12
CBC CLA EB . 11.86 -13.23 17.13
ND CLA EB . 12.86 -10.33 22.23
C1D CLA EB . 11.73 -10.84 21.54
C2D CLA EB . 10.64 -11.08 22.52
C3D CLA EB . 11.18 -10.79 23.76
C4D CLA EB . 12.58 -10.37 23.53
CMD CLA EB . 9.30 -11.55 22.20
CAD CLA EB . 10.95 -10.73 25.19
OBD CLA EB . 9.90 -10.92 25.80
CBD CLA EB . 12.31 -10.38 25.88
CGD CLA EB . 12.18 -9.19 26.80
O1D CLA EB . 11.34 -8.30 26.76
O2D CLA EB . 13.06 -9.14 27.85
CED CLA EB . 13.30 -7.86 28.44
C1 CLA EB . 16.72 -14.28 26.27
C2 CLA EB . 15.87 -15.36 26.73
C3 CLA EB . 15.55 -16.39 25.94
C4 CLA EB . 16.02 -16.60 24.53
C5 CLA EB . 14.68 -17.43 26.52
C6 CLA EB . 13.31 -17.44 25.87
C7 CLA EB . 12.78 -18.84 25.68
C8 CLA EB . 11.62 -19.22 26.61
C9 CLA EB . 12.23 -20.10 27.70
C10 CLA EB . 10.39 -19.95 26.05
C11 CLA EB . 9.80 -19.44 24.75
C12 CLA EB . 8.96 -20.46 24.02
C13 CLA EB . 8.74 -20.08 22.55
C14 CLA EB . 7.83 -21.11 21.94
C15 CLA EB . 9.91 -20.00 21.56
MG CLA FB . 7.61 -15.94 23.97
CHA CLA FB . 9.41 -14.96 26.83
CHB CLA FB . 5.10 -17.02 25.96
CHC CLA FB . 6.18 -17.59 21.28
CHD CLA FB . 10.51 -15.40 22.04
NA CLA FB . 7.31 -15.91 26.05
C1A CLA FB . 8.15 -15.45 27.08
C2A CLA FB . 7.47 -15.60 28.46
C3A CLA FB . 6.05 -16.08 28.09
C4A CLA FB . 6.14 -16.36 26.59
CMA CLA FB . 5.72 -17.34 28.84
CAA CLA FB . 7.39 -14.25 29.19
CBA CLA FB . 6.69 -14.15 30.53
CGA CLA FB . 7.64 -14.17 31.71
O1A CLA FB . 8.68 -13.52 31.87
O2A CLA FB . 7.26 -14.99 32.73
NB CLA FB . 5.93 -16.99 23.66
C1B CLA FB . 5.07 -17.40 24.62
C2B CLA FB . 4.06 -18.35 24.07
C3B CLA FB . 4.35 -18.51 22.74
C4B CLA FB . 5.54 -17.65 22.47
CMB CLA FB . 3.02 -18.97 24.87
CAB CLA FB . 3.68 -19.36 21.75
CBB CLA FB . 4.17 -20.41 21.11
NC CLA FB . 8.21 -16.34 22.00
C1C CLA FB . 7.44 -16.96 21.04
C2C CLA FB . 8.15 -17.00 19.77
C3C CLA FB . 9.42 -16.46 20.01
C4C CLA FB . 9.43 -16.02 21.40
CMC CLA FB . 7.71 -17.59 18.51
CAC CLA FB . 10.49 -16.31 19.01
CBC CLA FB . 11.36 -17.53 18.88
ND CLA FB . 9.52 -15.35 24.29
C1D CLA FB . 10.58 -15.07 23.38
C2D CLA FB . 11.71 -14.46 24.12
C3D CLA FB . 11.33 -14.41 25.43
C4D CLA FB . 9.96 -14.97 25.49
CMD CLA FB . 12.99 -14.05 23.54
CAD CLA FB . 11.73 -14.07 26.77
OBD CLA FB . 12.81 -13.64 27.18
CBD CLA FB . 10.53 -14.36 27.71
CGD CLA FB . 10.92 -15.23 28.88
O1D CLA FB . 10.34 -15.34 29.96
O2D CLA FB . 12.07 -15.95 28.74
CED CLA FB . 12.36 -16.91 29.76
C1 CLA FB . 7.64 -16.38 32.62
C2 CLA FB . 7.09 -17.12 33.80
C3 CLA FB . 6.68 -18.40 33.82
C4 CLA FB . 6.15 -18.98 35.09
C5 CLA FB . 6.67 -19.34 32.67
C6 CLA FB . 5.25 -19.52 32.14
C7 CLA FB . 4.86 -20.97 31.96
C8 CLA FB . 5.65 -21.81 30.93
C9 CLA FB . 5.76 -21.11 29.58
C10 CLA FB . 5.02 -23.23 30.91
C11 CLA FB . 5.08 -24.08 29.63
C12 CLA FB . 4.13 -25.28 29.61
C13 CLA FB . 3.57 -25.57 28.22
C14 CLA FB . 2.52 -24.60 27.67
C15 CLA FB . 2.95 -26.97 28.21
MG CLA GB . 7.18 -15.48 5.45
CHA CLA GB . 7.92 -17.72 2.88
CHB CLA GB . 8.96 -17.42 7.61
CHC CLA GB . 7.24 -12.89 7.71
CHD CLA GB . 5.87 -13.26 3.03
NA CLA GB . 8.23 -17.28 5.26
C1A CLA GB . 8.44 -18.06 4.10
C2A CLA GB . 9.29 -19.30 4.40
C3A CLA GB . 9.39 -19.26 5.96
C4A CLA GB . 8.83 -17.89 6.33
CMA CLA GB . 8.63 -20.39 6.62
CAA CLA GB . 10.67 -19.35 3.71
CBA CLA GB . 11.28 -18.15 3.00
CGA CLA GB . 11.50 -17.01 3.93
O1A CLA GB . 11.42 -17.09 5.13
O2A CLA GB . 11.73 -15.80 3.38
NB CLA GB . 7.95 -15.22 7.29
C1B CLA GB . 8.51 -16.17 8.06
C2B CLA GB . 8.61 -15.70 9.48
C3B CLA GB . 8.12 -14.42 9.52
C4B CLA GB . 7.73 -14.09 8.12
CMB CLA GB . 9.19 -16.54 10.52
CAB CLA GB . 8.04 -13.47 10.61
CBB CLA GB . 7.73 -13.71 11.89
NC CLA GB . 6.66 -13.45 5.38
C1C CLA GB . 6.75 -12.57 6.42
C2C CLA GB . 6.25 -11.25 6.02
C3C CLA GB . 5.87 -11.37 4.68
C4C CLA GB . 6.13 -12.74 4.30
CMC CLA GB . 6.14 -10.04 6.83
CAC CLA GB . 5.28 -10.32 3.83
CBC CLA GB . 6.32 -9.53 3.09
ND CLA GB . 6.95 -15.42 3.43
C1D CLA GB . 6.27 -14.50 2.59
C2D CLA GB . 6.08 -15.09 1.26
C3D CLA GB . 6.71 -16.32 1.31
C4D CLA GB . 7.26 -16.47 2.67
CMD CLA GB . 5.35 -14.47 0.15
CAD CLA GB . 7.00 -17.56 0.60
OBD CLA GB . 6.68 -17.91 -0.54
CBD CLA GB . 7.85 -18.46 1.56
CGD CLA GB . 7.30 -19.83 1.73
O1D CLA GB . 6.35 -20.17 2.44
O2D CLA GB . 7.97 -20.79 1.03
CED CLA GB . 8.19 -22.05 1.67
C1 CLA GB . 10.58 -14.95 3.47
C2 CLA GB . 10.86 -13.78 4.35
C3 CLA GB . 10.38 -12.53 4.19
C4 CLA GB . 9.50 -12.19 3.02
C5 CLA GB . 10.82 -11.55 5.25
C6 CLA GB . 10.11 -10.20 5.30
C7 CLA GB . 10.71 -9.19 6.27
C8 CLA GB . 10.61 -7.74 5.79
C9 CLA GB . 9.19 -7.34 5.40
C10 CLA GB . 11.56 -7.42 4.62
MG CLA HB . 15.24 -20.10 7.28
CHA CLA HB . 15.88 -17.36 5.29
CHB CLA HB . 18.16 -21.53 6.16
CHC CLA HB . 15.06 -22.47 9.74
CHD CLA HB . 12.77 -18.21 8.95
NA CLA HB . 16.72 -19.54 5.93
C1A CLA HB . 16.79 -18.36 5.17
C2A CLA HB . 18.05 -18.34 4.32
C3A CLA HB . 18.59 -19.78 4.42
C4A CLA HB . 17.79 -20.34 5.60
CMA CLA HB . 18.38 -20.58 3.16
CAA CLA HB . 19.09 -17.36 4.85
CBA CLA HB . 19.53 -17.48 6.32
CGA CLA HB . 19.84 -16.10 6.83
O1A CLA HB . 20.47 -15.21 6.27
O2A CLA HB . 19.36 -15.84 8.10
NB CLA HB . 16.33 -21.74 7.77
C1B CLA HB . 17.50 -22.14 7.23
C2B CLA HB . 18.02 -23.36 7.91
C3B CLA HB . 17.14 -23.63 8.92
C4B CLA HB . 16.06 -22.60 8.85
CMB CLA HB . 19.31 -23.95 7.53
CAB CLA HB . 17.17 -24.66 9.94
CBB CLA HB . 17.55 -25.93 9.74
NC CLA HB . 14.09 -20.31 9.02
C1C CLA HB . 14.13 -21.39 9.85
C2C CLA HB . 13.13 -21.21 10.91
C3C CLA HB . 12.52 -19.98 10.72
C4C CLA HB . 13.11 -19.44 9.50
CMC CLA HB . 12.86 -22.09 12.03
CAC CLA HB . 11.44 -19.40 11.53
CBC CLA HB . 11.92 -18.47 12.59
ND CLA HB . 14.53 -18.20 7.26
C1D CLA HB . 13.44 -17.58 7.94
C2D CLA HB . 13.16 -16.26 7.33
C3D CLA HB . 14.04 -16.16 6.26
C4D CLA HB . 14.87 -17.37 6.29
CMD CLA HB . 12.10 -15.35 7.75
CAD CLA HB . 14.50 -15.33 5.16
OBD CLA HB . 14.08 -14.26 4.76
CBD CLA HB . 15.70 -16.08 4.50
CGD CLA HB . 15.49 -16.39 3.05
O1D CLA HB . 15.42 -17.50 2.51
O2D CLA HB . 15.38 -15.29 2.25
CED CLA HB . 15.27 -15.49 0.84
C1 CLA HB . 17.95 -15.61 8.31
C2 CLA HB . 17.59 -16.41 9.50
C3 CLA HB . 16.33 -16.55 9.93
MG CHL IB . -7.42 -32.36 22.86
CHA CHL IB . -4.80 -30.48 21.54
CHB CHL IB . -5.14 -34.82 23.60
CHC CHL IB . -9.51 -33.46 25.31
CHD CHL IB . -9.58 -29.61 22.29
NA CHL IB . -5.38 -32.63 22.50
C1A CHL IB . -4.45 -31.72 21.97
C2A CHL IB . -3.03 -32.28 22.03
C3A CHL IB . -3.28 -33.78 22.31
C4A CHL IB . -4.71 -33.78 22.83
CMA CHL IB . -3.08 -34.66 21.10
CAA CHL IB . -2.18 -31.57 23.07
CBA CHL IB . -2.92 -31.21 24.36
CGA CHL IB . -1.93 -30.91 25.45
O1A CHL IB . -2.15 -30.78 26.66
NB CHL IB . -7.34 -33.88 24.20
C1B CHL IB . -6.35 -34.79 24.34
C2B CHL IB . -6.67 -35.74 25.45
C3B CHL IB . -7.91 -35.39 25.94
C4B CHL IB . -8.34 -34.17 25.15
CMB CHL IB . -5.77 -36.83 25.82
CAB CHL IB . -8.53 -35.96 27.13
CBB CHL IB . -9.09 -35.27 28.14
NC CHL IB . -9.23 -31.67 23.64
C1C CHL IB . -9.94 -32.28 24.64
C2C CHL IB . -11.18 -31.54 24.96
C3C CHL IB . -11.19 -30.44 24.08
C4C CHL IB . -9.98 -30.55 23.25
CMC CHL IB . -12.24 -31.84 25.95
OMC CHL IB . -12.29 -32.86 26.61
CAC CHL IB . -12.20 -29.37 23.95
CBC CHL IB . -11.78 -28.09 24.62
ND CHL IB . -7.29 -30.50 22.10
C1D CHL IB . -8.27 -29.50 21.89
C2D CHL IB . -7.62 -28.30 21.31
C3D CHL IB . -6.29 -28.63 21.15
C4D CHL IB . -6.14 -30.00 21.66
CMD CHL IB . -8.29 -27.06 20.96
CAD CHL IB . -4.99 -28.18 20.70
OBD CHL IB . -4.65 -27.12 20.21
CBD CHL IB . -4.00 -29.36 20.91
CGD CHL IB . -3.44 -29.77 19.58
O1D CHL IB . -3.34 -30.90 19.10
O2D CHL IB . -3.06 -28.73 18.79
CED CHL IB . -1.70 -28.73 18.37
C18 Q6L JB . 2.80 -16.47 19.81
C19 Q6L JB . 2.44 -16.19 21.18
C03 Q6L JB . 5.81 -18.54 11.27
C05 Q6L JB . 4.70 -20.53 9.97
C07 Q6L JB . 5.38 -18.36 8.80
C09 Q6L JB . 3.68 -19.69 12.03
C10 Q6L JB . 5.85 -20.93 12.15
C11 Q6L JB . 6.34 -18.06 12.57
C13 Q6L JB . 5.99 -16.73 14.70
C14 Q6L JB . 4.96 -16.50 15.56
C22 Q6L JB . -0.06 -16.77 23.82
C27 Q6L JB . -2.10 -15.49 28.19
C28 Q6L JB . -3.54 -15.88 28.00
C30 Q6L JB . -1.63 -15.63 30.86
C31 Q6L JB . -1.47 -14.86 32.15
C33 Q6L JB . -3.61 -13.63 32.84
C36 Q6L JB . -1.57 -15.76 33.42
O08 Q6L JB . 5.03 -20.43 7.57
O39 Q6L JB . -4.50 -14.02 35.05
C01 Q6L JB . 5.26 -16.27 10.16
C02 Q6L JB . 5.66 -17.75 10.15
C04 Q6L JB . 5.04 -19.89 11.33
C06 Q6L JB . 5.48 -19.90 8.80
C12 Q6L JB . 5.63 -17.29 13.41
C15 Q6L JB . 4.97 -15.97 16.89
C16 Q6L JB . 3.89 -16.19 17.68
C17 Q6L JB . 3.66 -15.75 19.06
C20 Q6L JB . 1.31 -16.65 21.73
C21 Q6L JB . 0.99 -16.35 23.09
C23 Q6L JB . -1.14 -17.69 23.34
C24 Q6L JB . -0.15 -16.27 25.20
C25 Q6L JB . -1.27 -16.08 25.92
C26 Q6L JB . -1.13 -15.59 27.26
C29 Q6L JB . -1.68 -14.93 29.51
C32 Q6L JB . -2.43 -13.63 32.17
C34 Q6L JB . -3.80 -14.64 33.99
C35 Q6L JB . -2.46 -15.15 34.53
C37 Q6L JB . -0.18 -16.04 34.01
C38 Q6L JB . -2.19 -17.12 33.05
C40 Q6L JB . -2.09 -12.38 31.50
C41 Q6L JB . 4.40 -14.53 19.55
C42 Q6L JB . 7.43 -16.44 14.96
C18 Q6L KB . -1.61 -5.80 12.28
C19 Q6L KB . -2.41 -6.99 12.32
C03 Q6L KB . 5.49 0.19 12.36
C05 Q6L KB . 7.68 1.62 12.45
C07 Q6L KB . 5.64 2.24 13.86
C09 Q6L KB . 7.10 0.38 10.42
C10 Q6L KB . 7.83 -0.83 12.47
C11 Q6L KB . 4.86 -1.09 11.97
C13 Q6L KB . 3.20 -2.51 10.80
C14 Q6L KB . 1.90 -2.71 11.10
C22 Q6L KB . -5.01 -8.94 14.02
C27 Q6L KB . -7.70 -13.19 14.09
C28 Q6L KB . -8.44 -13.12 15.38
C30 Q6L KB . -8.51 -15.73 13.57
C31 Q6L KB . -8.42 -16.94 12.66
C33 Q6L KB . -8.38 -19.48 13.08
C36 Q6L KB . -9.68 -17.14 11.77
O08 Q6L KB . 7.82 3.31 14.18
O39 Q6L KB . -8.90 -20.77 11.11
C01 Q6L KB . 3.38 1.21 13.39
C02 Q6L KB . 4.90 1.12 13.18
C04 Q6L KB . 6.98 0.35 11.94
C06 Q6L KB . 7.18 2.10 13.81
C12 Q6L KB . 3.80 -1.24 11.15
C15 Q6L KB . 1.20 -3.94 10.85
C16 Q6L KB . 0.07 -4.26 11.51
C17 Q6L KB . -0.67 -5.51 11.36
C20 Q6L KB . -3.29 -7.26 13.29
C21 Q6L KB . -4.03 -8.49 13.21
C23 Q6L KB . -5.53 -8.23 15.23
C24 Q6L KB . -5.57 -10.25 13.66
C25 Q6L KB . -6.56 -10.96 14.22
C26 Q6L KB . -6.89 -12.22 13.61
C29 Q6L KB . -7.85 -14.41 13.23
C32 Q6L KB . -7.99 -18.23 13.42
C34 Q6L KB . -9.38 -19.73 11.93
C35 Q6L KB . -9.66 -18.50 11.03
C37 Q6L KB . -9.78 -16.03 10.72
C38 Q6L KB . -10.97 -17.11 12.60
C40 Q6L KB . -7.16 -18.15 14.63
C41 Q6L KB . -0.29 -6.42 10.23
C42 Q6L KB . 4.08 -3.54 10.15
C1 NEX LB . -25.39 -10.73 35.78
C2 NEX LB . -25.37 -9.21 36.00
C3 NEX LB . -24.42 -8.77 37.09
C4 NEX LB . -23.03 -9.26 36.74
C5 NEX LB . -22.91 -10.78 36.69
C6 NEX LB . -23.97 -11.25 35.69
C7 NEX LB . -23.63 -12.05 34.78
C8 NEX LB . -23.25 -12.84 33.89
C9 NEX LB . -22.51 -12.32 32.72
C10 NEX LB . -21.94 -13.28 31.92
C11 NEX LB . -21.13 -12.97 30.75
C12 NEX LB . -20.48 -13.85 29.98
C13 NEX LB . -19.59 -13.40 28.85
C14 NEX LB . -18.70 -14.31 28.43
C15 NEX LB . -17.70 -14.08 27.39
C16 NEX LB . -26.22 -10.99 34.51
C17 NEX LB . -26.14 -11.43 36.92
C18 NEX LB . -21.45 -11.11 36.36
C19 NEX LB . -22.45 -10.80 32.58
C20 NEX LB . -19.65 -11.98 28.28
O3 NEX LB . -24.41 -7.33 37.17
O4 NEX LB . -23.21 -11.35 37.96
C21 NEX LB . -9.92 -20.94 22.55
C22 NEX LB . -9.29 -21.97 21.65
C23 NEX LB . -10.21 -23.04 21.09
C24 NEX LB . -11.18 -22.38 20.14
C25 NEX LB . -11.76 -21.04 20.60
C26 NEX LB . -11.06 -20.27 21.76
C27 NEX LB . -10.90 -18.80 21.39
C28 NEX LB . -11.60 -17.95 22.10
C29 NEX LB . -11.66 -16.45 21.93
C30 NEX LB . -12.43 -15.59 22.68
C31 NEX LB . -13.30 -16.01 23.77
C32 NEX LB . -14.05 -15.18 24.50
C33 NEX LB . -14.96 -15.65 25.60
C34 NEX LB . -15.89 -14.77 26.01
C35 NEX LB . -16.90 -15.04 27.05
C36 NEX LB . -8.82 -19.96 22.95
C37 NEX LB . -10.41 -21.57 23.85
C38 NEX LB . -12.30 -20.21 19.43
C39 NEX LB . -10.83 -15.87 20.83
C40 NEX LB . -14.89 -17.06 26.17
O23 NEX LB . -9.43 -23.99 20.36
O24 NEX LB . -12.37 -20.85 21.89
C01 IWJ MB . 0.96 -23.42 18.96
C02 IWJ MB . 1.26 -24.78 19.47
C03 IWJ MB . 2.14 -25.48 18.73
C04 IWJ MB . 2.53 -26.94 19.09
C05 IWJ MB . 1.49 -27.62 20.00
C06 IWJ MB . 0.95 -26.74 21.13
C07 IWJ MB . 0.45 -25.34 20.64
C08 IWJ MB . 0.32 -24.35 21.79
C09 IWJ MB . -0.78 -23.61 22.04
C10 IWJ MB . -0.96 -22.62 23.18
C11 IWJ MB . -2.16 -22.03 23.33
C12 IWJ MB . -2.53 -21.07 24.34
C13 IWJ MB . -3.82 -20.69 24.49
C14 IWJ MB . -4.37 -19.73 25.47
C15 IWJ MB . -5.71 -19.60 25.52
C16 IWJ MB . -6.46 -18.76 26.41
C17 IWJ MB . -7.70 -18.33 26.12
C18 IWJ MB . -8.42 -17.51 27.06
C19 IWJ MB . -9.69 -17.09 26.97
C20 IWJ MB . -10.62 -17.40 25.84
C21 IWJ MB . -10.21 -16.28 28.09
C22 IWJ MB . -11.48 -16.30 28.54
C23 IWJ MB . -11.93 -15.50 29.65
C24 IWJ MB . -13.13 -15.64 30.25
C25 IWJ MB . -14.17 -16.63 29.82
C26 IWJ MB . -13.45 -14.77 31.38
C28 IWJ MB . -12.37 -13.92 32.04
C29 IWJ MB . -12.38 -14.17 33.55
C30 IWJ MB . -11.00 -14.24 34.02
C31 IWJ MB . -9.92 -14.27 33.24
C32 IWJ MB . -11.01 -14.51 35.55
C33 IWJ MB . -11.82 -13.50 36.35
C34 IWJ MB . -12.39 -12.44 35.41
C35 IWJ MB . -13.16 -13.06 34.24
C36 IWJ MB . -13.49 -11.90 33.30
C37 IWJ MB . -14.51 -13.61 34.79
C40 IWJ MB . -3.41 -18.98 26.33
C41 IWJ MB . 0.22 -22.34 24.07
C42 IWJ MB . -0.19 -27.49 21.84
C43 IWJ MB . 2.09 -26.55 22.15
O27 IWJ MB . -14.59 -14.76 31.83
O38 IWJ MB . -11.03 -12.90 37.37
O39 IWJ MB . -13.00 -15.39 33.81
O44 IWJ MB . 2.75 -27.72 17.92
C18 Q6L NB . 15.67 -12.09 6.36
C19 Q6L NB . 15.14 -11.45 7.53
C03 Q6L NB . 18.88 -16.61 -0.87
C05 Q6L NB . 18.30 -18.97 -1.95
C07 Q6L NB . 17.77 -16.76 -3.08
C09 Q6L NB . 17.62 -18.45 0.36
C10 Q6L NB . 19.98 -18.69 -0.19
C11 Q6L NB . 19.61 -15.97 0.25
C13 Q6L NB . 19.41 -14.36 2.23
C14 Q6L NB . 18.38 -13.81 2.91
C22 Q6L NB . 12.21 -11.05 9.69
C27 Q6L NB . 10.33 -8.88 13.39
C28 Q6L NB . 9.44 -10.10 13.45
C30 Q6L NB . 10.63 -8.46 16.03
C31 Q6L NB . 11.44 -7.67 17.04
C33 Q6L NB . 12.33 -5.45 16.15
C36 Q6L NB . 10.55 -6.89 18.04
O08 Q6L NB . 17.62 -18.88 -4.27
O39 Q6L NB . 11.26 -3.43 16.94
C01 Q6L NB . 18.85 -14.57 -2.47
C02 Q6L NB . 18.42 -15.97 -1.98
C04 Q6L NB . 18.66 -18.13 -0.72
C06 Q6L NB . 18.33 -18.18 -3.27
C12 Q6L NB . 18.98 -15.11 1.06
C15 Q6L NB . 18.39 -13.03 4.10
C16 Q6L NB . 17.20 -12.72 4.64
C17 Q6L NB . 16.92 -11.96 5.86
C20 Q6L NB . 13.91 -11.72 7.99
C21 Q6L NB . 13.45 -11.05 9.17
C23 Q6L NB . 11.04 -11.79 9.10
C24 Q6L NB . 12.00 -10.27 10.92
C25 Q6L NB . 11.17 -9.22 11.07
C26 Q6L NB . 11.07 -8.53 12.32
C29 Q6L NB . 10.39 -8.01 14.60
C32 Q6L NB . 12.51 -6.78 16.35
C34 Q6L NB . 11.00 -4.77 16.51
C35 Q6L NB . 10.17 -5.46 17.60
C37 Q6L NB . 11.26 -6.80 19.41
C38 Q6L NB . 9.24 -7.67 18.26
C40 Q6L NB . 13.90 -7.27 16.14
C41 Q6L NB . 17.99 -11.12 6.45
C42 Q6L NB . 20.86 -14.25 2.57
#